data_3LR0
# 
_entry.id   3LR0 
# 
_audit_conform.dict_name       mmcif_pdbx.dic 
_audit_conform.dict_version    5.387 
_audit_conform.dict_location   http://mmcif.pdb.org/dictionaries/ascii/mmcif_pdbx.dic 
# 
loop_
_database_2.database_id 
_database_2.database_code 
_database_2.pdbx_database_accession 
_database_2.pdbx_DOI 
PDB   3LR0         pdb_00003lr0 10.2210/pdb3lr0/pdb 
RCSB  RCSB057621   ?            ?                   
WWPDB D_1000057621 ?            ?                   
# 
loop_
_pdbx_audit_revision_history.ordinal 
_pdbx_audit_revision_history.data_content_type 
_pdbx_audit_revision_history.major_revision 
_pdbx_audit_revision_history.minor_revision 
_pdbx_audit_revision_history.revision_date 
1 'Structure model' 1 0 2010-06-16 
2 'Structure model' 1 1 2011-07-13 
3 'Structure model' 1 2 2024-02-21 
# 
_pdbx_audit_revision_details.ordinal             1 
_pdbx_audit_revision_details.revision_ordinal    1 
_pdbx_audit_revision_details.data_content_type   'Structure model' 
_pdbx_audit_revision_details.provider            repository 
_pdbx_audit_revision_details.type                'Initial release' 
_pdbx_audit_revision_details.description         ? 
_pdbx_audit_revision_details.details             ? 
# 
loop_
_pdbx_audit_revision_group.ordinal 
_pdbx_audit_revision_group.revision_ordinal 
_pdbx_audit_revision_group.data_content_type 
_pdbx_audit_revision_group.group 
1 2 'Structure model' Advisory                    
2 2 'Structure model' 'Refinement description'    
3 2 'Structure model' 'Version format compliance' 
4 3 'Structure model' 'Data collection'           
5 3 'Structure model' 'Database references'       
6 3 'Structure model' 'Derived calculations'      
# 
loop_
_pdbx_audit_revision_category.ordinal 
_pdbx_audit_revision_category.revision_ordinal 
_pdbx_audit_revision_category.data_content_type 
_pdbx_audit_revision_category.category 
1 3 'Structure model' chem_comp_atom               
2 3 'Structure model' chem_comp_bond               
3 3 'Structure model' database_2                   
4 3 'Structure model' pdbx_struct_special_symmetry 
5 3 'Structure model' struct_ref_seq_dif           
6 3 'Structure model' struct_site                  
# 
loop_
_pdbx_audit_revision_item.ordinal 
_pdbx_audit_revision_item.revision_ordinal 
_pdbx_audit_revision_item.data_content_type 
_pdbx_audit_revision_item.item 
1 3 'Structure model' '_database_2.pdbx_DOI'                
2 3 'Structure model' '_database_2.pdbx_database_accession' 
3 3 'Structure model' '_struct_ref_seq_dif.details'         
4 3 'Structure model' '_struct_site.pdbx_auth_asym_id'      
5 3 'Structure model' '_struct_site.pdbx_auth_comp_id'      
6 3 'Structure model' '_struct_site.pdbx_auth_seq_id'       
# 
_pdbx_database_status.entry_id                        3LR0 
_pdbx_database_status.deposit_site                    RCSB 
_pdbx_database_status.process_site                    RCSB 
_pdbx_database_status.recvd_initial_deposition_date   2010-02-10 
_pdbx_database_status.status_code                     REL 
_pdbx_database_status.status_code_sf                  REL 
_pdbx_database_status.status_code_mr                  ? 
_pdbx_database_status.SG_entry                        Y 
_pdbx_database_status.pdb_format_compatible           Y 
_pdbx_database_status.status_code_cs                  ? 
_pdbx_database_status.status_code_nmr_data            ? 
_pdbx_database_status.methods_development_category    ? 
# 
loop_
_pdbx_database_related.db_name 
_pdbx_database_related.db_id 
_pdbx_database_related.details 
_pdbx_database_related.content_type 
PDB      3LR3          'low pH native structure' unspecified 
PDB      3LR4          'low pH barium structure' unspecified 
PDB      3LR5          'neutral pH structure'    unspecified 
TargetDB BupsA.00863.i .                         unspecified 
# 
_audit_author.name           'Seattle Structural Genomics Center for Infectious Disease (SSGCID)' 
_audit_author.pdbx_ordinal   1 
# 
_citation.id                        primary 
_citation.title                     
'Structural basis for pH sensing by the periplasmic domain of the risS histidine kinase from Bukholderia pseudomallei' 
_citation.journal_abbrev            'To be Published' 
_citation.journal_volume            ? 
_citation.page_first                ? 
_citation.page_last                 ? 
_citation.year                      ? 
_citation.journal_id_ASTM           ? 
_citation.country                   ? 
_citation.journal_id_ISSN           ? 
_citation.journal_id_CSD            0353 
_citation.book_publisher            ? 
_citation.pdbx_database_id_PubMed   ? 
_citation.pdbx_database_id_DOI      ? 
# 
loop_
_citation_author.citation_id 
_citation_author.name 
_citation_author.ordinal 
_citation_author.identifier_ORCID 
primary 'Edwards, T.E.'                                                      1 ? 
primary 'Abendroth, J.'                                                      2 ? 
primary 'Staker, B.L.'                                                       3 ? 
primary 'Phan, I.'                                                           4 ? 
primary 'Myler, P.'                                                          5 ? 
primary 'Stacy, R.'                                                          6 ? 
primary 'Stewart, L.'                                                        7 ? 
primary 'Miller, S.I.'                                                       8 ? 
primary 'Seattle Structural Genomics Center for Infectious Disease (SSGCID)' 9 ? 
# 
loop_
_entity.id 
_entity.type 
_entity.src_method 
_entity.pdbx_description 
_entity.formula_weight 
_entity.pdbx_number_of_molecules 
_entity.pdbx_ec 
_entity.pdbx_mutation 
_entity.pdbx_fragment 
_entity.details 
1 polymer     man 'Sensor protein' 16445.494 1  2.7.13.3 ? ? ? 
2 non-polymer syn 'IODIDE ION'     126.904   6  ?        ? ? ? 
3 water       nat water            18.015    71 ?        ? ? ? 
# 
_entity_poly.entity_id                      1 
_entity_poly.type                           'polypeptide(L)' 
_entity_poly.nstd_linkage                   no 
_entity_poly.nstd_monomer                   no 
_entity_poly.pdbx_seq_one_letter_code       
;MAHHHHHHMGTLEAQTQGPGSMFRVIEREPRAQRVALQLVAIVKLTRTALLYSDPDLRRALLQDLESNEGVRVYPREKTD
KFKLQPDESVNRLIEHDIRSRLGDDTVIAQSVNDIPGVWISFKIDDDDYWVALDRDQLDTVTG
;
_entity_poly.pdbx_seq_one_letter_code_can   
;MAHHHHHHMGTLEAQTQGPGSMFRVIEREPRAQRVALQLVAIVKLTRTALLYSDPDLRRALLQDLESNEGVRVYPREKTD
KFKLQPDESVNRLIEHDIRSRLGDDTVIAQSVNDIPGVWISFKIDDDDYWVALDRDQLDTVTG
;
_entity_poly.pdbx_strand_id                 A 
_entity_poly.pdbx_target_identifier         BupsA.00863.i 
# 
loop_
_pdbx_entity_nonpoly.entity_id 
_pdbx_entity_nonpoly.name 
_pdbx_entity_nonpoly.comp_id 
2 'IODIDE ION' IOD 
3 water        HOH 
# 
loop_
_entity_poly_seq.entity_id 
_entity_poly_seq.num 
_entity_poly_seq.mon_id 
_entity_poly_seq.hetero 
1 1   MET n 
1 2   ALA n 
1 3   HIS n 
1 4   HIS n 
1 5   HIS n 
1 6   HIS n 
1 7   HIS n 
1 8   HIS n 
1 9   MET n 
1 10  GLY n 
1 11  THR n 
1 12  LEU n 
1 13  GLU n 
1 14  ALA n 
1 15  GLN n 
1 16  THR n 
1 17  GLN n 
1 18  GLY n 
1 19  PRO n 
1 20  GLY n 
1 21  SER n 
1 22  MET n 
1 23  PHE n 
1 24  ARG n 
1 25  VAL n 
1 26  ILE n 
1 27  GLU n 
1 28  ARG n 
1 29  GLU n 
1 30  PRO n 
1 31  ARG n 
1 32  ALA n 
1 33  GLN n 
1 34  ARG n 
1 35  VAL n 
1 36  ALA n 
1 37  LEU n 
1 38  GLN n 
1 39  LEU n 
1 40  VAL n 
1 41  ALA n 
1 42  ILE n 
1 43  VAL n 
1 44  LYS n 
1 45  LEU n 
1 46  THR n 
1 47  ARG n 
1 48  THR n 
1 49  ALA n 
1 50  LEU n 
1 51  LEU n 
1 52  TYR n 
1 53  SER n 
1 54  ASP n 
1 55  PRO n 
1 56  ASP n 
1 57  LEU n 
1 58  ARG n 
1 59  ARG n 
1 60  ALA n 
1 61  LEU n 
1 62  LEU n 
1 63  GLN n 
1 64  ASP n 
1 65  LEU n 
1 66  GLU n 
1 67  SER n 
1 68  ASN n 
1 69  GLU n 
1 70  GLY n 
1 71  VAL n 
1 72  ARG n 
1 73  VAL n 
1 74  TYR n 
1 75  PRO n 
1 76  ARG n 
1 77  GLU n 
1 78  LYS n 
1 79  THR n 
1 80  ASP n 
1 81  LYS n 
1 82  PHE n 
1 83  LYS n 
1 84  LEU n 
1 85  GLN n 
1 86  PRO n 
1 87  ASP n 
1 88  GLU n 
1 89  SER n 
1 90  VAL n 
1 91  ASN n 
1 92  ARG n 
1 93  LEU n 
1 94  ILE n 
1 95  GLU n 
1 96  HIS n 
1 97  ASP n 
1 98  ILE n 
1 99  ARG n 
1 100 SER n 
1 101 ARG n 
1 102 LEU n 
1 103 GLY n 
1 104 ASP n 
1 105 ASP n 
1 106 THR n 
1 107 VAL n 
1 108 ILE n 
1 109 ALA n 
1 110 GLN n 
1 111 SER n 
1 112 VAL n 
1 113 ASN n 
1 114 ASP n 
1 115 ILE n 
1 116 PRO n 
1 117 GLY n 
1 118 VAL n 
1 119 TRP n 
1 120 ILE n 
1 121 SER n 
1 122 PHE n 
1 123 LYS n 
1 124 ILE n 
1 125 ASP n 
1 126 ASP n 
1 127 ASP n 
1 128 ASP n 
1 129 TYR n 
1 130 TRP n 
1 131 VAL n 
1 132 ALA n 
1 133 LEU n 
1 134 ASP n 
1 135 ARG n 
1 136 ASP n 
1 137 GLN n 
1 138 LEU n 
1 139 ASP n 
1 140 THR n 
1 141 VAL n 
1 142 THR n 
1 143 GLY n 
# 
_entity_src_gen.entity_id                          1 
_entity_src_gen.pdbx_src_id                        1 
_entity_src_gen.pdbx_alt_source_flag               sample 
_entity_src_gen.pdbx_seq_type                      ? 
_entity_src_gen.pdbx_beg_seq_num                   ? 
_entity_src_gen.pdbx_end_seq_num                   ? 
_entity_src_gen.gene_src_common_name               'Pseudomonas pseudomallei' 
_entity_src_gen.gene_src_genus                     ? 
_entity_src_gen.pdbx_gene_src_gene                 BPSL2095 
_entity_src_gen.gene_src_species                   ? 
_entity_src_gen.gene_src_strain                    1710b 
_entity_src_gen.gene_src_tissue                    ? 
_entity_src_gen.gene_src_tissue_fraction           ? 
_entity_src_gen.gene_src_details                   ? 
_entity_src_gen.pdbx_gene_src_fragment             ? 
_entity_src_gen.pdbx_gene_src_scientific_name      'Burkholderia pseudomallei' 
_entity_src_gen.pdbx_gene_src_ncbi_taxonomy_id     28450 
_entity_src_gen.pdbx_gene_src_variant              ? 
_entity_src_gen.pdbx_gene_src_cell_line            ? 
_entity_src_gen.pdbx_gene_src_atcc                 ? 
_entity_src_gen.pdbx_gene_src_organ                ? 
_entity_src_gen.pdbx_gene_src_organelle            ? 
_entity_src_gen.pdbx_gene_src_cell                 ? 
_entity_src_gen.pdbx_gene_src_cellular_location    ? 
_entity_src_gen.host_org_common_name               ? 
_entity_src_gen.pdbx_host_org_scientific_name      'Escherichia coli' 
_entity_src_gen.pdbx_host_org_ncbi_taxonomy_id     562 
_entity_src_gen.host_org_genus                     ? 
_entity_src_gen.pdbx_host_org_gene                 ? 
_entity_src_gen.pdbx_host_org_organ                ? 
_entity_src_gen.host_org_species                   ? 
_entity_src_gen.pdbx_host_org_tissue               ? 
_entity_src_gen.pdbx_host_org_tissue_fraction      ? 
_entity_src_gen.pdbx_host_org_strain               ? 
_entity_src_gen.pdbx_host_org_variant              ? 
_entity_src_gen.pdbx_host_org_cell_line            ? 
_entity_src_gen.pdbx_host_org_atcc                 ? 
_entity_src_gen.pdbx_host_org_culture_collection   ? 
_entity_src_gen.pdbx_host_org_cell                 ? 
_entity_src_gen.pdbx_host_org_organelle            ? 
_entity_src_gen.pdbx_host_org_cellular_location    ? 
_entity_src_gen.pdbx_host_org_vector_type          AVA0421 
_entity_src_gen.pdbx_host_org_vector               ? 
_entity_src_gen.host_org_details                   ? 
_entity_src_gen.expression_system_id               ? 
_entity_src_gen.plasmid_name                       ? 
_entity_src_gen.plasmid_details                    ? 
_entity_src_gen.pdbx_description                   ? 
# 
loop_
_chem_comp.id 
_chem_comp.type 
_chem_comp.mon_nstd_flag 
_chem_comp.name 
_chem_comp.pdbx_synonyms 
_chem_comp.formula 
_chem_comp.formula_weight 
ALA 'L-peptide linking' y ALANINE         ? 'C3 H7 N O2'     89.093  
ARG 'L-peptide linking' y ARGININE        ? 'C6 H15 N4 O2 1' 175.209 
ASN 'L-peptide linking' y ASPARAGINE      ? 'C4 H8 N2 O3'    132.118 
ASP 'L-peptide linking' y 'ASPARTIC ACID' ? 'C4 H7 N O4'     133.103 
GLN 'L-peptide linking' y GLUTAMINE       ? 'C5 H10 N2 O3'   146.144 
GLU 'L-peptide linking' y 'GLUTAMIC ACID' ? 'C5 H9 N O4'     147.129 
GLY 'peptide linking'   y GLYCINE         ? 'C2 H5 N O2'     75.067  
HIS 'L-peptide linking' y HISTIDINE       ? 'C6 H10 N3 O2 1' 156.162 
HOH non-polymer         . WATER           ? 'H2 O'           18.015  
ILE 'L-peptide linking' y ISOLEUCINE      ? 'C6 H13 N O2'    131.173 
IOD non-polymer         . 'IODIDE ION'    ? 'I -1'           126.904 
LEU 'L-peptide linking' y LEUCINE         ? 'C6 H13 N O2'    131.173 
LYS 'L-peptide linking' y LYSINE          ? 'C6 H15 N2 O2 1' 147.195 
MET 'L-peptide linking' y METHIONINE      ? 'C5 H11 N O2 S'  149.211 
PHE 'L-peptide linking' y PHENYLALANINE   ? 'C9 H11 N O2'    165.189 
PRO 'L-peptide linking' y PROLINE         ? 'C5 H9 N O2'     115.130 
SER 'L-peptide linking' y SERINE          ? 'C3 H7 N O3'     105.093 
THR 'L-peptide linking' y THREONINE       ? 'C4 H9 N O3'     119.119 
TRP 'L-peptide linking' y TRYPTOPHAN      ? 'C11 H12 N2 O2'  204.225 
TYR 'L-peptide linking' y TYROSINE        ? 'C9 H11 N O3'    181.189 
VAL 'L-peptide linking' y VALINE          ? 'C5 H11 N O2'    117.146 
# 
loop_
_pdbx_poly_seq_scheme.asym_id 
_pdbx_poly_seq_scheme.entity_id 
_pdbx_poly_seq_scheme.seq_id 
_pdbx_poly_seq_scheme.mon_id 
_pdbx_poly_seq_scheme.ndb_seq_num 
_pdbx_poly_seq_scheme.pdb_seq_num 
_pdbx_poly_seq_scheme.auth_seq_num 
_pdbx_poly_seq_scheme.pdb_mon_id 
_pdbx_poly_seq_scheme.auth_mon_id 
_pdbx_poly_seq_scheme.pdb_strand_id 
_pdbx_poly_seq_scheme.pdb_ins_code 
_pdbx_poly_seq_scheme.hetero 
A 1 1   MET 1   9   ?   ?   ?   A . n 
A 1 2   ALA 2   10  ?   ?   ?   A . n 
A 1 3   HIS 3   11  ?   ?   ?   A . n 
A 1 4   HIS 4   12  ?   ?   ?   A . n 
A 1 5   HIS 5   13  ?   ?   ?   A . n 
A 1 6   HIS 6   14  ?   ?   ?   A . n 
A 1 7   HIS 7   15  ?   ?   ?   A . n 
A 1 8   HIS 8   16  ?   ?   ?   A . n 
A 1 9   MET 9   17  ?   ?   ?   A . n 
A 1 10  GLY 10  18  ?   ?   ?   A . n 
A 1 11  THR 11  19  ?   ?   ?   A . n 
A 1 12  LEU 12  20  ?   ?   ?   A . n 
A 1 13  GLU 13  21  ?   ?   ?   A . n 
A 1 14  ALA 14  22  ?   ?   ?   A . n 
A 1 15  GLN 15  23  ?   ?   ?   A . n 
A 1 16  THR 16  24  ?   ?   ?   A . n 
A 1 17  GLN 17  25  ?   ?   ?   A . n 
A 1 18  GLY 18  26  ?   ?   ?   A . n 
A 1 19  PRO 19  27  ?   ?   ?   A . n 
A 1 20  GLY 20  28  ?   ?   ?   A . n 
A 1 21  SER 21  29  ?   ?   ?   A . n 
A 1 22  MET 22  30  ?   ?   ?   A . n 
A 1 23  PHE 23  31  ?   ?   ?   A . n 
A 1 24  ARG 24  32  ?   ?   ?   A . n 
A 1 25  VAL 25  33  ?   ?   ?   A . n 
A 1 26  ILE 26  34  ?   ?   ?   A . n 
A 1 27  GLU 27  35  ?   ?   ?   A . n 
A 1 28  ARG 28  36  ?   ?   ?   A . n 
A 1 29  GLU 29  37  ?   ?   ?   A . n 
A 1 30  PRO 30  38  ?   ?   ?   A . n 
A 1 31  ARG 31  39  ?   ?   ?   A . n 
A 1 32  ALA 32  40  40  ALA ALA A . n 
A 1 33  GLN 33  41  41  GLN GLN A . n 
A 1 34  ARG 34  42  42  ARG ARG A . n 
A 1 35  VAL 35  43  43  VAL VAL A . n 
A 1 36  ALA 36  44  44  ALA ALA A . n 
A 1 37  LEU 37  45  45  LEU LEU A . n 
A 1 38  GLN 38  46  46  GLN GLN A . n 
A 1 39  LEU 39  47  47  LEU LEU A . n 
A 1 40  VAL 40  48  48  VAL VAL A . n 
A 1 41  ALA 41  49  49  ALA ALA A . n 
A 1 42  ILE 42  50  50  ILE ILE A . n 
A 1 43  VAL 43  51  51  VAL VAL A . n 
A 1 44  LYS 44  52  52  LYS LYS A . n 
A 1 45  LEU 45  53  53  LEU LEU A . n 
A 1 46  THR 46  54  54  THR THR A . n 
A 1 47  ARG 47  55  55  ARG ARG A . n 
A 1 48  THR 48  56  56  THR THR A . n 
A 1 49  ALA 49  57  57  ALA ALA A . n 
A 1 50  LEU 50  58  58  LEU LEU A . n 
A 1 51  LEU 51  59  59  LEU LEU A . n 
A 1 52  TYR 52  60  60  TYR TYR A . n 
A 1 53  SER 53  61  61  SER SER A . n 
A 1 54  ASP 54  62  62  ASP ASP A . n 
A 1 55  PRO 55  63  63  PRO PRO A . n 
A 1 56  ASP 56  64  64  ASP ASP A . n 
A 1 57  LEU 57  65  65  LEU LEU A . n 
A 1 58  ARG 58  66  66  ARG ARG A . n 
A 1 59  ARG 59  67  67  ARG ARG A . n 
A 1 60  ALA 60  68  68  ALA ALA A . n 
A 1 61  LEU 61  69  69  LEU LEU A . n 
A 1 62  LEU 62  70  70  LEU LEU A . n 
A 1 63  GLN 63  71  71  GLN GLN A . n 
A 1 64  ASP 64  72  72  ASP ASP A . n 
A 1 65  LEU 65  73  73  LEU LEU A . n 
A 1 66  GLU 66  74  74  GLU GLU A . n 
A 1 67  SER 67  75  75  SER SER A . n 
A 1 68  ASN 68  76  76  ASN ASN A . n 
A 1 69  GLU 69  77  77  GLU GLU A . n 
A 1 70  GLY 70  78  78  GLY GLY A . n 
A 1 71  VAL 71  79  79  VAL VAL A . n 
A 1 72  ARG 72  80  80  ARG ARG A . n 
A 1 73  VAL 73  81  81  VAL VAL A . n 
A 1 74  TYR 74  82  82  TYR TYR A . n 
A 1 75  PRO 75  83  83  PRO PRO A . n 
A 1 76  ARG 76  84  84  ARG ARG A . n 
A 1 77  GLU 77  85  85  GLU GLU A . n 
A 1 78  LYS 78  86  86  LYS LYS A . n 
A 1 79  THR 79  87  87  THR THR A . n 
A 1 80  ASP 80  88  88  ASP ASP A . n 
A 1 81  LYS 81  89  89  LYS LYS A . n 
A 1 82  PHE 82  90  90  PHE PHE A . n 
A 1 83  LYS 83  91  91  LYS LYS A . n 
A 1 84  LEU 84  92  92  LEU LEU A . n 
A 1 85  GLN 85  93  93  GLN GLN A . n 
A 1 86  PRO 86  94  94  PRO PRO A . n 
A 1 87  ASP 87  95  95  ASP ASP A . n 
A 1 88  GLU 88  96  96  GLU GLU A . n 
A 1 89  SER 89  97  97  SER SER A . n 
A 1 90  VAL 90  98  98  VAL VAL A . n 
A 1 91  ASN 91  99  99  ASN ASN A . n 
A 1 92  ARG 92  100 100 ARG ARG A . n 
A 1 93  LEU 93  101 101 LEU LEU A . n 
A 1 94  ILE 94  102 102 ILE ILE A . n 
A 1 95  GLU 95  103 103 GLU GLU A . n 
A 1 96  HIS 96  104 104 HIS HIS A . n 
A 1 97  ASP 97  105 105 ASP ASP A . n 
A 1 98  ILE 98  106 106 ILE ILE A . n 
A 1 99  ARG 99  107 107 ARG ARG A . n 
A 1 100 SER 100 108 108 SER SER A . n 
A 1 101 ARG 101 109 109 ARG ARG A . n 
A 1 102 LEU 102 110 110 LEU LEU A . n 
A 1 103 GLY 103 111 111 GLY GLY A . n 
A 1 104 ASP 104 112 112 ASP ASP A . n 
A 1 105 ASP 105 113 113 ASP ASP A . n 
A 1 106 THR 106 114 114 THR THR A . n 
A 1 107 VAL 107 115 115 VAL VAL A . n 
A 1 108 ILE 108 116 116 ILE ILE A . n 
A 1 109 ALA 109 117 117 ALA ALA A . n 
A 1 110 GLN 110 118 118 GLN GLN A . n 
A 1 111 SER 111 119 119 SER SER A . n 
A 1 112 VAL 112 120 120 VAL VAL A . n 
A 1 113 ASN 113 121 121 ASN ASN A . n 
A 1 114 ASP 114 122 122 ASP ASP A . n 
A 1 115 ILE 115 123 123 ILE ILE A . n 
A 1 116 PRO 116 124 124 PRO PRO A . n 
A 1 117 GLY 117 125 125 GLY GLY A . n 
A 1 118 VAL 118 126 126 VAL VAL A . n 
A 1 119 TRP 119 127 127 TRP TRP A . n 
A 1 120 ILE 120 128 128 ILE ILE A . n 
A 1 121 SER 121 129 129 SER SER A . n 
A 1 122 PHE 122 130 130 PHE PHE A . n 
A 1 123 LYS 123 131 131 LYS LYS A . n 
A 1 124 ILE 124 132 132 ILE ILE A . n 
A 1 125 ASP 125 133 133 ASP ASP A . n 
A 1 126 ASP 126 134 134 ASP ASP A . n 
A 1 127 ASP 127 135 135 ASP ASP A . n 
A 1 128 ASP 128 136 136 ASP ASP A . n 
A 1 129 TYR 129 137 137 TYR TYR A . n 
A 1 130 TRP 130 138 138 TRP TRP A . n 
A 1 131 VAL 131 139 139 VAL VAL A . n 
A 1 132 ALA 132 140 140 ALA ALA A . n 
A 1 133 LEU 133 141 141 LEU LEU A . n 
A 1 134 ASP 134 142 ?   ?   ?   A . n 
A 1 135 ARG 135 143 ?   ?   ?   A . n 
A 1 136 ASP 136 144 ?   ?   ?   A . n 
A 1 137 GLN 137 145 ?   ?   ?   A . n 
A 1 138 LEU 138 146 ?   ?   ?   A . n 
A 1 139 ASP 139 147 ?   ?   ?   A . n 
A 1 140 THR 140 148 ?   ?   ?   A . n 
A 1 141 VAL 141 149 ?   ?   ?   A . n 
A 1 142 THR 142 150 ?   ?   ?   A . n 
A 1 143 GLY 143 151 ?   ?   ?   A . n 
# 
loop_
_pdbx_nonpoly_scheme.asym_id 
_pdbx_nonpoly_scheme.entity_id 
_pdbx_nonpoly_scheme.mon_id 
_pdbx_nonpoly_scheme.ndb_seq_num 
_pdbx_nonpoly_scheme.pdb_seq_num 
_pdbx_nonpoly_scheme.auth_seq_num 
_pdbx_nonpoly_scheme.pdb_mon_id 
_pdbx_nonpoly_scheme.auth_mon_id 
_pdbx_nonpoly_scheme.pdb_strand_id 
_pdbx_nonpoly_scheme.pdb_ins_code 
B 2 IOD 1  1   1  IOD IOD A . 
C 2 IOD 1  2   2  IOD IOD A . 
D 2 IOD 1  3   3  IOD IOD A . 
E 2 IOD 1  4   4  IOD IOD A . 
F 2 IOD 1  5   5  IOD IOD A . 
G 2 IOD 1  6   6  IOD IOD A . 
H 3 HOH 1  7   7  HOH HOH A . 
H 3 HOH 2  8   8  HOH HOH A . 
H 3 HOH 3  152 1  HOH HOH A . 
H 3 HOH 4  153 2  HOH HOH A . 
H 3 HOH 5  154 3  HOH HOH A . 
H 3 HOH 6  155 4  HOH HOH A . 
H 3 HOH 7  156 5  HOH HOH A . 
H 3 HOH 8  157 6  HOH HOH A . 
H 3 HOH 9  158 9  HOH HOH A . 
H 3 HOH 10 159 10 HOH HOH A . 
H 3 HOH 11 160 11 HOH HOH A . 
H 3 HOH 12 161 12 HOH HOH A . 
H 3 HOH 13 162 13 HOH HOH A . 
H 3 HOH 14 163 14 HOH HOH A . 
H 3 HOH 15 164 15 HOH HOH A . 
H 3 HOH 16 165 17 HOH HOH A . 
H 3 HOH 17 166 18 HOH HOH A . 
H 3 HOH 18 167 19 HOH HOH A . 
H 3 HOH 19 168 20 HOH HOH A . 
H 3 HOH 20 169 21 HOH HOH A . 
H 3 HOH 21 170 22 HOH HOH A . 
H 3 HOH 22 171 23 HOH HOH A . 
H 3 HOH 23 172 24 HOH HOH A . 
H 3 HOH 24 173 25 HOH HOH A . 
H 3 HOH 25 174 26 HOH HOH A . 
H 3 HOH 26 175 27 HOH HOH A . 
H 3 HOH 27 176 28 HOH HOH A . 
H 3 HOH 28 177 29 HOH HOH A . 
H 3 HOH 29 178 31 HOH HOH A . 
H 3 HOH 30 179 32 HOH HOH A . 
H 3 HOH 31 180 33 HOH HOH A . 
H 3 HOH 32 181 34 HOH HOH A . 
H 3 HOH 33 182 35 HOH HOH A . 
H 3 HOH 34 183 36 HOH HOH A . 
H 3 HOH 35 184 37 HOH HOH A . 
H 3 HOH 36 185 38 HOH HOH A . 
H 3 HOH 37 186 39 HOH HOH A . 
H 3 HOH 38 187 40 HOH HOH A . 
H 3 HOH 39 188 41 HOH HOH A . 
H 3 HOH 40 189 42 HOH HOH A . 
H 3 HOH 41 190 43 HOH HOH A . 
H 3 HOH 42 191 44 HOH HOH A . 
H 3 HOH 43 192 45 HOH HOH A . 
H 3 HOH 44 193 46 HOH HOH A . 
H 3 HOH 45 194 47 HOH HOH A . 
H 3 HOH 46 195 48 HOH HOH A . 
H 3 HOH 47 196 49 HOH HOH A . 
H 3 HOH 48 197 50 HOH HOH A . 
H 3 HOH 49 198 51 HOH HOH A . 
H 3 HOH 50 199 53 HOH HOH A . 
H 3 HOH 51 200 55 HOH HOH A . 
H 3 HOH 52 201 56 HOH HOH A . 
H 3 HOH 53 202 57 HOH HOH A . 
H 3 HOH 54 203 58 HOH HOH A . 
H 3 HOH 55 204 60 HOH HOH A . 
H 3 HOH 56 205 61 HOH HOH A . 
H 3 HOH 57 206 62 HOH HOH A . 
H 3 HOH 58 207 63 HOH HOH A . 
H 3 HOH 59 208 64 HOH HOH A . 
H 3 HOH 60 209 65 HOH HOH A . 
H 3 HOH 61 210 66 HOH HOH A . 
H 3 HOH 62 211 67 HOH HOH A . 
H 3 HOH 63 212 68 HOH HOH A . 
H 3 HOH 64 213 69 HOH HOH A . 
H 3 HOH 65 214 70 HOH HOH A . 
H 3 HOH 66 215 71 HOH HOH A . 
H 3 HOH 67 216 72 HOH HOH A . 
H 3 HOH 68 217 73 HOH HOH A . 
H 3 HOH 69 218 74 HOH HOH A . 
H 3 HOH 70 219 75 HOH HOH A . 
H 3 HOH 71 220 76 HOH HOH A . 
# 
loop_
_pdbx_unobs_or_zero_occ_atoms.id 
_pdbx_unobs_or_zero_occ_atoms.PDB_model_num 
_pdbx_unobs_or_zero_occ_atoms.polymer_flag 
_pdbx_unobs_or_zero_occ_atoms.occupancy_flag 
_pdbx_unobs_or_zero_occ_atoms.auth_asym_id 
_pdbx_unobs_or_zero_occ_atoms.auth_comp_id 
_pdbx_unobs_or_zero_occ_atoms.auth_seq_id 
_pdbx_unobs_or_zero_occ_atoms.PDB_ins_code 
_pdbx_unobs_or_zero_occ_atoms.auth_atom_id 
_pdbx_unobs_or_zero_occ_atoms.label_alt_id 
_pdbx_unobs_or_zero_occ_atoms.label_asym_id 
_pdbx_unobs_or_zero_occ_atoms.label_comp_id 
_pdbx_unobs_or_zero_occ_atoms.label_seq_id 
_pdbx_unobs_or_zero_occ_atoms.label_atom_id 
1  1 Y 1 A GLN 41  ? CG  ? A GLN 33  CG  
2  1 Y 1 A GLN 41  ? CD  ? A GLN 33  CD  
3  1 Y 1 A GLN 41  ? OE1 ? A GLN 33  OE1 
4  1 Y 1 A GLN 41  ? NE2 ? A GLN 33  NE2 
5  1 Y 1 A ARG 42  ? CG  ? A ARG 34  CG  
6  1 Y 1 A ARG 42  ? CD  ? A ARG 34  CD  
7  1 Y 1 A ARG 42  ? NE  ? A ARG 34  NE  
8  1 Y 1 A ARG 42  ? CZ  ? A ARG 34  CZ  
9  1 Y 1 A ARG 42  ? NH1 ? A ARG 34  NH1 
10 1 Y 1 A ARG 42  ? NH2 ? A ARG 34  NH2 
11 1 Y 1 A LYS 86  ? CG  ? A LYS 78  CG  
12 1 Y 1 A LYS 86  ? CD  ? A LYS 78  CD  
13 1 Y 1 A LYS 86  ? CE  ? A LYS 78  CE  
14 1 Y 1 A LYS 86  ? NZ  ? A LYS 78  NZ  
15 1 Y 1 A LYS 91  ? CG  ? A LYS 83  CG  
16 1 Y 1 A LYS 91  ? CD  ? A LYS 83  CD  
17 1 Y 1 A LYS 91  ? CE  ? A LYS 83  CE  
18 1 Y 1 A LYS 91  ? NZ  ? A LYS 83  NZ  
19 1 Y 1 A ASP 134 ? CG  ? A ASP 126 CG  
20 1 Y 1 A ASP 134 ? OD1 ? A ASP 126 OD1 
21 1 Y 1 A ASP 134 ? OD2 ? A ASP 126 OD2 
# 
loop_
_software.pdbx_ordinal 
_software.name 
_software.version 
_software.date 
_software.type 
_software.contact_author 
_software.contact_author_email 
_software.classification 
_software.location 
_software.language 
_software.citation_id 
1 XSCALE      .     ?               package 'Wolfgang Kabsch'    ?                           'data scaling'    
http://www.mpimf-heidelberg.mpg.de/~kabsch/xds/html_doc/xscale_program.html ?          ? 
2 PHASER      .     ?               program 'Randy J. Read'      cimr-phaser@lists.cam.ac.uk phasing           
http://www-structmed.cimr.cam.ac.uk/phaser/                                 ?          ? 
3 REFMAC      .     ?               program 'Garib N. Murshudov' garib@ysbl.york.ac.uk       refinement        
http://www.ccp4.ac.uk/dist/html/refmac5.html                                Fortran_77 ? 
4 PDB_EXTRACT 3.005 'June 11, 2008' package PDB                  help@deposit.rcsb.org       'data extraction' 
http://sw-tools.pdb.org/apps/PDB_EXTRACT/                                   C++        ? 
5 XDS         .     ?               ?       ?                    ?                           'data reduction'  ? ?          ? 
# 
_cell.length_a           58.360 
_cell.length_b           58.360 
_cell.length_c           75.690 
_cell.angle_alpha        90.000 
_cell.angle_beta         90.000 
_cell.angle_gamma        120.000 
_cell.entry_id           3LR0 
_cell.pdbx_unique_axis   ? 
_cell.Z_PDB              6 
_cell.length_a_esd       ? 
_cell.length_b_esd       ? 
_cell.length_c_esd       ? 
_cell.angle_alpha_esd    ? 
_cell.angle_beta_esd     ? 
_cell.angle_gamma_esd    ? 
# 
_symmetry.space_group_name_H-M             'P 32 2 1' 
_symmetry.entry_id                         3LR0 
_symmetry.Int_Tables_number                154 
_symmetry.pdbx_full_space_group_name_H-M   ? 
_symmetry.cell_setting                     ? 
_symmetry.space_group_name_Hall            ? 
# 
_exptl.crystals_number   1 
_exptl.entry_id          3LR0 
_exptl.method            'X-RAY DIFFRACTION' 
# 
_exptl_crystal.id                    1 
_exptl_crystal.density_Matthews      2.26 
_exptl_crystal.density_meas          ? 
_exptl_crystal.density_percent_sol   45.64 
_exptl_crystal.description           ? 
_exptl_crystal.F_000                 ? 
_exptl_crystal.preparation           ? 
# 
_exptl_crystal_grow.crystal_id      1 
_exptl_crystal_grow.method          'VAPOR DIFFUSION, SITTING DROP' 
_exptl_crystal_grow.pH              4.2 
_exptl_crystal_grow.temp            289 
_exptl_crystal_grow.temp_details    ? 
_exptl_crystal_grow.pdbx_details    
;Crystal originally grown in JCSG+ condition a6, 0.1M phosphate-citrate pH 4.2, 0.2 M lithium sulfate, 25% PEG 1000 then soaked and cryo-protected into 0.1 M Na citrate pH 4.5, 1.0 M KI, 30% PEG 1000 for 1 hour prior to vitrification; crystal tracking IDs 203087a6 for growth and 206239a1 for soak; affinity tag not removed prior to crystallization, VAPOR DIFFUSION, SITTING DROP, temperature 289K
;
_exptl_crystal_grow.pdbx_pH_range   ? 
# 
_diffrn.id                     1 
_diffrn.ambient_temp           100 
_diffrn.ambient_temp_details   ? 
_diffrn.crystal_id             1 
# 
_diffrn_detector.diffrn_id              1 
_diffrn_detector.detector               CCD 
_diffrn_detector.type                   'RIGAKU SATURN 944' 
_diffrn_detector.pdbx_collection_date   2009-12-10 
_diffrn_detector.details                ? 
# 
_diffrn_radiation.diffrn_id                        1 
_diffrn_radiation.wavelength_id                    1 
_diffrn_radiation.pdbx_diffrn_protocol             'SINGLE WAVELENGTH' 
_diffrn_radiation.monochromator                    ? 
_diffrn_radiation.pdbx_monochromatic_or_laue_m_l   M 
_diffrn_radiation.pdbx_scattering_type             x-ray 
# 
_diffrn_radiation_wavelength.id           1 
_diffrn_radiation_wavelength.wavelength   1.5418 
_diffrn_radiation_wavelength.wt           1.0 
# 
_diffrn_source.diffrn_id                   1 
_diffrn_source.source                      'ROTATING ANODE' 
_diffrn_source.type                        'RIGAKU MICROMAX-007 HF' 
_diffrn_source.pdbx_wavelength             ? 
_diffrn_source.pdbx_wavelength_list        1.5418 
_diffrn_source.pdbx_synchrotron_site       ? 
_diffrn_source.pdbx_synchrotron_beamline   ? 
# 
_reflns.entry_id                     3LR0 
_reflns.d_resolution_high            1.900 
_reflns.number_obs                   12191 
_reflns.pdbx_Rmerge_I_obs            0.046 
_reflns.pdbx_netI_over_sigmaI        25.450 
_reflns.percent_possible_obs         99.800 
_reflns.B_iso_Wilson_estimate        32.657 
_reflns.observed_criterion_sigma_I   -3.00 
_reflns.observed_criterion_sigma_F   ? 
_reflns.d_resolution_low             19.10 
_reflns.number_all                   12212 
_reflns.pdbx_Rsym_value              ? 
_reflns.pdbx_redundancy              11.2 
_reflns.R_free_details               ? 
_reflns.limit_h_max                  ? 
_reflns.limit_h_min                  ? 
_reflns.limit_k_max                  ? 
_reflns.limit_k_min                  ? 
_reflns.limit_l_max                  ? 
_reflns.limit_l_min                  ? 
_reflns.observed_criterion_F_max     ? 
_reflns.observed_criterion_F_min     ? 
_reflns.pdbx_chi_squared             ? 
_reflns.pdbx_scaling_rejects         ? 
_reflns.pdbx_ordinal                 1 
_reflns.pdbx_diffrn_id               1 
# 
_reflns_shell.d_res_high             1.90 
_reflns_shell.d_res_low              1.95 
_reflns_shell.number_measured_obs    4275 
_reflns_shell.number_measured_all    ? 
_reflns_shell.number_unique_obs      924 
_reflns_shell.Rmerge_I_obs           0.337 
_reflns_shell.meanI_over_sigI_obs    4.1 
_reflns_shell.pdbx_Rsym_value        ? 
_reflns_shell.pdbx_chi_squared       ? 
_reflns_shell.pdbx_redundancy        8.9 
_reflns_shell.percent_possible_obs   ? 
_reflns_shell.number_unique_all      925 
_reflns_shell.percent_possible_all   99.90 
_reflns_shell.pdbx_ordinal           1 
_reflns_shell.pdbx_diffrn_id         1 
# 
_refine.entry_id                                 3LR0 
_refine.ls_d_res_high                            1.900 
_refine.ls_d_res_low                             19.10 
_refine.pdbx_ls_sigma_F                          0.00 
_refine.pdbx_data_cutoff_high_absF               ? 
_refine.pdbx_data_cutoff_low_absF                ? 
_refine.ls_percent_reflns_obs                    99.840 
_refine.ls_number_reflns_obs                     12191 
_refine.ls_number_reflns_all                     ? 
_refine.pdbx_ls_cross_valid_method               THROUGHOUT 
_refine.pdbx_R_Free_selection_details            RANDOM 
_refine.details                                  'HYDROGENS HAVE BEEN ADDED IN THE RIDING POSITIONS U VALUES      : RESIDUAL ONLY' 
_refine.ls_R_factor_all                          ? 
_refine.ls_R_factor_obs                          0.213 
_refine.ls_R_factor_R_work                       0.211 
_refine.ls_wR_factor_R_work                      0.209 
_refine.ls_R_factor_R_free                       0.254 
_refine.ls_wR_factor_R_free                      0.254 
_refine.ls_percent_reflns_R_free                 4.800 
_refine.ls_number_reflns_R_free                  585 
_refine.ls_R_factor_R_free_error                 ? 
_refine.B_iso_mean                               18.791 
_refine.solvent_model_param_bsol                 ? 
_refine.solvent_model_param_ksol                 ? 
_refine.pdbx_isotropic_thermal_model             ? 
_refine.aniso_B[1][1]                            0.460 
_refine.aniso_B[2][2]                            0.460 
_refine.aniso_B[3][3]                            -0.690 
_refine.aniso_B[1][2]                            0.230 
_refine.aniso_B[1][3]                            0.000 
_refine.aniso_B[2][3]                            0.000 
_refine.correlation_coeff_Fo_to_Fc               0.941 
_refine.correlation_coeff_Fo_to_Fc_free          0.914 
_refine.overall_SU_R_Cruickshank_DPI             0.140 
_refine.overall_SU_R_free                        0.139 
_refine.pdbx_overall_ESU_R                       0.140 
_refine.pdbx_overall_ESU_R_Free                  0.139 
_refine.overall_SU_ML                            0.089 
_refine.overall_SU_B                             5.636 
_refine.solvent_model_details                    MASK 
_refine.pdbx_solvent_vdw_probe_radii             1.400 
_refine.pdbx_solvent_ion_probe_radii             0.800 
_refine.pdbx_solvent_shrinkage_radii             0.800 
_refine.ls_number_parameters                     ? 
_refine.ls_number_restraints                     ? 
_refine.pdbx_starting_model                      ? 
_refine.pdbx_method_to_determine_struct          SAD 
_refine.pdbx_stereochemistry_target_values       'MAXIMUM LIKELIHOOD' 
_refine.pdbx_stereochem_target_val_spec_case     ? 
_refine.overall_FOM_work_R_set                   0.839 
_refine.B_iso_max                                60.93 
_refine.B_iso_min                                2.95 
_refine.occupancy_max                            1.00 
_refine.occupancy_min                            0.22 
_refine.pdbx_ls_sigma_I                          ? 
_refine.ls_redundancy_reflns_obs                 ? 
_refine.ls_R_factor_R_free_error_details         ? 
_refine.pdbx_data_cutoff_high_rms_absF           ? 
_refine.overall_FOM_free_R_set                   ? 
_refine.pdbx_overall_phase_error                 ? 
_refine.pdbx_refine_id                           'X-RAY DIFFRACTION' 
_refine.pdbx_TLS_residual_ADP_flag               'LIKELY RESIDUAL' 
_refine.pdbx_diffrn_id                           1 
_refine.pdbx_overall_SU_R_free_Cruickshank_DPI   ? 
_refine.pdbx_overall_SU_R_Blow_DPI               ? 
_refine.pdbx_overall_SU_R_free_Blow_DPI          ? 
# 
_refine_hist.pdbx_refine_id                   'X-RAY DIFFRACTION' 
_refine_hist.cycle_id                         LAST 
_refine_hist.pdbx_number_atoms_protein        806 
_refine_hist.pdbx_number_atoms_nucleic_acid   0 
_refine_hist.pdbx_number_atoms_ligand         6 
_refine_hist.number_atoms_solvent             71 
_refine_hist.number_atoms_total               883 
_refine_hist.d_res_high                       1.900 
_refine_hist.d_res_low                        19.10 
# 
loop_
_refine_ls_restr.type 
_refine_ls_restr.number 
_refine_ls_restr.dev_ideal 
_refine_ls_restr.dev_ideal_target 
_refine_ls_restr.weight 
_refine_ls_restr.pdbx_refine_id 
_refine_ls_restr.pdbx_restraint_function 
r_bond_refined_d       875  0.016  0.022  ? 'X-RAY DIFFRACTION' ? 
r_angle_refined_deg    1204 1.388  1.973  ? 'X-RAY DIFFRACTION' ? 
r_dihedral_angle_1_deg 117  5.971  5.000  ? 'X-RAY DIFFRACTION' ? 
r_dihedral_angle_2_deg 45   32.792 23.333 ? 'X-RAY DIFFRACTION' ? 
r_dihedral_angle_3_deg 154  14.385 15.000 ? 'X-RAY DIFFRACTION' ? 
r_dihedral_angle_4_deg 11   20.377 15.000 ? 'X-RAY DIFFRACTION' ? 
r_chiral_restr         143  0.089  0.200  ? 'X-RAY DIFFRACTION' ? 
r_gen_planes_refined   675  0.006  0.021  ? 'X-RAY DIFFRACTION' ? 
r_mcbond_it            534  0.864  1.500  ? 'X-RAY DIFFRACTION' ? 
r_mcangle_it           874  1.568  2.000  ? 'X-RAY DIFFRACTION' ? 
r_scbond_it            341  2.416  3.000  ? 'X-RAY DIFFRACTION' ? 
r_scangle_it           322  4.041  4.500  ? 'X-RAY DIFFRACTION' ? 
# 
_refine_ls_shell.d_res_high                       1.900 
_refine_ls_shell.d_res_low                        1.949 
_refine_ls_shell.pdbx_total_number_of_bins_used   20 
_refine_ls_shell.percent_reflns_obs               99.890 
_refine_ls_shell.number_reflns_R_work             875 
_refine_ls_shell.R_factor_all                     ? 
_refine_ls_shell.R_factor_R_work                  0.216 
_refine_ls_shell.R_factor_R_free                  0.230 
_refine_ls_shell.percent_reflns_R_free            ? 
_refine_ls_shell.number_reflns_R_free             47 
_refine_ls_shell.R_factor_R_free_error            ? 
_refine_ls_shell.number_reflns_all                922 
_refine_ls_shell.number_reflns_obs                ? 
_refine_ls_shell.redundancy_reflns_obs            ? 
_refine_ls_shell.pdbx_refine_id                   'X-RAY DIFFRACTION' 
# 
_struct.entry_id                  3LR0 
_struct.title                     
'Periplasmic domain of the risS sensor protein from Burkholderia pseudomallei, iodide phased at low pH' 
_struct.pdbx_model_details        ? 
_struct.pdbx_CASP_flag            ? 
_struct.pdbx_model_type_details   ? 
# 
_struct_keywords.entry_id        3LR0 
_struct_keywords.pdbx_keywords   TRANSFERASE 
_struct_keywords.text            
;NIAID, Seattle Structural Genomics Center for Infectious Disease, SSGCID, pH, sensor protein, risS, iodide phased, Burkholderia, melioidosis, ATP-binding, Kinase, Membrane, Nucleotide-binding, Phosphoprotein, Transferase, Transmembrane, Two-component regulatory system
;
# 
loop_
_struct_asym.id 
_struct_asym.pdbx_blank_PDB_chainid_flag 
_struct_asym.pdbx_modified 
_struct_asym.entity_id 
_struct_asym.details 
A N N 1 ? 
B N N 2 ? 
C N N 2 ? 
D N N 2 ? 
E N N 2 ? 
F N N 2 ? 
G N N 2 ? 
H N N 3 ? 
# 
_struct_ref.id                         1 
_struct_ref.db_name                    UNP 
_struct_ref.db_code                    Q63T74_BURPS 
_struct_ref.pdbx_db_accession          Q63T74 
_struct_ref.entity_id                  1 
_struct_ref.pdbx_seq_one_letter_code   
;FRVIEREPRAQRVALQLVAIVKLTRTALLYSDPDLRRALLQDLESNEGVRVYPREKTDKFKLQPDESVNRLIEHDIRSRL
GDDTVIAQSVNDIPGVWISFKIDDDDYWVALDRDQLDTVTG
;
_struct_ref.pdbx_align_begin           38 
_struct_ref.pdbx_db_isoform            ? 
# 
_struct_ref_seq.align_id                      1 
_struct_ref_seq.ref_id                        1 
_struct_ref_seq.pdbx_PDB_id_code              3LR0 
_struct_ref_seq.pdbx_strand_id                A 
_struct_ref_seq.seq_align_beg                 23 
_struct_ref_seq.pdbx_seq_align_beg_ins_code   ? 
_struct_ref_seq.seq_align_end                 143 
_struct_ref_seq.pdbx_seq_align_end_ins_code   ? 
_struct_ref_seq.pdbx_db_accession             Q63T74 
_struct_ref_seq.db_align_beg                  38 
_struct_ref_seq.pdbx_db_align_beg_ins_code    ? 
_struct_ref_seq.db_align_end                  158 
_struct_ref_seq.pdbx_db_align_end_ins_code    ? 
_struct_ref_seq.pdbx_auth_seq_align_beg       31 
_struct_ref_seq.pdbx_auth_seq_align_end       151 
# 
loop_
_struct_ref_seq_dif.align_id 
_struct_ref_seq_dif.pdbx_pdb_id_code 
_struct_ref_seq_dif.mon_id 
_struct_ref_seq_dif.pdbx_pdb_strand_id 
_struct_ref_seq_dif.seq_num 
_struct_ref_seq_dif.pdbx_pdb_ins_code 
_struct_ref_seq_dif.pdbx_seq_db_name 
_struct_ref_seq_dif.pdbx_seq_db_accession_code 
_struct_ref_seq_dif.db_mon_id 
_struct_ref_seq_dif.pdbx_seq_db_seq_num 
_struct_ref_seq_dif.details 
_struct_ref_seq_dif.pdbx_auth_seq_num 
_struct_ref_seq_dif.pdbx_ordinal 
1 3LR0 MET A 1  ? UNP Q63T74 ? ? 'expression tag' 9  1  
1 3LR0 ALA A 2  ? UNP Q63T74 ? ? 'expression tag' 10 2  
1 3LR0 HIS A 3  ? UNP Q63T74 ? ? 'expression tag' 11 3  
1 3LR0 HIS A 4  ? UNP Q63T74 ? ? 'expression tag' 12 4  
1 3LR0 HIS A 5  ? UNP Q63T74 ? ? 'expression tag' 13 5  
1 3LR0 HIS A 6  ? UNP Q63T74 ? ? 'expression tag' 14 6  
1 3LR0 HIS A 7  ? UNP Q63T74 ? ? 'expression tag' 15 7  
1 3LR0 HIS A 8  ? UNP Q63T74 ? ? 'expression tag' 16 8  
1 3LR0 MET A 9  ? UNP Q63T74 ? ? 'expression tag' 17 9  
1 3LR0 GLY A 10 ? UNP Q63T74 ? ? 'expression tag' 18 10 
1 3LR0 THR A 11 ? UNP Q63T74 ? ? 'expression tag' 19 11 
1 3LR0 LEU A 12 ? UNP Q63T74 ? ? 'expression tag' 20 12 
1 3LR0 GLU A 13 ? UNP Q63T74 ? ? 'expression tag' 21 13 
1 3LR0 ALA A 14 ? UNP Q63T74 ? ? 'expression tag' 22 14 
1 3LR0 GLN A 15 ? UNP Q63T74 ? ? 'expression tag' 23 15 
1 3LR0 THR A 16 ? UNP Q63T74 ? ? 'expression tag' 24 16 
1 3LR0 GLN A 17 ? UNP Q63T74 ? ? 'expression tag' 25 17 
1 3LR0 GLY A 18 ? UNP Q63T74 ? ? 'expression tag' 26 18 
1 3LR0 PRO A 19 ? UNP Q63T74 ? ? 'expression tag' 27 19 
1 3LR0 GLY A 20 ? UNP Q63T74 ? ? 'expression tag' 28 20 
1 3LR0 SER A 21 ? UNP Q63T74 ? ? 'expression tag' 29 21 
1 3LR0 MET A 22 ? UNP Q63T74 ? ? 'expression tag' 30 22 
# 
_pdbx_struct_assembly.id                   1 
_pdbx_struct_assembly.details              author_and_software_defined_assembly 
_pdbx_struct_assembly.method_details       PISA 
_pdbx_struct_assembly.oligomeric_details   dimeric 
_pdbx_struct_assembly.oligomeric_count     2 
# 
loop_
_pdbx_struct_assembly_prop.biol_id 
_pdbx_struct_assembly_prop.type 
_pdbx_struct_assembly_prop.value 
_pdbx_struct_assembly_prop.details 
1 'ABSA (A^2)' 1670  ? 
1 MORE         -11   ? 
1 'SSA (A^2)'  10970 ? 
# 
_pdbx_struct_assembly_gen.assembly_id       1 
_pdbx_struct_assembly_gen.oper_expression   1,2 
_pdbx_struct_assembly_gen.asym_id_list      A,B,C,D,E,F,G,H 
# 
loop_
_pdbx_struct_oper_list.id 
_pdbx_struct_oper_list.type 
_pdbx_struct_oper_list.name 
_pdbx_struct_oper_list.symmetry_operation 
_pdbx_struct_oper_list.matrix[1][1] 
_pdbx_struct_oper_list.matrix[1][2] 
_pdbx_struct_oper_list.matrix[1][3] 
_pdbx_struct_oper_list.vector[1] 
_pdbx_struct_oper_list.matrix[2][1] 
_pdbx_struct_oper_list.matrix[2][2] 
_pdbx_struct_oper_list.matrix[2][3] 
_pdbx_struct_oper_list.vector[2] 
_pdbx_struct_oper_list.matrix[3][1] 
_pdbx_struct_oper_list.matrix[3][2] 
_pdbx_struct_oper_list.matrix[3][3] 
_pdbx_struct_oper_list.vector[3] 
1 'identity operation'         1_555 x,y,z  1.0000000000  0.0000000000  0.0000000000 0.0000000000   0.0000000000  1.0000000000 0.0000000000  0.0000000000  0.0000000000 0.0000000000  1.0000000000  0.0000000000 
2 'crystal symmetry operation' 4_555 y,x,-z -0.9280688967 -0.3686279788 0.0529295394 -21.4508706896 -0.3686279788 0.8891214037 -0.2712499637 -3.5277070145 0.0529295394 -0.2712499637 -0.9610525069 4.5829472649 
# 
_struct_biol.id        1 
_struct_biol.details   ? 
# 
loop_
_struct_conf.conf_type_id 
_struct_conf.id 
_struct_conf.pdbx_PDB_helix_id 
_struct_conf.beg_label_comp_id 
_struct_conf.beg_label_asym_id 
_struct_conf.beg_label_seq_id 
_struct_conf.pdbx_beg_PDB_ins_code 
_struct_conf.end_label_comp_id 
_struct_conf.end_label_asym_id 
_struct_conf.end_label_seq_id 
_struct_conf.pdbx_end_PDB_ins_code 
_struct_conf.beg_auth_comp_id 
_struct_conf.beg_auth_asym_id 
_struct_conf.beg_auth_seq_id 
_struct_conf.end_auth_comp_id 
_struct_conf.end_auth_asym_id 
_struct_conf.end_auth_seq_id 
_struct_conf.pdbx_PDB_helix_class 
_struct_conf.details 
_struct_conf.pdbx_PDB_helix_length 
HELX_P HELX_P1 1 ALA A 32 ? SER A 53  ? ALA A 40 SER A 61  1 ? 22 
HELX_P HELX_P2 2 ASP A 54 ? ASP A 56  ? ASP A 62 ASP A 64  5 ? 3  
HELX_P HELX_P3 3 LEU A 57 ? GLY A 70  ? LEU A 65 GLY A 78  1 ? 14 
HELX_P HELX_P4 4 VAL A 90 ? GLY A 103 ? VAL A 98 GLY A 111 1 ? 14 
# 
_struct_conf_type.id          HELX_P 
_struct_conf_type.criteria    ? 
_struct_conf_type.reference   ? 
# 
_struct_sheet.id               A 
_struct_sheet.type             ? 
_struct_sheet.number_strands   5 
_struct_sheet.details          ? 
# 
loop_
_struct_sheet_order.sheet_id 
_struct_sheet_order.range_id_1 
_struct_sheet_order.range_id_2 
_struct_sheet_order.offset 
_struct_sheet_order.sense 
A 1 2 ? anti-parallel 
A 2 3 ? anti-parallel 
A 3 4 ? anti-parallel 
A 4 5 ? anti-parallel 
# 
loop_
_struct_sheet_range.sheet_id 
_struct_sheet_range.id 
_struct_sheet_range.beg_label_comp_id 
_struct_sheet_range.beg_label_asym_id 
_struct_sheet_range.beg_label_seq_id 
_struct_sheet_range.pdbx_beg_PDB_ins_code 
_struct_sheet_range.end_label_comp_id 
_struct_sheet_range.end_label_asym_id 
_struct_sheet_range.end_label_seq_id 
_struct_sheet_range.pdbx_end_PDB_ins_code 
_struct_sheet_range.beg_auth_comp_id 
_struct_sheet_range.beg_auth_asym_id 
_struct_sheet_range.beg_auth_seq_id 
_struct_sheet_range.end_auth_comp_id 
_struct_sheet_range.end_auth_asym_id 
_struct_sheet_range.end_auth_seq_id 
A 1 ARG A 72  ? PRO A 75  ? ARG A 80  PRO A 83  
A 2 ASP A 127 ? LEU A 133 ? ASP A 135 LEU A 141 
A 3 ILE A 115 ? ILE A 124 ? ILE A 123 ILE A 132 
A 4 ILE A 108 ? VAL A 112 ? ILE A 116 VAL A 120 
A 5 PHE A 82  ? LYS A 83  ? PHE A 90  LYS A 91  
# 
loop_
_pdbx_struct_sheet_hbond.sheet_id 
_pdbx_struct_sheet_hbond.range_id_1 
_pdbx_struct_sheet_hbond.range_id_2 
_pdbx_struct_sheet_hbond.range_1_label_atom_id 
_pdbx_struct_sheet_hbond.range_1_label_comp_id 
_pdbx_struct_sheet_hbond.range_1_label_asym_id 
_pdbx_struct_sheet_hbond.range_1_label_seq_id 
_pdbx_struct_sheet_hbond.range_1_PDB_ins_code 
_pdbx_struct_sheet_hbond.range_1_auth_atom_id 
_pdbx_struct_sheet_hbond.range_1_auth_comp_id 
_pdbx_struct_sheet_hbond.range_1_auth_asym_id 
_pdbx_struct_sheet_hbond.range_1_auth_seq_id 
_pdbx_struct_sheet_hbond.range_2_label_atom_id 
_pdbx_struct_sheet_hbond.range_2_label_comp_id 
_pdbx_struct_sheet_hbond.range_2_label_asym_id 
_pdbx_struct_sheet_hbond.range_2_label_seq_id 
_pdbx_struct_sheet_hbond.range_2_PDB_ins_code 
_pdbx_struct_sheet_hbond.range_2_auth_atom_id 
_pdbx_struct_sheet_hbond.range_2_auth_comp_id 
_pdbx_struct_sheet_hbond.range_2_auth_asym_id 
_pdbx_struct_sheet_hbond.range_2_auth_seq_id 
A 1 2 N ARG A 72  ? N ARG A 80  O ALA A 132 ? O ALA A 140 
A 2 3 O TYR A 129 ? O TYR A 137 N PHE A 122 ? N PHE A 130 
A 3 4 O TRP A 119 ? O TRP A 127 N ALA A 109 ? N ALA A 117 
A 4 5 O GLN A 110 ? O GLN A 118 N LYS A 83  ? N LYS A 91  
# 
loop_
_struct_site.id 
_struct_site.pdbx_evidence_code 
_struct_site.pdbx_auth_asym_id 
_struct_site.pdbx_auth_comp_id 
_struct_site.pdbx_auth_seq_id 
_struct_site.pdbx_auth_ins_code 
_struct_site.pdbx_num_residues 
_struct_site.details 
AC1 Software A IOD 2 ? 2 'BINDING SITE FOR RESIDUE IOD A 2' 
AC2 Software A IOD 4 ? 3 'BINDING SITE FOR RESIDUE IOD A 4' 
AC3 Software A IOD 5 ? 2 'BINDING SITE FOR RESIDUE IOD A 5' 
AC4 Software A IOD 6 ? 1 'BINDING SITE FOR RESIDUE IOD A 6' 
# 
loop_
_struct_site_gen.id 
_struct_site_gen.site_id 
_struct_site_gen.pdbx_num_res 
_struct_site_gen.label_comp_id 
_struct_site_gen.label_asym_id 
_struct_site_gen.label_seq_id 
_struct_site_gen.pdbx_auth_ins_code 
_struct_site_gen.auth_comp_id 
_struct_site_gen.auth_asym_id 
_struct_site_gen.auth_seq_id 
_struct_site_gen.label_atom_id 
_struct_site_gen.label_alt_id 
_struct_site_gen.symmetry 
_struct_site_gen.details 
1 AC1 2 GLN A 38  ? GLN A 46  . ? 1_555 ? 
2 AC1 2 GLN A 38  ? GLN A 46  . ? 4_555 ? 
3 AC2 3 LYS A 81  ? LYS A 89  . ? 1_555 ? 
4 AC2 3 SER A 111 ? SER A 119 . ? 1_555 ? 
5 AC2 3 ASP A 114 ? ASP A 122 . ? 1_555 ? 
6 AC3 2 ARG A 59  ? ARG A 67  . ? 1_555 ? 
7 AC3 2 PRO A 75  ? PRO A 83  . ? 1_555 ? 
8 AC4 1 LYS A 123 ? LYS A 131 . ? 1_555 ? 
# 
_pdbx_validate_rmsd_bond.id                        1 
_pdbx_validate_rmsd_bond.PDB_model_num             1 
_pdbx_validate_rmsd_bond.auth_atom_id_1            CD 
_pdbx_validate_rmsd_bond.auth_asym_id_1            A 
_pdbx_validate_rmsd_bond.auth_comp_id_1            GLN 
_pdbx_validate_rmsd_bond.auth_seq_id_1             46 
_pdbx_validate_rmsd_bond.PDB_ins_code_1            ? 
_pdbx_validate_rmsd_bond.label_alt_id_1            B 
_pdbx_validate_rmsd_bond.auth_atom_id_2            NE2 
_pdbx_validate_rmsd_bond.auth_asym_id_2            A 
_pdbx_validate_rmsd_bond.auth_comp_id_2            GLN 
_pdbx_validate_rmsd_bond.auth_seq_id_2             46 
_pdbx_validate_rmsd_bond.PDB_ins_code_2            ? 
_pdbx_validate_rmsd_bond.label_alt_id_2            B 
_pdbx_validate_rmsd_bond.bond_value                1.056 
_pdbx_validate_rmsd_bond.bond_target_value         1.324 
_pdbx_validate_rmsd_bond.bond_deviation            -0.268 
_pdbx_validate_rmsd_bond.bond_standard_deviation   0.025 
_pdbx_validate_rmsd_bond.linker_flag               N 
# 
loop_
_pdbx_validate_torsion.id 
_pdbx_validate_torsion.PDB_model_num 
_pdbx_validate_torsion.auth_comp_id 
_pdbx_validate_torsion.auth_asym_id 
_pdbx_validate_torsion.auth_seq_id 
_pdbx_validate_torsion.PDB_ins_code 
_pdbx_validate_torsion.label_alt_id 
_pdbx_validate_torsion.phi 
_pdbx_validate_torsion.psi 
1 1 SER A 97  ? ? 49.03 -114.53 
2 1 ASP A 133 ? ? 55.15 -123.92 
# 
_pdbx_SG_project.id                    1 
_pdbx_SG_project.project_name          ? 
_pdbx_SG_project.full_name_of_center   'Seattle Structural Genomics Center for Infectious Disease' 
_pdbx_SG_project.initial_of_center     SSGCID 
# 
_pdbx_struct_special_symmetry.id              1 
_pdbx_struct_special_symmetry.PDB_model_num   1 
_pdbx_struct_special_symmetry.auth_asym_id    A 
_pdbx_struct_special_symmetry.auth_comp_id    GLN 
_pdbx_struct_special_symmetry.auth_seq_id     46 
_pdbx_struct_special_symmetry.PDB_ins_code    ? 
_pdbx_struct_special_symmetry.label_asym_id   A 
_pdbx_struct_special_symmetry.label_comp_id   GLN 
_pdbx_struct_special_symmetry.label_seq_id    38 
# 
_diffrn_reflns.diffrn_id                   1 
_diffrn_reflns.pdbx_d_res_high             1.900 
_diffrn_reflns.pdbx_d_res_low              ? 
_diffrn_reflns.pdbx_number_obs             12191 
_diffrn_reflns.pdbx_Rmerge_I_obs           0.046 
_diffrn_reflns.pdbx_Rsym_value             ? 
_diffrn_reflns.pdbx_chi_squared            ? 
_diffrn_reflns.av_sigmaI_over_netI         ? 
_diffrn_reflns.pdbx_redundancy             ? 
_diffrn_reflns.pdbx_percent_possible_obs   99.80 
_diffrn_reflns.number                      89341 
_diffrn_reflns.pdbx_observed_criterion     ? 
_diffrn_reflns.limit_h_max                 ? 
_diffrn_reflns.limit_h_min                 ? 
_diffrn_reflns.limit_k_max                 ? 
_diffrn_reflns.limit_k_min                 ? 
_diffrn_reflns.limit_l_max                 ? 
_diffrn_reflns.limit_l_min                 ? 
# 
loop_
_pdbx_diffrn_reflns_shell.diffrn_id 
_pdbx_diffrn_reflns_shell.d_res_high 
_pdbx_diffrn_reflns_shell.d_res_low 
_pdbx_diffrn_reflns_shell.number_obs 
_pdbx_diffrn_reflns_shell.rejects 
_pdbx_diffrn_reflns_shell.Rmerge_I_obs 
_pdbx_diffrn_reflns_shell.Rsym_value 
_pdbx_diffrn_reflns_shell.chi_squared 
_pdbx_diffrn_reflns_shell.redundancy 
_pdbx_diffrn_reflns_shell.percent_possible_obs 
1 8.50 19.10 147 ? 0.032 ? ? ? 89.10  
1 6.01 8.50  270 ? 0.033 ? ? ? 99.60  
1 4.91 6.01  345 ? 0.036 ? ? ? 100.00 
1 4.25 4.91  401 ? 0.030 ? ? ? 100.00 
1 3.80 4.25  446 ? 0.032 ? ? ? 100.00 
1 3.47 3.80  495 ? 0.032 ? ? ? 100.00 
1 3.21 3.47  529 ? 0.039 ? ? ? 100.00 
1 3.00 3.21  555 ? 0.044 ? ? ? 100.00 
1 2.83 3.00  604 ? 0.054 ? ? ? 100.00 
1 2.69 2.83  628 ? 0.065 ? ? ? 99.80  
1 2.56 2.69  661 ? 0.067 ? ? ? 100.00 
1 2.45 2.56  665 ? 0.087 ? ? ? 100.00 
1 2.36 2.45  727 ? 0.090 ? ? ? 100.00 
1 2.27 2.36  743 ? 0.110 ? ? ? 100.00 
1 2.19 2.27  770 ? 0.120 ? ? ? 100.00 
1 2.12 2.19  788 ? 0.148 ? ? ? 100.00 
1 2.06 2.12  824 ? 0.185 ? ? ? 100.00 
1 2.00 2.06  829 ? 0.240 ? ? ? 100.00 
1 1.95 2.00  840 ? 0.330 ? ? ? 100.00 
1 1.90 1.95  924 ? 0.337 ? ? ? 99.90  
# 
_pdbx_refine_tls.pdbx_refine_id   'X-RAY DIFFRACTION' 
_pdbx_refine_tls.id               1 
_pdbx_refine_tls.details          ? 
_pdbx_refine_tls.method           refined 
_pdbx_refine_tls.origin_x         0.8265 
_pdbx_refine_tls.origin_y         0.1262 
_pdbx_refine_tls.origin_z         -0.0995 
_pdbx_refine_tls.T[1][1]          0.0192 
_pdbx_refine_tls.T[2][2]          0.0756 
_pdbx_refine_tls.T[3][3]          0.0324 
_pdbx_refine_tls.T[1][2]          -0.0120 
_pdbx_refine_tls.T[1][3]          0.0050 
_pdbx_refine_tls.T[2][3]          0.0141 
_pdbx_refine_tls.L[1][1]          4.2914 
_pdbx_refine_tls.L[2][2]          1.0617 
_pdbx_refine_tls.L[3][3]          1.1423 
_pdbx_refine_tls.L[1][2]          -0.8440 
_pdbx_refine_tls.L[1][3]          -0.9445 
_pdbx_refine_tls.L[2][3]          0.4867 
_pdbx_refine_tls.S[1][1]          -0.0132 
_pdbx_refine_tls.S[2][2]          -0.0448 
_pdbx_refine_tls.S[3][3]          0.0580 
_pdbx_refine_tls.S[1][2]          -0.0774 
_pdbx_refine_tls.S[1][3]          -0.2098 
_pdbx_refine_tls.S[2][3]          -0.0502 
_pdbx_refine_tls.S[2][1]          0.0312 
_pdbx_refine_tls.S[3][1]          -0.0293 
_pdbx_refine_tls.S[3][2]          0.1651 
# 
loop_
_pdbx_refine_tls_group.pdbx_refine_id 
_pdbx_refine_tls_group.id 
_pdbx_refine_tls_group.refine_tls_id 
_pdbx_refine_tls_group.beg_auth_asym_id 
_pdbx_refine_tls_group.beg_auth_seq_id 
_pdbx_refine_tls_group.end_auth_asym_id 
_pdbx_refine_tls_group.end_auth_seq_id 
_pdbx_refine_tls_group.selection_details 
_pdbx_refine_tls_group.beg_label_asym_id 
_pdbx_refine_tls_group.beg_label_seq_id 
_pdbx_refine_tls_group.end_label_asym_id 
_pdbx_refine_tls_group.end_label_seq_id 
_pdbx_refine_tls_group.selection 
'X-RAY DIFFRACTION' 1 1 A 40 A 141 ? . . . . ? 
'X-RAY DIFFRACTION' 2 1 A 1  A 6   ? . . . . ? 
'X-RAY DIFFRACTION' 3 1 A 7  A 220 ? . . . . ? 
# 
loop_
_pdbx_phasing_MAD_shell.d_res_high 
_pdbx_phasing_MAD_shell.d_res_low 
_pdbx_phasing_MAD_shell.reflns_acentric 
_pdbx_phasing_MAD_shell.fom_acentric 
_pdbx_phasing_MAD_shell.reflns_centric 
_pdbx_phasing_MAD_shell.fom_centric 
_pdbx_phasing_MAD_shell.reflns 
_pdbx_phasing_MAD_shell.fom 
8.12 19.10 101 0.579 74 0.272 175 0.450 
6.02 8.12  174 0.619 71 0.313 245 0.530 
5.00 6.02  234 0.560 73 0.247 307 0.486 
4.36 5.00  280 0.559 71 0.147 351 0.476 
3.92 4.36  310 0.565 78 0.178 388 0.487 
3.59 3.92  355 0.589 73 0.144 428 0.513 
3.34 3.59  391 0.604 73 0.156 464 0.534 
3.13 3.34  406 0.583 80 0.189 486 0.518 
2.95 3.13  447 0.569 67 0.230 514 0.525 
2.80 2.95  456 0.561 67 0.219 523 0.517 
2.68 2.80  506 0.529 75 0.232 581 0.491 
2.56 2.68  521 0.512 79 0.197 600 0.470 
2.47 2.56  544 0.455 72 0.221 616 0.427 
2.38 2.47  557 0.460 75 0.165 632 0.425 
2.30 2.38  584 0.403 68 0.222 652 0.384 
2.23 2.30  606 0.388 76 0.173 683 0.363 
2.16 2.23  619 0.348 81 0.151 700 0.325 
2.10 2.16  661 0.332 68 0.213 731 0.320 
# 
_phasing.method   SAD 
# 
_phasing_MAD.entry_id               3LR0 
_phasing_MAD.pdbx_d_res_high        2.10 
_phasing_MAD.pdbx_d_res_low         19.10 
_phasing_MAD.pdbx_reflns_acentric   7752 
_phasing_MAD.pdbx_fom_acentric      0.486 
_phasing_MAD.pdbx_reflns_centric    1321 
_phasing_MAD.pdbx_fom_centric       0.203 
_phasing_MAD.pdbx_reflns            9076 
_phasing_MAD.pdbx_fom               0.444 
# 
loop_
_pdbx_unobs_or_zero_occ_residues.id 
_pdbx_unobs_or_zero_occ_residues.PDB_model_num 
_pdbx_unobs_or_zero_occ_residues.polymer_flag 
_pdbx_unobs_or_zero_occ_residues.occupancy_flag 
_pdbx_unobs_or_zero_occ_residues.auth_asym_id 
_pdbx_unobs_or_zero_occ_residues.auth_comp_id 
_pdbx_unobs_or_zero_occ_residues.auth_seq_id 
_pdbx_unobs_or_zero_occ_residues.PDB_ins_code 
_pdbx_unobs_or_zero_occ_residues.label_asym_id 
_pdbx_unobs_or_zero_occ_residues.label_comp_id 
_pdbx_unobs_or_zero_occ_residues.label_seq_id 
1  1 Y 1 A MET 9   ? A MET 1   
2  1 Y 1 A ALA 10  ? A ALA 2   
3  1 Y 1 A HIS 11  ? A HIS 3   
4  1 Y 1 A HIS 12  ? A HIS 4   
5  1 Y 1 A HIS 13  ? A HIS 5   
6  1 Y 1 A HIS 14  ? A HIS 6   
7  1 Y 1 A HIS 15  ? A HIS 7   
8  1 Y 1 A HIS 16  ? A HIS 8   
9  1 Y 1 A MET 17  ? A MET 9   
10 1 Y 1 A GLY 18  ? A GLY 10  
11 1 Y 1 A THR 19  ? A THR 11  
12 1 Y 1 A LEU 20  ? A LEU 12  
13 1 Y 1 A GLU 21  ? A GLU 13  
14 1 Y 1 A ALA 22  ? A ALA 14  
15 1 Y 1 A GLN 23  ? A GLN 15  
16 1 Y 1 A THR 24  ? A THR 16  
17 1 Y 1 A GLN 25  ? A GLN 17  
18 1 Y 1 A GLY 26  ? A GLY 18  
19 1 Y 1 A PRO 27  ? A PRO 19  
20 1 Y 1 A GLY 28  ? A GLY 20  
21 1 Y 1 A SER 29  ? A SER 21  
22 1 Y 1 A MET 30  ? A MET 22  
23 1 Y 1 A PHE 31  ? A PHE 23  
24 1 Y 1 A ARG 32  ? A ARG 24  
25 1 Y 1 A VAL 33  ? A VAL 25  
26 1 Y 1 A ILE 34  ? A ILE 26  
27 1 Y 1 A GLU 35  ? A GLU 27  
28 1 Y 1 A ARG 36  ? A ARG 28  
29 1 Y 1 A GLU 37  ? A GLU 29  
30 1 Y 1 A PRO 38  ? A PRO 30  
31 1 Y 1 A ARG 39  ? A ARG 31  
32 1 Y 1 A ASP 142 ? A ASP 134 
33 1 Y 1 A ARG 143 ? A ARG 135 
34 1 Y 1 A ASP 144 ? A ASP 136 
35 1 Y 1 A GLN 145 ? A GLN 137 
36 1 Y 1 A LEU 146 ? A LEU 138 
37 1 Y 1 A ASP 147 ? A ASP 139 
38 1 Y 1 A THR 148 ? A THR 140 
39 1 Y 1 A VAL 149 ? A VAL 141 
40 1 Y 1 A THR 150 ? A THR 142 
41 1 Y 1 A GLY 151 ? A GLY 143 
# 
loop_
_chem_comp_atom.comp_id 
_chem_comp_atom.atom_id 
_chem_comp_atom.type_symbol 
_chem_comp_atom.pdbx_aromatic_flag 
_chem_comp_atom.pdbx_stereo_config 
_chem_comp_atom.pdbx_ordinal 
ALA N    N N N 1   
ALA CA   C N S 2   
ALA C    C N N 3   
ALA O    O N N 4   
ALA CB   C N N 5   
ALA OXT  O N N 6   
ALA H    H N N 7   
ALA H2   H N N 8   
ALA HA   H N N 9   
ALA HB1  H N N 10  
ALA HB2  H N N 11  
ALA HB3  H N N 12  
ALA HXT  H N N 13  
ARG N    N N N 14  
ARG CA   C N S 15  
ARG C    C N N 16  
ARG O    O N N 17  
ARG CB   C N N 18  
ARG CG   C N N 19  
ARG CD   C N N 20  
ARG NE   N N N 21  
ARG CZ   C N N 22  
ARG NH1  N N N 23  
ARG NH2  N N N 24  
ARG OXT  O N N 25  
ARG H    H N N 26  
ARG H2   H N N 27  
ARG HA   H N N 28  
ARG HB2  H N N 29  
ARG HB3  H N N 30  
ARG HG2  H N N 31  
ARG HG3  H N N 32  
ARG HD2  H N N 33  
ARG HD3  H N N 34  
ARG HE   H N N 35  
ARG HH11 H N N 36  
ARG HH12 H N N 37  
ARG HH21 H N N 38  
ARG HH22 H N N 39  
ARG HXT  H N N 40  
ASN N    N N N 41  
ASN CA   C N S 42  
ASN C    C N N 43  
ASN O    O N N 44  
ASN CB   C N N 45  
ASN CG   C N N 46  
ASN OD1  O N N 47  
ASN ND2  N N N 48  
ASN OXT  O N N 49  
ASN H    H N N 50  
ASN H2   H N N 51  
ASN HA   H N N 52  
ASN HB2  H N N 53  
ASN HB3  H N N 54  
ASN HD21 H N N 55  
ASN HD22 H N N 56  
ASN HXT  H N N 57  
ASP N    N N N 58  
ASP CA   C N S 59  
ASP C    C N N 60  
ASP O    O N N 61  
ASP CB   C N N 62  
ASP CG   C N N 63  
ASP OD1  O N N 64  
ASP OD2  O N N 65  
ASP OXT  O N N 66  
ASP H    H N N 67  
ASP H2   H N N 68  
ASP HA   H N N 69  
ASP HB2  H N N 70  
ASP HB3  H N N 71  
ASP HD2  H N N 72  
ASP HXT  H N N 73  
GLN N    N N N 74  
GLN CA   C N S 75  
GLN C    C N N 76  
GLN O    O N N 77  
GLN CB   C N N 78  
GLN CG   C N N 79  
GLN CD   C N N 80  
GLN OE1  O N N 81  
GLN NE2  N N N 82  
GLN OXT  O N N 83  
GLN H    H N N 84  
GLN H2   H N N 85  
GLN HA   H N N 86  
GLN HB2  H N N 87  
GLN HB3  H N N 88  
GLN HG2  H N N 89  
GLN HG3  H N N 90  
GLN HE21 H N N 91  
GLN HE22 H N N 92  
GLN HXT  H N N 93  
GLU N    N N N 94  
GLU CA   C N S 95  
GLU C    C N N 96  
GLU O    O N N 97  
GLU CB   C N N 98  
GLU CG   C N N 99  
GLU CD   C N N 100 
GLU OE1  O N N 101 
GLU OE2  O N N 102 
GLU OXT  O N N 103 
GLU H    H N N 104 
GLU H2   H N N 105 
GLU HA   H N N 106 
GLU HB2  H N N 107 
GLU HB3  H N N 108 
GLU HG2  H N N 109 
GLU HG3  H N N 110 
GLU HE2  H N N 111 
GLU HXT  H N N 112 
GLY N    N N N 113 
GLY CA   C N N 114 
GLY C    C N N 115 
GLY O    O N N 116 
GLY OXT  O N N 117 
GLY H    H N N 118 
GLY H2   H N N 119 
GLY HA2  H N N 120 
GLY HA3  H N N 121 
GLY HXT  H N N 122 
HIS N    N N N 123 
HIS CA   C N S 124 
HIS C    C N N 125 
HIS O    O N N 126 
HIS CB   C N N 127 
HIS CG   C Y N 128 
HIS ND1  N Y N 129 
HIS CD2  C Y N 130 
HIS CE1  C Y N 131 
HIS NE2  N Y N 132 
HIS OXT  O N N 133 
HIS H    H N N 134 
HIS H2   H N N 135 
HIS HA   H N N 136 
HIS HB2  H N N 137 
HIS HB3  H N N 138 
HIS HD1  H N N 139 
HIS HD2  H N N 140 
HIS HE1  H N N 141 
HIS HE2  H N N 142 
HIS HXT  H N N 143 
HOH O    O N N 144 
HOH H1   H N N 145 
HOH H2   H N N 146 
ILE N    N N N 147 
ILE CA   C N S 148 
ILE C    C N N 149 
ILE O    O N N 150 
ILE CB   C N S 151 
ILE CG1  C N N 152 
ILE CG2  C N N 153 
ILE CD1  C N N 154 
ILE OXT  O N N 155 
ILE H    H N N 156 
ILE H2   H N N 157 
ILE HA   H N N 158 
ILE HB   H N N 159 
ILE HG12 H N N 160 
ILE HG13 H N N 161 
ILE HG21 H N N 162 
ILE HG22 H N N 163 
ILE HG23 H N N 164 
ILE HD11 H N N 165 
ILE HD12 H N N 166 
ILE HD13 H N N 167 
ILE HXT  H N N 168 
IOD I    I N N 169 
LEU N    N N N 170 
LEU CA   C N S 171 
LEU C    C N N 172 
LEU O    O N N 173 
LEU CB   C N N 174 
LEU CG   C N N 175 
LEU CD1  C N N 176 
LEU CD2  C N N 177 
LEU OXT  O N N 178 
LEU H    H N N 179 
LEU H2   H N N 180 
LEU HA   H N N 181 
LEU HB2  H N N 182 
LEU HB3  H N N 183 
LEU HG   H N N 184 
LEU HD11 H N N 185 
LEU HD12 H N N 186 
LEU HD13 H N N 187 
LEU HD21 H N N 188 
LEU HD22 H N N 189 
LEU HD23 H N N 190 
LEU HXT  H N N 191 
LYS N    N N N 192 
LYS CA   C N S 193 
LYS C    C N N 194 
LYS O    O N N 195 
LYS CB   C N N 196 
LYS CG   C N N 197 
LYS CD   C N N 198 
LYS CE   C N N 199 
LYS NZ   N N N 200 
LYS OXT  O N N 201 
LYS H    H N N 202 
LYS H2   H N N 203 
LYS HA   H N N 204 
LYS HB2  H N N 205 
LYS HB3  H N N 206 
LYS HG2  H N N 207 
LYS HG3  H N N 208 
LYS HD2  H N N 209 
LYS HD3  H N N 210 
LYS HE2  H N N 211 
LYS HE3  H N N 212 
LYS HZ1  H N N 213 
LYS HZ2  H N N 214 
LYS HZ3  H N N 215 
LYS HXT  H N N 216 
MET N    N N N 217 
MET CA   C N S 218 
MET C    C N N 219 
MET O    O N N 220 
MET CB   C N N 221 
MET CG   C N N 222 
MET SD   S N N 223 
MET CE   C N N 224 
MET OXT  O N N 225 
MET H    H N N 226 
MET H2   H N N 227 
MET HA   H N N 228 
MET HB2  H N N 229 
MET HB3  H N N 230 
MET HG2  H N N 231 
MET HG3  H N N 232 
MET HE1  H N N 233 
MET HE2  H N N 234 
MET HE3  H N N 235 
MET HXT  H N N 236 
PHE N    N N N 237 
PHE CA   C N S 238 
PHE C    C N N 239 
PHE O    O N N 240 
PHE CB   C N N 241 
PHE CG   C Y N 242 
PHE CD1  C Y N 243 
PHE CD2  C Y N 244 
PHE CE1  C Y N 245 
PHE CE2  C Y N 246 
PHE CZ   C Y N 247 
PHE OXT  O N N 248 
PHE H    H N N 249 
PHE H2   H N N 250 
PHE HA   H N N 251 
PHE HB2  H N N 252 
PHE HB3  H N N 253 
PHE HD1  H N N 254 
PHE HD2  H N N 255 
PHE HE1  H N N 256 
PHE HE2  H N N 257 
PHE HZ   H N N 258 
PHE HXT  H N N 259 
PRO N    N N N 260 
PRO CA   C N S 261 
PRO C    C N N 262 
PRO O    O N N 263 
PRO CB   C N N 264 
PRO CG   C N N 265 
PRO CD   C N N 266 
PRO OXT  O N N 267 
PRO H    H N N 268 
PRO HA   H N N 269 
PRO HB2  H N N 270 
PRO HB3  H N N 271 
PRO HG2  H N N 272 
PRO HG3  H N N 273 
PRO HD2  H N N 274 
PRO HD3  H N N 275 
PRO HXT  H N N 276 
SER N    N N N 277 
SER CA   C N S 278 
SER C    C N N 279 
SER O    O N N 280 
SER CB   C N N 281 
SER OG   O N N 282 
SER OXT  O N N 283 
SER H    H N N 284 
SER H2   H N N 285 
SER HA   H N N 286 
SER HB2  H N N 287 
SER HB3  H N N 288 
SER HG   H N N 289 
SER HXT  H N N 290 
THR N    N N N 291 
THR CA   C N S 292 
THR C    C N N 293 
THR O    O N N 294 
THR CB   C N R 295 
THR OG1  O N N 296 
THR CG2  C N N 297 
THR OXT  O N N 298 
THR H    H N N 299 
THR H2   H N N 300 
THR HA   H N N 301 
THR HB   H N N 302 
THR HG1  H N N 303 
THR HG21 H N N 304 
THR HG22 H N N 305 
THR HG23 H N N 306 
THR HXT  H N N 307 
TRP N    N N N 308 
TRP CA   C N S 309 
TRP C    C N N 310 
TRP O    O N N 311 
TRP CB   C N N 312 
TRP CG   C Y N 313 
TRP CD1  C Y N 314 
TRP CD2  C Y N 315 
TRP NE1  N Y N 316 
TRP CE2  C Y N 317 
TRP CE3  C Y N 318 
TRP CZ2  C Y N 319 
TRP CZ3  C Y N 320 
TRP CH2  C Y N 321 
TRP OXT  O N N 322 
TRP H    H N N 323 
TRP H2   H N N 324 
TRP HA   H N N 325 
TRP HB2  H N N 326 
TRP HB3  H N N 327 
TRP HD1  H N N 328 
TRP HE1  H N N 329 
TRP HE3  H N N 330 
TRP HZ2  H N N 331 
TRP HZ3  H N N 332 
TRP HH2  H N N 333 
TRP HXT  H N N 334 
TYR N    N N N 335 
TYR CA   C N S 336 
TYR C    C N N 337 
TYR O    O N N 338 
TYR CB   C N N 339 
TYR CG   C Y N 340 
TYR CD1  C Y N 341 
TYR CD2  C Y N 342 
TYR CE1  C Y N 343 
TYR CE2  C Y N 344 
TYR CZ   C Y N 345 
TYR OH   O N N 346 
TYR OXT  O N N 347 
TYR H    H N N 348 
TYR H2   H N N 349 
TYR HA   H N N 350 
TYR HB2  H N N 351 
TYR HB3  H N N 352 
TYR HD1  H N N 353 
TYR HD2  H N N 354 
TYR HE1  H N N 355 
TYR HE2  H N N 356 
TYR HH   H N N 357 
TYR HXT  H N N 358 
VAL N    N N N 359 
VAL CA   C N S 360 
VAL C    C N N 361 
VAL O    O N N 362 
VAL CB   C N N 363 
VAL CG1  C N N 364 
VAL CG2  C N N 365 
VAL OXT  O N N 366 
VAL H    H N N 367 
VAL H2   H N N 368 
VAL HA   H N N 369 
VAL HB   H N N 370 
VAL HG11 H N N 371 
VAL HG12 H N N 372 
VAL HG13 H N N 373 
VAL HG21 H N N 374 
VAL HG22 H N N 375 
VAL HG23 H N N 376 
VAL HXT  H N N 377 
# 
loop_
_chem_comp_bond.comp_id 
_chem_comp_bond.atom_id_1 
_chem_comp_bond.atom_id_2 
_chem_comp_bond.value_order 
_chem_comp_bond.pdbx_aromatic_flag 
_chem_comp_bond.pdbx_stereo_config 
_chem_comp_bond.pdbx_ordinal 
ALA N   CA   sing N N 1   
ALA N   H    sing N N 2   
ALA N   H2   sing N N 3   
ALA CA  C    sing N N 4   
ALA CA  CB   sing N N 5   
ALA CA  HA   sing N N 6   
ALA C   O    doub N N 7   
ALA C   OXT  sing N N 8   
ALA CB  HB1  sing N N 9   
ALA CB  HB2  sing N N 10  
ALA CB  HB3  sing N N 11  
ALA OXT HXT  sing N N 12  
ARG N   CA   sing N N 13  
ARG N   H    sing N N 14  
ARG N   H2   sing N N 15  
ARG CA  C    sing N N 16  
ARG CA  CB   sing N N 17  
ARG CA  HA   sing N N 18  
ARG C   O    doub N N 19  
ARG C   OXT  sing N N 20  
ARG CB  CG   sing N N 21  
ARG CB  HB2  sing N N 22  
ARG CB  HB3  sing N N 23  
ARG CG  CD   sing N N 24  
ARG CG  HG2  sing N N 25  
ARG CG  HG3  sing N N 26  
ARG CD  NE   sing N N 27  
ARG CD  HD2  sing N N 28  
ARG CD  HD3  sing N N 29  
ARG NE  CZ   sing N N 30  
ARG NE  HE   sing N N 31  
ARG CZ  NH1  sing N N 32  
ARG CZ  NH2  doub N N 33  
ARG NH1 HH11 sing N N 34  
ARG NH1 HH12 sing N N 35  
ARG NH2 HH21 sing N N 36  
ARG NH2 HH22 sing N N 37  
ARG OXT HXT  sing N N 38  
ASN N   CA   sing N N 39  
ASN N   H    sing N N 40  
ASN N   H2   sing N N 41  
ASN CA  C    sing N N 42  
ASN CA  CB   sing N N 43  
ASN CA  HA   sing N N 44  
ASN C   O    doub N N 45  
ASN C   OXT  sing N N 46  
ASN CB  CG   sing N N 47  
ASN CB  HB2  sing N N 48  
ASN CB  HB3  sing N N 49  
ASN CG  OD1  doub N N 50  
ASN CG  ND2  sing N N 51  
ASN ND2 HD21 sing N N 52  
ASN ND2 HD22 sing N N 53  
ASN OXT HXT  sing N N 54  
ASP N   CA   sing N N 55  
ASP N   H    sing N N 56  
ASP N   H2   sing N N 57  
ASP CA  C    sing N N 58  
ASP CA  CB   sing N N 59  
ASP CA  HA   sing N N 60  
ASP C   O    doub N N 61  
ASP C   OXT  sing N N 62  
ASP CB  CG   sing N N 63  
ASP CB  HB2  sing N N 64  
ASP CB  HB3  sing N N 65  
ASP CG  OD1  doub N N 66  
ASP CG  OD2  sing N N 67  
ASP OD2 HD2  sing N N 68  
ASP OXT HXT  sing N N 69  
GLN N   CA   sing N N 70  
GLN N   H    sing N N 71  
GLN N   H2   sing N N 72  
GLN CA  C    sing N N 73  
GLN CA  CB   sing N N 74  
GLN CA  HA   sing N N 75  
GLN C   O    doub N N 76  
GLN C   OXT  sing N N 77  
GLN CB  CG   sing N N 78  
GLN CB  HB2  sing N N 79  
GLN CB  HB3  sing N N 80  
GLN CG  CD   sing N N 81  
GLN CG  HG2  sing N N 82  
GLN CG  HG3  sing N N 83  
GLN CD  OE1  doub N N 84  
GLN CD  NE2  sing N N 85  
GLN NE2 HE21 sing N N 86  
GLN NE2 HE22 sing N N 87  
GLN OXT HXT  sing N N 88  
GLU N   CA   sing N N 89  
GLU N   H    sing N N 90  
GLU N   H2   sing N N 91  
GLU CA  C    sing N N 92  
GLU CA  CB   sing N N 93  
GLU CA  HA   sing N N 94  
GLU C   O    doub N N 95  
GLU C   OXT  sing N N 96  
GLU CB  CG   sing N N 97  
GLU CB  HB2  sing N N 98  
GLU CB  HB3  sing N N 99  
GLU CG  CD   sing N N 100 
GLU CG  HG2  sing N N 101 
GLU CG  HG3  sing N N 102 
GLU CD  OE1  doub N N 103 
GLU CD  OE2  sing N N 104 
GLU OE2 HE2  sing N N 105 
GLU OXT HXT  sing N N 106 
GLY N   CA   sing N N 107 
GLY N   H    sing N N 108 
GLY N   H2   sing N N 109 
GLY CA  C    sing N N 110 
GLY CA  HA2  sing N N 111 
GLY CA  HA3  sing N N 112 
GLY C   O    doub N N 113 
GLY C   OXT  sing N N 114 
GLY OXT HXT  sing N N 115 
HIS N   CA   sing N N 116 
HIS N   H    sing N N 117 
HIS N   H2   sing N N 118 
HIS CA  C    sing N N 119 
HIS CA  CB   sing N N 120 
HIS CA  HA   sing N N 121 
HIS C   O    doub N N 122 
HIS C   OXT  sing N N 123 
HIS CB  CG   sing N N 124 
HIS CB  HB2  sing N N 125 
HIS CB  HB3  sing N N 126 
HIS CG  ND1  sing Y N 127 
HIS CG  CD2  doub Y N 128 
HIS ND1 CE1  doub Y N 129 
HIS ND1 HD1  sing N N 130 
HIS CD2 NE2  sing Y N 131 
HIS CD2 HD2  sing N N 132 
HIS CE1 NE2  sing Y N 133 
HIS CE1 HE1  sing N N 134 
HIS NE2 HE2  sing N N 135 
HIS OXT HXT  sing N N 136 
HOH O   H1   sing N N 137 
HOH O   H2   sing N N 138 
ILE N   CA   sing N N 139 
ILE N   H    sing N N 140 
ILE N   H2   sing N N 141 
ILE CA  C    sing N N 142 
ILE CA  CB   sing N N 143 
ILE CA  HA   sing N N 144 
ILE C   O    doub N N 145 
ILE C   OXT  sing N N 146 
ILE CB  CG1  sing N N 147 
ILE CB  CG2  sing N N 148 
ILE CB  HB   sing N N 149 
ILE CG1 CD1  sing N N 150 
ILE CG1 HG12 sing N N 151 
ILE CG1 HG13 sing N N 152 
ILE CG2 HG21 sing N N 153 
ILE CG2 HG22 sing N N 154 
ILE CG2 HG23 sing N N 155 
ILE CD1 HD11 sing N N 156 
ILE CD1 HD12 sing N N 157 
ILE CD1 HD13 sing N N 158 
ILE OXT HXT  sing N N 159 
LEU N   CA   sing N N 160 
LEU N   H    sing N N 161 
LEU N   H2   sing N N 162 
LEU CA  C    sing N N 163 
LEU CA  CB   sing N N 164 
LEU CA  HA   sing N N 165 
LEU C   O    doub N N 166 
LEU C   OXT  sing N N 167 
LEU CB  CG   sing N N 168 
LEU CB  HB2  sing N N 169 
LEU CB  HB3  sing N N 170 
LEU CG  CD1  sing N N 171 
LEU CG  CD2  sing N N 172 
LEU CG  HG   sing N N 173 
LEU CD1 HD11 sing N N 174 
LEU CD1 HD12 sing N N 175 
LEU CD1 HD13 sing N N 176 
LEU CD2 HD21 sing N N 177 
LEU CD2 HD22 sing N N 178 
LEU CD2 HD23 sing N N 179 
LEU OXT HXT  sing N N 180 
LYS N   CA   sing N N 181 
LYS N   H    sing N N 182 
LYS N   H2   sing N N 183 
LYS CA  C    sing N N 184 
LYS CA  CB   sing N N 185 
LYS CA  HA   sing N N 186 
LYS C   O    doub N N 187 
LYS C   OXT  sing N N 188 
LYS CB  CG   sing N N 189 
LYS CB  HB2  sing N N 190 
LYS CB  HB3  sing N N 191 
LYS CG  CD   sing N N 192 
LYS CG  HG2  sing N N 193 
LYS CG  HG3  sing N N 194 
LYS CD  CE   sing N N 195 
LYS CD  HD2  sing N N 196 
LYS CD  HD3  sing N N 197 
LYS CE  NZ   sing N N 198 
LYS CE  HE2  sing N N 199 
LYS CE  HE3  sing N N 200 
LYS NZ  HZ1  sing N N 201 
LYS NZ  HZ2  sing N N 202 
LYS NZ  HZ3  sing N N 203 
LYS OXT HXT  sing N N 204 
MET N   CA   sing N N 205 
MET N   H    sing N N 206 
MET N   H2   sing N N 207 
MET CA  C    sing N N 208 
MET CA  CB   sing N N 209 
MET CA  HA   sing N N 210 
MET C   O    doub N N 211 
MET C   OXT  sing N N 212 
MET CB  CG   sing N N 213 
MET CB  HB2  sing N N 214 
MET CB  HB3  sing N N 215 
MET CG  SD   sing N N 216 
MET CG  HG2  sing N N 217 
MET CG  HG3  sing N N 218 
MET SD  CE   sing N N 219 
MET CE  HE1  sing N N 220 
MET CE  HE2  sing N N 221 
MET CE  HE3  sing N N 222 
MET OXT HXT  sing N N 223 
PHE N   CA   sing N N 224 
PHE N   H    sing N N 225 
PHE N   H2   sing N N 226 
PHE CA  C    sing N N 227 
PHE CA  CB   sing N N 228 
PHE CA  HA   sing N N 229 
PHE C   O    doub N N 230 
PHE C   OXT  sing N N 231 
PHE CB  CG   sing N N 232 
PHE CB  HB2  sing N N 233 
PHE CB  HB3  sing N N 234 
PHE CG  CD1  doub Y N 235 
PHE CG  CD2  sing Y N 236 
PHE CD1 CE1  sing Y N 237 
PHE CD1 HD1  sing N N 238 
PHE CD2 CE2  doub Y N 239 
PHE CD2 HD2  sing N N 240 
PHE CE1 CZ   doub Y N 241 
PHE CE1 HE1  sing N N 242 
PHE CE2 CZ   sing Y N 243 
PHE CE2 HE2  sing N N 244 
PHE CZ  HZ   sing N N 245 
PHE OXT HXT  sing N N 246 
PRO N   CA   sing N N 247 
PRO N   CD   sing N N 248 
PRO N   H    sing N N 249 
PRO CA  C    sing N N 250 
PRO CA  CB   sing N N 251 
PRO CA  HA   sing N N 252 
PRO C   O    doub N N 253 
PRO C   OXT  sing N N 254 
PRO CB  CG   sing N N 255 
PRO CB  HB2  sing N N 256 
PRO CB  HB3  sing N N 257 
PRO CG  CD   sing N N 258 
PRO CG  HG2  sing N N 259 
PRO CG  HG3  sing N N 260 
PRO CD  HD2  sing N N 261 
PRO CD  HD3  sing N N 262 
PRO OXT HXT  sing N N 263 
SER N   CA   sing N N 264 
SER N   H    sing N N 265 
SER N   H2   sing N N 266 
SER CA  C    sing N N 267 
SER CA  CB   sing N N 268 
SER CA  HA   sing N N 269 
SER C   O    doub N N 270 
SER C   OXT  sing N N 271 
SER CB  OG   sing N N 272 
SER CB  HB2  sing N N 273 
SER CB  HB3  sing N N 274 
SER OG  HG   sing N N 275 
SER OXT HXT  sing N N 276 
THR N   CA   sing N N 277 
THR N   H    sing N N 278 
THR N   H2   sing N N 279 
THR CA  C    sing N N 280 
THR CA  CB   sing N N 281 
THR CA  HA   sing N N 282 
THR C   O    doub N N 283 
THR C   OXT  sing N N 284 
THR CB  OG1  sing N N 285 
THR CB  CG2  sing N N 286 
THR CB  HB   sing N N 287 
THR OG1 HG1  sing N N 288 
THR CG2 HG21 sing N N 289 
THR CG2 HG22 sing N N 290 
THR CG2 HG23 sing N N 291 
THR OXT HXT  sing N N 292 
TRP N   CA   sing N N 293 
TRP N   H    sing N N 294 
TRP N   H2   sing N N 295 
TRP CA  C    sing N N 296 
TRP CA  CB   sing N N 297 
TRP CA  HA   sing N N 298 
TRP C   O    doub N N 299 
TRP C   OXT  sing N N 300 
TRP CB  CG   sing N N 301 
TRP CB  HB2  sing N N 302 
TRP CB  HB3  sing N N 303 
TRP CG  CD1  doub Y N 304 
TRP CG  CD2  sing Y N 305 
TRP CD1 NE1  sing Y N 306 
TRP CD1 HD1  sing N N 307 
TRP CD2 CE2  doub Y N 308 
TRP CD2 CE3  sing Y N 309 
TRP NE1 CE2  sing Y N 310 
TRP NE1 HE1  sing N N 311 
TRP CE2 CZ2  sing Y N 312 
TRP CE3 CZ3  doub Y N 313 
TRP CE3 HE3  sing N N 314 
TRP CZ2 CH2  doub Y N 315 
TRP CZ2 HZ2  sing N N 316 
TRP CZ3 CH2  sing Y N 317 
TRP CZ3 HZ3  sing N N 318 
TRP CH2 HH2  sing N N 319 
TRP OXT HXT  sing N N 320 
TYR N   CA   sing N N 321 
TYR N   H    sing N N 322 
TYR N   H2   sing N N 323 
TYR CA  C    sing N N 324 
TYR CA  CB   sing N N 325 
TYR CA  HA   sing N N 326 
TYR C   O    doub N N 327 
TYR C   OXT  sing N N 328 
TYR CB  CG   sing N N 329 
TYR CB  HB2  sing N N 330 
TYR CB  HB3  sing N N 331 
TYR CG  CD1  doub Y N 332 
TYR CG  CD2  sing Y N 333 
TYR CD1 CE1  sing Y N 334 
TYR CD1 HD1  sing N N 335 
TYR CD2 CE2  doub Y N 336 
TYR CD2 HD2  sing N N 337 
TYR CE1 CZ   doub Y N 338 
TYR CE1 HE1  sing N N 339 
TYR CE2 CZ   sing Y N 340 
TYR CE2 HE2  sing N N 341 
TYR CZ  OH   sing N N 342 
TYR OH  HH   sing N N 343 
TYR OXT HXT  sing N N 344 
VAL N   CA   sing N N 345 
VAL N   H    sing N N 346 
VAL N   H2   sing N N 347 
VAL CA  C    sing N N 348 
VAL CA  CB   sing N N 349 
VAL CA  HA   sing N N 350 
VAL C   O    doub N N 351 
VAL C   OXT  sing N N 352 
VAL CB  CG1  sing N N 353 
VAL CB  CG2  sing N N 354 
VAL CB  HB   sing N N 355 
VAL CG1 HG11 sing N N 356 
VAL CG1 HG12 sing N N 357 
VAL CG1 HG13 sing N N 358 
VAL CG2 HG21 sing N N 359 
VAL CG2 HG22 sing N N 360 
VAL CG2 HG23 sing N N 361 
VAL OXT HXT  sing N N 362 
# 
_atom_sites.entry_id                    3LR0 
_atom_sites.fract_transf_matrix[1][1]   -0.01232022 
_atom_sites.fract_transf_matrix[1][2]   0.01441617 
_atom_sites.fract_transf_matrix[1][3]   -0.00564498 
_atom_sites.fract_transf_matrix[2][1]   0.00582115 
_atom_sites.fract_transf_matrix[2][2]   0.01889063 
_atom_sites.fract_transf_matrix[2][3]   0.00086267 
_atom_sites.fract_transf_matrix[3][1]   0.00464026 
_atom_sites.fract_transf_matrix[3][2]   -0.00086637 
_atom_sites.fract_transf_matrix[3][3]   -0.01233995 
_atom_sites.fract_transf_vector[1]      0.303950 
_atom_sites.fract_transf_vector[2]      0.491507 
_atom_sites.fract_transf_vector[3]      0.076517 
# 
loop_
_atom_type.symbol 
C 
I 
N 
O 
# 
loop_
_atom_site.group_PDB 
_atom_site.id 
_atom_site.type_symbol 
_atom_site.label_atom_id 
_atom_site.label_alt_id 
_atom_site.label_comp_id 
_atom_site.label_asym_id 
_atom_site.label_entity_id 
_atom_site.label_seq_id 
_atom_site.pdbx_PDB_ins_code 
_atom_site.Cartn_x 
_atom_site.Cartn_y 
_atom_site.Cartn_z 
_atom_site.occupancy 
_atom_site.B_iso_or_equiv 
_atom_site.pdbx_formal_charge 
_atom_site.auth_seq_id 
_atom_site.auth_comp_id 
_atom_site.auth_asym_id 
_atom_site.auth_atom_id 
_atom_site.pdbx_PDB_model_num 
ATOM   1   N N   . ALA A 1 32  ? -2.226  -18.934 -2.224  1.00 24.89 ? 40  ALA A N   1 
ATOM   2   C CA  . ALA A 1 32  ? -1.472  -17.653 -2.376  1.00 25.53 ? 40  ALA A CA  1 
ATOM   3   C C   . ALA A 1 32  ? -2.360  -16.543 -2.933  1.00 25.39 ? 40  ALA A C   1 
ATOM   4   O O   . ALA A 1 32  ? -2.277  -15.407 -2.479  1.00 25.86 ? 40  ALA A O   1 
ATOM   5   C CB  . ALA A 1 32  ? -0.265  -17.851 -3.255  1.00 25.14 ? 40  ALA A CB  1 
ATOM   6   N N   . GLN A 1 33  ? -3.195  -16.883 -3.922  1.00 25.60 ? 41  GLN A N   1 
ATOM   7   C CA  . GLN A 1 33  ? -4.230  -15.982 -4.451  1.00 25.54 ? 41  GLN A CA  1 
ATOM   8   C C   . GLN A 1 33  ? -5.109  -15.408 -3.355  1.00 25.03 ? 41  GLN A C   1 
ATOM   9   O O   . GLN A 1 33  ? -5.485  -14.245 -3.423  1.00 24.94 ? 41  GLN A O   1 
ATOM   10  C CB  . GLN A 1 33  ? -5.113  -16.685 -5.492  1.00 25.82 ? 41  GLN A CB  1 
ATOM   11  N N   . ARG A 1 34  ? -5.435  -16.220 -2.348  1.00 25.06 ? 42  ARG A N   1 
ATOM   12  C CA  . ARG A 1 34  ? -6.347  -15.786 -1.273  1.00 24.34 ? 42  ARG A CA  1 
ATOM   13  C C   . ARG A 1 34  ? -5.753  -14.640 -0.452  1.00 23.56 ? 42  ARG A C   1 
ATOM   14  O O   . ARG A 1 34  ? -6.438  -13.663 -0.151  1.00 23.30 ? 42  ARG A O   1 
ATOM   15  C CB  . ARG A 1 34  ? -6.731  -16.957 -0.357  1.00 25.07 ? 42  ARG A CB  1 
ATOM   16  N N   . VAL A 1 35  ? -4.474  -14.766 -0.100  1.00 22.69 ? 43  VAL A N   1 
ATOM   17  C CA  . VAL A 1 35  ? -3.770  -13.713 0.644   1.00 22.15 ? 43  VAL A CA  1 
ATOM   18  C C   . VAL A 1 35  ? -3.592  -12.483 -0.248  1.00 20.99 ? 43  VAL A C   1 
ATOM   19  O O   . VAL A 1 35  ? -3.859  -11.354 0.174   1.00 20.61 ? 43  VAL A O   1 
ATOM   20  C CB  . VAL A 1 35  ? -2.408  -14.214 1.208   1.00 22.04 ? 43  VAL A CB  1 
ATOM   21  C CG1 . VAL A 1 35  ? -1.581  -13.060 1.788   1.00 23.51 ? 43  VAL A CG1 1 
ATOM   22  C CG2 . VAL A 1 35  ? -2.652  -15.301 2.258   1.00 24.33 ? 43  VAL A CG2 1 
ATOM   23  N N   . ALA A 1 36  ? -3.180  -12.721 -1.491  1.00 20.53 ? 44  ALA A N   1 
ATOM   24  C CA  . ALA A 1 36  ? -2.928  -11.630 -2.437  1.00 20.11 ? 44  ALA A CA  1 
ATOM   25  C C   . ALA A 1 36  ? -4.176  -10.795 -2.654  1.00 19.77 ? 44  ALA A C   1 
ATOM   26  O O   . ALA A 1 36  ? -4.094  -9.579  -2.713  1.00 19.91 ? 44  ALA A O   1 
ATOM   27  C CB  . ALA A 1 36  ? -2.420  -12.173 -3.765  1.00 19.41 ? 44  ALA A CB  1 
ATOM   28  N N   . LEU A 1 37  ? -5.329  -11.458 -2.780  1.00 19.66 ? 45  LEU A N   1 
ATOM   29  C CA  . LEU A 1 37  ? -6.595  -10.763 -3.046  1.00 19.55 ? 45  LEU A CA  1 
ATOM   30  C C   . LEU A 1 37  ? -7.034  -9.894  -1.876  1.00 18.67 ? 45  LEU A C   1 
ATOM   31  O O   . LEU A 1 37  ? -7.499  -8.771  -2.102  1.00 18.07 ? 45  LEU A O   1 
ATOM   32  C CB  . LEU A 1 37  ? -7.712  -11.733 -3.498  1.00 19.55 ? 45  LEU A CB  1 
ATOM   33  C CG  . LEU A 1 37  ? -7.497  -12.369 -4.884  1.00 23.41 ? 45  LEU A CG  1 
ATOM   34  C CD1 . LEU A 1 37  ? -8.396  -13.596 -5.097  1.00 26.89 ? 45  LEU A CD1 1 
ATOM   35  C CD2 . LEU A 1 37  ? -7.682  -11.386 -6.043  1.00 26.93 ? 45  LEU A CD2 1 
ATOM   36  N N   . GLN A 1 38  ? -6.844  -10.377 -0.639  1.00 17.49 ? 46  GLN A N   1 
ATOM   37  C CA  A GLN A 1 38  ? -7.130  -9.538  0.527   0.50 17.20 ? 46  GLN A CA  1 
ATOM   38  C CA  B GLN A 1 38  ? -7.088  -9.578  0.569   0.50 17.67 ? 46  GLN A CA  1 
ATOM   39  C C   . GLN A 1 38  ? -6.222  -8.312  0.588   1.00 16.77 ? 46  GLN A C   1 
ATOM   40  O O   . GLN A 1 38  ? -6.681  -7.221  0.882   1.00 15.91 ? 46  GLN A O   1 
ATOM   41  C CB  A GLN A 1 38  ? -7.052  -10.305 1.856   0.50 17.07 ? 46  GLN A CB  1 
ATOM   42  C CB  B GLN A 1 38  ? -6.801  -10.389 1.846   0.50 17.81 ? 46  GLN A CB  1 
ATOM   43  C CG  A GLN A 1 38  ? -7.301  -9.393  3.085   0.50 17.11 ? 46  GLN A CG  1 
ATOM   44  C CG  B GLN A 1 38  ? -7.674  -11.541 2.047   0.50 20.13 ? 46  GLN A CG  1 
ATOM   45  C CD  A GLN A 1 38  ? -8.752  -8.946  3.194   0.50 17.60 ? 46  GLN A CD  1 
ATOM   46  C CD  B GLN A 1 38  ? -7.545  -12.154 3.388   0.50 23.47 ? 46  GLN A CD  1 
ATOM   47  O OE1 A GLN A 1 38  ? -9.588  -9.308  2.358   0.50 17.92 ? 46  GLN A OE1 1 
ATOM   48  O OE1 B GLN A 1 38  ? -6.502  -12.378 4.029   0.50 25.28 ? 46  GLN A OE1 1 
ATOM   49  N NE2 A GLN A 1 38  ? -9.065  -8.159  4.228   0.50 16.73 ? 46  GLN A NE2 1 
ATOM   50  N NE2 B GLN A 1 38  ? -8.521  -12.473 3.638   0.50 24.46 ? 46  GLN A NE2 1 
ATOM   51  N N   . LEU A 1 39  ? -4.936  -8.483  0.305   1.00 15.59 ? 47  LEU A N   1 
ATOM   52  C CA  . LEU A 1 39  ? -4.024  -7.365  0.333   1.00 14.43 ? 47  LEU A CA  1 
ATOM   53  C C   . LEU A 1 39  ? -4.384  -6.374  -0.761  1.00 13.06 ? 47  LEU A C   1 
ATOM   54  O O   . LEU A 1 39  ? -4.368  -5.190  -0.536  1.00 12.68 ? 47  LEU A O   1 
ATOM   55  C CB  . LEU A 1 39  ? -2.550  -7.840  0.187   1.00 14.21 ? 47  LEU A CB  1 
ATOM   56  C CG  . LEU A 1 39  ? -2.019  -8.612  1.406   1.00 17.85 ? 47  LEU A CG  1 
ATOM   57  C CD1 . LEU A 1 39  ? -0.659  -9.232  1.124   1.00 18.25 ? 47  LEU A CD1 1 
ATOM   58  C CD2 . LEU A 1 39  ? -1.919  -7.711  2.644   1.00 20.68 ? 47  LEU A CD2 1 
ATOM   59  N N   . VAL A 1 40  ? -4.708  -6.884  -1.947  1.00 13.44 ? 48  VAL A N   1 
ATOM   60  C CA  . VAL A 1 40  ? -5.083  -6.030  -3.076  1.00 13.75 ? 48  VAL A CA  1 
ATOM   61  C C   . VAL A 1 40  ? -6.338  -5.234  -2.735  1.00 13.27 ? 48  VAL A C   1 
ATOM   62  O O   . VAL A 1 40  ? -6.426  -4.042  -3.005  1.00 13.44 ? 48  VAL A O   1 
ATOM   63  C CB  . VAL A 1 40  ? -5.304  -6.863  -4.329  1.00 13.91 ? 48  VAL A CB  1 
ATOM   64  C CG1 . VAL A 1 40  ? -5.990  -6.017  -5.394  1.00 13.07 ? 48  VAL A CG1 1 
ATOM   65  C CG2 . VAL A 1 40  ? -3.928  -7.373  -4.834  1.00 12.95 ? 48  VAL A CG2 1 
ATOM   66  N N   . ALA A 1 41  ? -7.285  -5.891  -2.077  1.00 13.94 ? 49  ALA A N   1 
ATOM   67  C CA  . ALA A 1 41  ? -8.537  -5.209  -1.699  1.00 14.04 ? 49  ALA A CA  1 
ATOM   68  C C   . ALA A 1 41  ? -8.272  -4.064  -0.739  1.00 14.58 ? 49  ALA A C   1 
ATOM   69  O O   . ALA A 1 41  ? -8.761  -2.918  -0.941  1.00 14.82 ? 49  ALA A O   1 
ATOM   70  C CB  . ALA A 1 41  ? -9.545  -6.229  -1.106  1.00 13.35 ? 49  ALA A CB  1 
ATOM   71  N N   . ILE A 1 42  ? -7.483  -4.344  0.310   1.00 14.42 ? 50  ILE A N   1 
ATOM   72  C CA  A ILE A 1 42  ? -7.072  -3.310  1.262   0.50 14.45 ? 50  ILE A CA  1 
ATOM   73  C CA  B ILE A 1 42  ? -7.065  -3.303  1.257   0.50 13.94 ? 50  ILE A CA  1 
ATOM   74  C C   . ILE A 1 42  ? -6.398  -2.122  0.552   1.00 14.11 ? 50  ILE A C   1 
ATOM   75  O O   . ILE A 1 42  ? -6.764  -0.959  0.773   1.00 14.41 ? 50  ILE A O   1 
ATOM   76  C CB  A ILE A 1 42  ? -6.127  -3.879  2.379   0.50 14.49 ? 50  ILE A CB  1 
ATOM   77  C CB  B ILE A 1 42  ? -6.120  -3.860  2.367   0.50 13.90 ? 50  ILE A CB  1 
ATOM   78  C CG1 A ILE A 1 42  ? -6.703  -5.129  3.051   0.50 15.50 ? 50  ILE A CG1 1 
ATOM   79  C CG1 B ILE A 1 42  ? -6.916  -4.660  3.383   0.50 13.21 ? 50  ILE A CG1 1 
ATOM   80  C CG2 A ILE A 1 42  ? -5.749  -2.789  3.390   0.50 15.01 ? 50  ILE A CG2 1 
ATOM   81  C CG2 B ILE A 1 42  ? -5.348  -2.706  3.064   0.50 13.07 ? 50  ILE A CG2 1 
ATOM   82  C CD1 A ILE A 1 42  ? -8.190  -5.145  3.314   0.50 15.39 ? 50  ILE A CD1 1 
ATOM   83  C CD1 B ILE A 1 42  ? -6.065  -5.696  4.152   0.50 13.94 ? 50  ILE A CD1 1 
ATOM   84  N N   . VAL A 1 43  ? -5.412  -2.397  -0.321  1.00 13.45 ? 51  VAL A N   1 
ATOM   85  C CA  . VAL A 1 43  ? -4.752  -1.299  -1.034  1.00 13.14 ? 51  VAL A CA  1 
ATOM   86  C C   . VAL A 1 43  ? -5.705  -0.491  -1.925  1.00 12.08 ? 51  VAL A C   1 
ATOM   87  O O   . VAL A 1 43  ? -5.681  0.712   -1.896  1.00 12.37 ? 51  VAL A O   1 
ATOM   88  C CB  . VAL A 1 43  ? -3.532  -1.790  -1.897  1.00 14.09 ? 51  VAL A CB  1 
ATOM   89  C CG1 . VAL A 1 43  ? -2.970  -0.643  -2.701  1.00 14.88 ? 51  VAL A CG1 1 
ATOM   90  C CG2 . VAL A 1 43  ? -2.440  -2.350  -0.952  1.00 16.25 ? 51  VAL A CG2 1 
ATOM   91  N N   . LYS A 1 44  ? -6.538  -1.167  -2.715  1.00 11.15 ? 52  LYS A N   1 
ATOM   92  C CA  . LYS A 1 44  ? -7.452  -0.464  -3.614  1.00 11.33 ? 52  LYS A CA  1 
ATOM   93  C C   . LYS A 1 44  ? -8.468  0.384   -2.833  1.00 10.67 ? 52  LYS A C   1 
ATOM   94  O O   . LYS A 1 44  ? -8.768  1.501   -3.216  1.00 10.01 ? 52  LYS A O   1 
ATOM   95  C CB  . LYS A 1 44  ? -8.144  -1.445  -4.560  1.00 10.51 ? 52  LYS A CB  1 
ATOM   96  C CG  . LYS A 1 44  ? -7.195  -2.018  -5.665  1.00 12.50 ? 52  LYS A CG  1 
ATOM   97  C CD  . LYS A 1 44  ? -7.880  -3.047  -6.576  1.00 14.98 ? 52  LYS A CD  1 
ATOM   98  C CE  . LYS A 1 44  ? -8.807  -2.410  -7.620  1.00 18.22 ? 52  LYS A CE  1 
ATOM   99  N NZ  . LYS A 1 44  ? -9.266  -3.471  -8.613  1.00 19.82 ? 52  LYS A NZ  1 
ATOM   100 N N   . LEU A 1 45  ? -9.009  -0.165  -1.751  1.00 10.78 ? 53  LEU A N   1 
ATOM   101 C CA  . LEU A 1 45  ? -9.948  0.602   -0.910  1.00 11.46 ? 53  LEU A CA  1 
ATOM   102 C C   . LEU A 1 45  ? -9.281  1.799   -0.259  1.00 11.90 ? 53  LEU A C   1 
ATOM   103 O O   . LEU A 1 45  ? -9.874  2.876   -0.151  1.00 11.57 ? 53  LEU A O   1 
ATOM   104 C CB  . LEU A 1 45  ? -10.571 -0.309  0.181   1.00 10.56 ? 53  LEU A CB  1 
ATOM   105 C CG  . LEU A 1 45  ? -11.550 -1.333  -0.397  1.00 13.67 ? 53  LEU A CG  1 
ATOM   106 C CD1 . LEU A 1 45  ? -11.908 -2.411  0.634   1.00 12.62 ? 53  LEU A CD1 1 
ATOM   107 C CD2 . LEU A 1 45  ? -12.861 -0.598  -0.934  1.00 13.21 ? 53  LEU A CD2 1 
ATOM   108 N N   . THR A 1 46  ? -8.049  1.624   0.199   1.00 11.73 ? 54  THR A N   1 
ATOM   109 C CA  . THR A 1 46  ? -7.322  2.763   0.795   1.00 12.83 ? 54  THR A CA  1 
ATOM   110 C C   . THR A 1 46  ? -7.046  3.851   -0.220  1.00 11.97 ? 54  THR A C   1 
ATOM   111 O O   . THR A 1 46  ? -7.298  5.037   0.022   1.00 12.81 ? 54  THR A O   1 
ATOM   112 C CB  . THR A 1 46  ? -5.992  2.285   1.446   1.00 13.02 ? 54  THR A CB  1 
ATOM   113 O OG1 . THR A 1 46  ? -6.307  1.293   2.438   1.00 16.11 ? 54  THR A OG1 1 
ATOM   114 C CG2 . THR A 1 46  ? -5.237  3.481   2.053   1.00 15.66 ? 54  THR A CG2 1 
ATOM   115 N N   . ARG A 1 47  ? -6.537  3.441   -1.383  1.00 12.33 ? 55  ARG A N   1 
ATOM   116 C CA  A ARG A 1 47  ? -6.292  4.355   -2.495  0.50 13.16 ? 55  ARG A CA  1 
ATOM   117 C CA  B ARG A 1 47  ? -6.286  4.375   -2.466  0.50 12.86 ? 55  ARG A CA  1 
ATOM   118 C C   . ARG A 1 47  ? -7.573  5.096   -2.849  1.00 12.80 ? 55  ARG A C   1 
ATOM   119 O O   . ARG A 1 47  ? -7.568  6.309   -3.033  1.00 13.94 ? 55  ARG A O   1 
ATOM   120 C CB  A ARG A 1 47  ? -5.754  3.584   -3.725  0.50 12.77 ? 55  ARG A CB  1 
ATOM   121 C CB  B ARG A 1 47  ? -5.678  3.652   -3.682  0.50 12.35 ? 55  ARG A CB  1 
ATOM   122 C CG  A ARG A 1 47  ? -5.584  4.423   -5.017  0.50 15.10 ? 55  ARG A CG  1 
ATOM   123 C CG  B ARG A 1 47  ? -5.299  4.581   -4.834  0.50 13.12 ? 55  ARG A CG  1 
ATOM   124 C CD  A ARG A 1 47  ? -4.940  3.576   -6.159  0.50 17.75 ? 55  ARG A CD  1 
ATOM   125 C CD  B ARG A 1 47  ? -4.792  3.779   -6.051  0.50 14.97 ? 55  ARG A CD  1 
ATOM   126 N NE  A ARG A 1 47  ? -5.879  2.640   -6.780  0.50 18.78 ? 55  ARG A NE  1 
ATOM   127 N NE  B ARG A 1 47  ? -4.629  4.636   -7.221  0.50 14.39 ? 55  ARG A NE  1 
ATOM   128 C CZ  A ARG A 1 47  ? -5.531  1.543   -7.456  0.50 22.62 ? 55  ARG A CZ  1 
ATOM   129 C CZ  B ARG A 1 47  ? -5.613  4.952   -8.060  0.50 15.65 ? 55  ARG A CZ  1 
ATOM   130 N NH1 A ARG A 1 47  ? -4.257  1.217   -7.626  0.50 24.57 ? 55  ARG A NH1 1 
ATOM   131 N NH1 B ARG A 1 47  ? -5.374  5.752   -9.084  0.50 16.15 ? 55  ARG A NH1 1 
ATOM   132 N NH2 A ARG A 1 47  ? -6.470  0.768   -7.971  0.50 24.13 ? 55  ARG A NH2 1 
ATOM   133 N NH2 B ARG A 1 47  ? -6.843  4.467   -7.874  0.50 12.76 ? 55  ARG A NH2 1 
ATOM   134 N N   . THR A 1 48  ? -8.674  4.344   -2.965  1.00 12.78 ? 56  THR A N   1 
ATOM   135 C CA  . THR A 1 48  ? -9.996  4.930   -3.310  1.00 11.81 ? 56  THR A CA  1 
ATOM   136 C C   . THR A 1 48  ? -10.433 6.006   -2.322  1.00 12.19 ? 56  THR A C   1 
ATOM   137 O O   . THR A 1 48  ? -10.929 7.076   -2.711  1.00 13.04 ? 56  THR A O   1 
ATOM   138 C CB  . THR A 1 48  ? -11.073 3.785   -3.461  1.00 11.56 ? 56  THR A CB  1 
ATOM   139 O OG1 . THR A 1 48  ? -10.707 3.010   -4.606  1.00 11.29 ? 56  THR A OG1 1 
ATOM   140 C CG2 . THR A 1 48  ? -12.454 4.330   -3.706  1.00 11.40 ? 56  THR A CG2 1 
ATOM   141 N N   . ALA A 1 49  ? -10.286 5.702   -1.034  1.00 12.64 ? 57  ALA A N   1 
ATOM   142 C CA  . ALA A 1 49  ? -10.617 6.640   0.040   1.00 13.99 ? 57  ALA A CA  1 
ATOM   143 C C   . ALA A 1 49  ? -9.797  7.942   -0.114  1.00 14.06 ? 57  ALA A C   1 
ATOM   144 O O   . ALA A 1 49  ? -10.346 9.043   -0.033  1.00 14.75 ? 57  ALA A O   1 
ATOM   145 C CB  . ALA A 1 49  ? -10.329 5.982   1.414   1.00 12.52 ? 57  ALA A CB  1 
ATOM   146 N N   . LEU A 1 50  ? -8.503  7.803   -0.385  1.00 15.44 ? 58  LEU A N   1 
ATOM   147 C CA  A LEU A 1 50  ? -7.637  8.972   -0.634  0.50 16.49 ? 58  LEU A CA  1 
ATOM   148 C CA  B LEU A 1 50  ? -7.643  8.976   -0.620  0.50 16.29 ? 58  LEU A CA  1 
ATOM   149 C C   . LEU A 1 50  ? -8.086  9.716   -1.881  1.00 16.85 ? 58  LEU A C   1 
ATOM   150 O O   . LEU A 1 50  ? -8.198  10.961  -1.897  1.00 17.00 ? 58  LEU A O   1 
ATOM   151 C CB  A LEU A 1 50  ? -6.186  8.527   -0.844  0.50 17.22 ? 58  LEU A CB  1 
ATOM   152 C CB  B LEU A 1 50  ? -6.181  8.539   -0.774  0.50 16.77 ? 58  LEU A CB  1 
ATOM   153 C CG  A LEU A 1 50  ? -5.208  8.707   0.302   0.50 20.12 ? 58  LEU A CG  1 
ATOM   154 C CG  B LEU A 1 50  ? -5.236  8.698   0.406   0.50 19.16 ? 58  LEU A CG  1 
ATOM   155 C CD1 A LEU A 1 50  ? -5.221  7.501   1.216   0.50 19.54 ? 58  LEU A CD1 1 
ATOM   156 C CD1 B LEU A 1 50  ? -3.802  8.342   -0.011  0.50 19.63 ? 58  LEU A CD1 1 
ATOM   157 C CD2 A LEU A 1 50  ? -3.777  9.003   -0.224  0.50 20.01 ? 58  LEU A CD2 1 
ATOM   158 C CD2 B LEU A 1 50  ? -5.285  10.137  0.941   0.50 14.86 ? 58  LEU A CD2 1 
ATOM   159 N N   . LEU A 1 51  ? -8.338  8.951   -2.937  1.00 17.49 ? 59  LEU A N   1 
ATOM   160 C CA  . LEU A 1 51  ? -8.698  9.530   -4.248  1.00 17.96 ? 59  LEU A CA  1 
ATOM   161 C C   . LEU A 1 51  ? -9.937  10.436  -4.206  1.00 17.96 ? 59  LEU A C   1 
ATOM   162 O O   . LEU A 1 51  ? -9.935  11.520  -4.808  1.00 17.93 ? 59  LEU A O   1 
ATOM   163 C CB  . LEU A 1 51  ? -8.846  8.391   -5.278  1.00 17.67 ? 59  LEU A CB  1 
ATOM   164 C CG  . LEU A 1 51  ? -9.196  8.676   -6.735  1.00 21.64 ? 59  LEU A CG  1 
ATOM   165 C CD1 . LEU A 1 51  ? -8.186  9.662   -7.357  1.00 21.99 ? 59  LEU A CD1 1 
ATOM   166 C CD2 . LEU A 1 51  ? -9.261  7.352   -7.506  1.00 21.77 ? 59  LEU A CD2 1 
ATOM   167 N N   . TYR A 1 52  ? -10.991 10.000  -3.511  1.00 15.86 ? 60  TYR A N   1 
ATOM   168 C CA  . TYR A 1 52  ? -12.255 10.726  -3.427  1.00 15.57 ? 60  TYR A CA  1 
ATOM   169 C C   . TYR A 1 52  ? -12.396 11.656  -2.196  1.00 15.92 ? 60  TYR A C   1 
ATOM   170 O O   . TYR A 1 52  ? -13.434 12.257  -2.010  1.00 16.09 ? 60  TYR A O   1 
ATOM   171 C CB  . TYR A 1 52  ? -13.430 9.756   -3.511  1.00 14.87 ? 60  TYR A CB  1 
ATOM   172 C CG  . TYR A 1 52  ? -13.560 9.149   -4.898  1.00 12.26 ? 60  TYR A CG  1 
ATOM   173 C CD1 . TYR A 1 52  ? -12.876 7.988   -5.218  1.00 11.39 ? 60  TYR A CD1 1 
ATOM   174 C CD2 . TYR A 1 52  ? -14.301 9.780   -5.903  1.00 13.79 ? 60  TYR A CD2 1 
ATOM   175 C CE1 . TYR A 1 52  ? -12.974 7.406   -6.481  1.00 10.93 ? 60  TYR A CE1 1 
ATOM   176 C CE2 . TYR A 1 52  ? -14.398 9.198   -7.191  1.00 12.33 ? 60  TYR A CE2 1 
ATOM   177 C CZ  . TYR A 1 52  ? -13.724 8.018   -7.448  1.00 12.71 ? 60  TYR A CZ  1 
ATOM   178 O OH  . TYR A 1 52  ? -13.764 7.424   -8.691  1.00 12.69 ? 60  TYR A OH  1 
ATOM   179 N N   . SER A 1 53  ? -11.328 11.788  -1.416  1.00 17.47 ? 61  SER A N   1 
ATOM   180 C CA  A SER A 1 53  ? -11.376 12.522  -0.135  0.70 17.95 ? 61  SER A CA  1 
ATOM   181 C CA  B SER A 1 53  ? -11.375 12.522  -0.139  0.30 18.25 ? 61  SER A CA  1 
ATOM   182 C C   . SER A 1 53  ? -11.604 14.017  -0.329  1.00 19.23 ? 61  SER A C   1 
ATOM   183 O O   . SER A 1 53  ? -11.156 14.613  -1.324  1.00 19.40 ? 61  SER A O   1 
ATOM   184 C CB  A SER A 1 53  ? -10.111 12.266  0.710   0.70 17.80 ? 61  SER A CB  1 
ATOM   185 C CB  B SER A 1 53  ? -10.092 12.289  0.673   0.30 18.20 ? 61  SER A CB  1 
ATOM   186 O OG  A SER A 1 53  ? -8.897  12.628  0.048   0.70 17.76 ? 61  SER A OG  1 
ATOM   187 O OG  B SER A 1 53  ? -10.048 13.094  1.846   0.30 18.57 ? 61  SER A OG  1 
ATOM   188 N N   . ASP A 1 54  ? -12.325 14.604  0.621   1.00 19.87 ? 62  ASP A N   1 
ATOM   189 C CA  . ASP A 1 54  ? -12.475 16.042  0.706   1.00 21.58 ? 62  ASP A CA  1 
ATOM   190 C C   . ASP A 1 54  ? -11.051 16.551  0.968   1.00 22.39 ? 62  ASP A C   1 
ATOM   191 O O   . ASP A 1 54  ? -10.390 16.113  1.912   1.00 22.19 ? 62  ASP A O   1 
ATOM   192 C CB  . ASP A 1 54  ? -13.468 16.387  1.835   1.00 21.44 ? 62  ASP A CB  1 
ATOM   193 C CG  . ASP A 1 54  ? -13.616 17.894  2.076   1.00 22.26 ? 62  ASP A CG  1 
ATOM   194 O OD1 . ASP A 1 54  ? -12.645 18.649  1.889   1.00 24.00 ? 62  ASP A OD1 1 
ATOM   195 O OD2 . ASP A 1 54  ? -14.701 18.298  2.514   1.00 25.30 ? 62  ASP A OD2 1 
ATOM   196 N N   . PRO A 1 55  ? -10.535 17.439  0.095   1.00 22.96 ? 63  PRO A N   1 
ATOM   197 C CA  . PRO A 1 55  ? -9.145  17.888  0.267   1.00 23.09 ? 63  PRO A CA  1 
ATOM   198 C C   . PRO A 1 55  ? -8.787  18.430  1.672   1.00 22.92 ? 63  PRO A C   1 
ATOM   199 O O   . PRO A 1 55  ? -7.655  18.231  2.122   1.00 23.28 ? 63  PRO A O   1 
ATOM   200 C CB  . PRO A 1 55  ? -8.998  18.996  -0.789  1.00 23.58 ? 63  PRO A CB  1 
ATOM   201 C CG  . PRO A 1 55  ? -10.030 18.645  -1.833  1.00 24.08 ? 63  PRO A CG  1 
ATOM   202 C CD  . PRO A 1 55  ? -11.187 18.078  -1.065  1.00 23.27 ? 63  PRO A CD  1 
ATOM   203 N N   . ASP A 1 56  ? -9.727  19.071  2.363   1.00 23.00 ? 64  ASP A N   1 
ATOM   204 C CA  A ASP A 1 56  ? -9.396  19.594  3.696   0.50 22.79 ? 64  ASP A CA  1 
ATOM   205 C CA  B ASP A 1 56  ? -9.486  19.612  3.705   0.50 22.89 ? 64  ASP A CA  1 
ATOM   206 C C   . ASP A 1 56  ? -9.607  18.563  4.814   1.00 22.89 ? 64  ASP A C   1 
ATOM   207 O O   . ASP A 1 56  ? -9.314  18.843  5.986   1.00 22.20 ? 64  ASP A O   1 
ATOM   208 C CB  A ASP A 1 56  ? -10.073 20.947  3.990   0.50 23.43 ? 64  ASP A CB  1 
ATOM   209 C CB  B ASP A 1 56  ? -10.437 20.778  3.982   0.50 23.42 ? 64  ASP A CB  1 
ATOM   210 C CG  A ASP A 1 56  ? -11.430 20.811  4.649   0.50 23.22 ? 64  ASP A CG  1 
ATOM   211 C CG  B ASP A 1 56  ? -9.823  22.123  3.621   0.50 24.03 ? 64  ASP A CG  1 
ATOM   212 O OD1 A ASP A 1 56  ? -12.330 20.213  4.037   0.50 24.04 ? 64  ASP A OD1 1 
ATOM   213 O OD1 B ASP A 1 56  ? -10.342 22.791  2.706   0.50 25.77 ? 64  ASP A OD1 1 
ATOM   214 O OD2 A ASP A 1 56  ? -11.608 21.333  5.773   0.50 23.93 ? 64  ASP A OD2 1 
ATOM   215 O OD2 B ASP A 1 56  ? -8.812  22.497  4.250   0.50 25.29 ? 64  ASP A OD2 1 
ATOM   216 N N   . LEU A 1 57  ? -10.065 17.361  4.447   1.00 22.12 ? 65  LEU A N   1 
ATOM   217 C CA  . LEU A 1 57  ? -10.192 16.252  5.416   1.00 21.42 ? 65  LEU A CA  1 
ATOM   218 C C   . LEU A 1 57  ? -9.150  15.164  5.183   1.00 20.42 ? 65  LEU A C   1 
ATOM   219 O O   . LEU A 1 57  ? -9.188  14.101  5.815   1.00 20.41 ? 65  LEU A O   1 
ATOM   220 C CB  . LEU A 1 57  ? -11.609 15.657  5.414   1.00 20.96 ? 65  LEU A CB  1 
ATOM   221 C CG  . LEU A 1 57  ? -12.769 16.627  5.707   1.00 22.33 ? 65  LEU A CG  1 
ATOM   222 C CD1 . LEU A 1 57  ? -14.082 15.876  5.826   1.00 22.03 ? 65  LEU A CD1 1 
ATOM   223 C CD2 . LEU A 1 57  ? -12.527 17.491  6.961   1.00 22.42 ? 65  LEU A CD2 1 
ATOM   224 N N   . ARG A 1 58  ? -8.186  15.456  4.318   1.00 20.04 ? 66  ARG A N   1 
ATOM   225 C CA  A ARG A 1 58  ? -7.242  14.455  3.841   0.50 19.44 ? 66  ARG A CA  1 
ATOM   226 C CA  B ARG A 1 58  ? -7.259  14.448  3.841   0.50 19.53 ? 66  ARG A CA  1 
ATOM   227 C C   . ARG A 1 58  ? -6.310  13.944  4.929   1.00 19.23 ? 66  ARG A C   1 
ATOM   228 O O   . ARG A 1 58  ? -6.100  12.736  5.060   1.00 17.70 ? 66  ARG A O   1 
ATOM   229 C CB  A ARG A 1 58  ? -6.428  14.994  2.658   0.50 20.19 ? 66  ARG A CB  1 
ATOM   230 C CB  B ARG A 1 58  ? -6.481  14.974  2.632   0.50 20.30 ? 66  ARG A CB  1 
ATOM   231 C CG  A ARG A 1 58  ? -5.366  14.016  2.138   0.50 20.79 ? 66  ARG A CG  1 
ATOM   232 C CG  B ARG A 1 58  ? -5.976  13.873  1.706   0.50 21.45 ? 66  ARG A CG  1 
ATOM   233 C CD  A ARG A 1 58  ? -5.598  13.726  0.655   0.50 23.21 ? 66  ARG A CD  1 
ATOM   234 C CD  B ARG A 1 58  ? -5.776  14.413  0.290   0.50 23.21 ? 66  ARG A CD  1 
ATOM   235 N NE  A ARG A 1 58  ? -4.404  13.259  -0.033  0.50 23.23 ? 66  ARG A NE  1 
ATOM   236 N NE  B ARG A 1 58  ? -7.050  14.567  -0.407  0.50 23.85 ? 66  ARG A NE  1 
ATOM   237 C CZ  A ARG A 1 58  ? -4.420  12.699  -1.238  0.50 24.15 ? 66  ARG A CZ  1 
ATOM   238 C CZ  B ARG A 1 58  ? -7.236  15.341  -1.469  0.50 23.89 ? 66  ARG A CZ  1 
ATOM   239 N NH1 A ARG A 1 58  ? -5.570  12.524  -1.876  0.50 23.55 ? 66  ARG A NH1 1 
ATOM   240 N NH1 B ARG A 1 58  ? -6.229  16.048  -1.962  0.50 23.32 ? 66  ARG A NH1 1 
ATOM   241 N NH2 A ARG A 1 58  ? -3.298  12.298  -1.797  0.50 21.79 ? 66  ARG A NH2 1 
ATOM   242 N NH2 B ARG A 1 58  ? -8.432  15.415  -2.035  0.50 23.50 ? 66  ARG A NH2 1 
ATOM   243 N N   . ARG A 1 59  ? -5.737  14.875  5.700   1.00 17.45 ? 67  ARG A N   1 
ATOM   244 C CA  . ARG A 1 59  ? -4.829  14.481  6.771   1.00 17.06 ? 67  ARG A CA  1 
ATOM   245 C C   . ARG A 1 59  ? -5.586  13.771  7.899   1.00 14.72 ? 67  ARG A C   1 
ATOM   246 O O   . ARG A 1 59  ? -5.046  12.837  8.489   1.00 14.66 ? 67  ARG A O   1 
ATOM   247 C CB  . ARG A 1 59  ? -4.055  15.687  7.319   1.00 17.41 ? 67  ARG A CB  1 
ATOM   248 C CG  . ARG A 1 59  ? -3.207  16.477  6.300   1.00 20.23 ? 67  ARG A CG  1 
ATOM   249 C CD  . ARG A 1 59  ? -2.131  15.670  5.621   1.00 23.19 ? 67  ARG A CD  1 
ATOM   250 N NE  . ARG A 1 59  ? -1.137  15.083  6.525   1.00 27.26 ? 67  ARG A NE  1 
ATOM   251 C CZ  . ARG A 1 59  ? -0.156  14.267  6.132   1.00 30.34 ? 67  ARG A CZ  1 
ATOM   252 N NH1 . ARG A 1 59  ? -0.020  13.948  4.846   1.00 32.84 ? 67  ARG A NH1 1 
ATOM   253 N NH2 . ARG A 1 59  ? 0.708   13.779  7.019   1.00 31.67 ? 67  ARG A NH2 1 
ATOM   254 N N   . ALA A 1 60  ? -6.807  14.225  8.182   1.00 14.08 ? 68  ALA A N   1 
ATOM   255 C CA  . ALA A 1 60  ? -7.698  13.588  9.154   1.00 13.69 ? 68  ALA A CA  1 
ATOM   256 C C   . ALA A 1 60  ? -8.035  12.150  8.704   1.00 14.30 ? 68  ALA A C   1 
ATOM   257 O O   . ALA A 1 60  ? -8.049  11.222  9.513   1.00 13.95 ? 68  ALA A O   1 
ATOM   258 C CB  . ALA A 1 60  ? -8.976  14.381  9.302   1.00 14.44 ? 68  ALA A CB  1 
ATOM   259 N N   . LEU A 1 61  ? -8.307  11.969  7.404   1.00 12.83 ? 69  LEU A N   1 
ATOM   260 C CA  . LEU A 1 61  ? -8.537  10.629  6.867   1.00 12.13 ? 69  LEU A CA  1 
ATOM   261 C C   . LEU A 1 61  ? -7.341  9.711   7.144   1.00 10.83 ? 69  LEU A C   1 
ATOM   262 O O   . LEU A 1 61  ? -7.507  8.562   7.560   1.00 9.84  ? 69  LEU A O   1 
ATOM   263 C CB  . LEU A 1 61  ? -8.771  10.682  5.348   1.00 11.87 ? 69  LEU A CB  1 
ATOM   264 C CG  . LEU A 1 61  ? -8.669  9.337   4.617   1.00 12.27 ? 69  LEU A CG  1 
ATOM   265 C CD1 . LEU A 1 61  ? -9.782  8.382   4.998   1.00 13.45 ? 69  LEU A CD1 1 
ATOM   266 C CD2 . LEU A 1 61  ? -8.724  9.551   3.093   1.00 16.15 ? 69  LEU A CD2 1 
ATOM   267 N N   . LEU A 1 62  ? -6.136  10.209  6.910   1.00 10.98 ? 70  LEU A N   1 
ATOM   268 C CA  . LEU A 1 62  ? -4.945  9.397   7.159   1.00 11.22 ? 70  LEU A CA  1 
ATOM   269 C C   . LEU A 1 62  ? -4.831  8.927   8.618   1.00 10.49 ? 70  LEU A C   1 
ATOM   270 O O   . LEU A 1 62  ? -4.345  7.800   8.901   1.00 10.16 ? 70  LEU A O   1 
ATOM   271 C CB  . LEU A 1 62  ? -3.701  10.176  6.753   1.00 12.42 ? 70  LEU A CB  1 
ATOM   272 C CG  . LEU A 1 62  ? -3.545  10.482  5.243   1.00 15.73 ? 70  LEU A CG  1 
ATOM   273 C CD1 . LEU A 1 62  ? -2.207  11.127  5.020   1.00 20.93 ? 70  LEU A CD1 1 
ATOM   274 C CD2 . LEU A 1 62  ? -3.668  9.230   4.393   1.00 17.46 ? 70  LEU A CD2 1 
ATOM   275 N N   . GLN A 1 63  ? -5.208  9.817   9.546   1.00 9.65  ? 71  GLN A N   1 
ATOM   276 C CA  . GLN A 1 63  ? -5.218  9.481   10.982  1.00 8.94  ? 71  GLN A CA  1 
ATOM   277 C C   . GLN A 1 63  ? -6.233  8.367   11.242  1.00 8.68  ? 71  GLN A C   1 
ATOM   278 O O   . GLN A 1 63  ? -5.955  7.432   12.008  1.00 8.03  ? 71  GLN A O   1 
ATOM   279 C CB  . GLN A 1 63  ? -5.548  10.718  11.847  1.00 10.15 ? 71  GLN A CB  1 
ATOM   280 C CG  . GLN A 1 63  ? -4.418  11.769  11.833  1.00 10.26 ? 71  GLN A CG  1 
ATOM   281 C CD  . GLN A 1 63  ? -3.097  11.226  12.341  1.00 13.90 ? 71  GLN A CD  1 
ATOM   282 O OE1 . GLN A 1 63  ? -3.030  10.656  13.425  1.00 16.14 ? 71  GLN A OE1 1 
ATOM   283 N NE2 . GLN A 1 63  ? -2.038  11.390  11.556  1.00 15.86 ? 71  GLN A NE2 1 
ATOM   284 N N   . ASP A 1 64  ? -7.392  8.476   10.609  1.00 8.27  ? 72  ASP A N   1 
ATOM   285 C CA  . ASP A 1 64  ? -8.471  7.475   10.783  1.00 9.74  ? 72  ASP A CA  1 
ATOM   286 C C   . ASP A 1 64  ? -8.011  6.105   10.256  1.00 9.31  ? 72  ASP A C   1 
ATOM   287 O O   . ASP A 1 64  ? -8.154  5.081   10.909  1.00 8.63  ? 72  ASP A O   1 
ATOM   288 C CB  . ASP A 1 64  ? -9.743  7.969   10.080  1.00 10.17 ? 72  ASP A CB  1 
ATOM   289 C CG  . ASP A 1 64  ? -11.012 7.327   10.639  1.00 12.92 ? 72  ASP A CG  1 
ATOM   290 O OD1 . ASP A 1 64  ? -11.049 6.095   10.736  1.00 16.34 ? 72  ASP A OD1 1 
ATOM   291 O OD2 . ASP A 1 64  ? -11.984 8.039   10.948  1.00 16.70 ? 72  ASP A OD2 1 
ATOM   292 N N   . LEU A 1 65  ? -7.439  6.110   9.068   1.00 8.43  ? 73  LEU A N   1 
ATOM   293 C CA  . LEU A 1 65  ? -6.967  4.861   8.450   1.00 10.59 ? 73  LEU A CA  1 
ATOM   294 C C   . LEU A 1 65  ? -5.949  4.183   9.356   1.00 10.24 ? 73  LEU A C   1 
ATOM   295 O O   . LEU A 1 65  ? -6.038  3.000   9.591   1.00 10.18 ? 73  LEU A O   1 
ATOM   296 C CB  . LEU A 1 65  ? -6.329  5.164   7.086   1.00 9.52  ? 73  LEU A CB  1 
ATOM   297 C CG  . LEU A 1 65  ? -7.306  5.533   5.961   1.00 11.44 ? 73  LEU A CG  1 
ATOM   298 C CD1 . LEU A 1 65  ? -6.578  6.022   4.714   1.00 13.34 ? 73  LEU A CD1 1 
ATOM   299 C CD2 . LEU A 1 65  ? -8.163  4.304   5.625   1.00 14.45 ? 73  LEU A CD2 1 
ATOM   300 N N   . GLU A 1 66  ? -4.959  4.940   9.845   1.00 10.47 ? 74  GLU A N   1 
ATOM   301 C CA  . GLU A 1 66  ? -3.957  4.349   10.737  1.00 11.35 ? 74  GLU A CA  1 
ATOM   302 C C   . GLU A 1 66  ? -4.542  3.857   12.063  1.00 11.23 ? 74  GLU A C   1 
ATOM   303 O O   . GLU A 1 66  ? -4.308  2.709   12.482  1.00 11.63 ? 74  GLU A O   1 
ATOM   304 C CB  . GLU A 1 66  ? -2.804  5.336   11.008  1.00 11.74 ? 74  GLU A CB  1 
ATOM   305 C CG  . GLU A 1 66  ? -1.740  4.735   11.978  1.00 16.42 ? 74  GLU A CG  1 
ATOM   306 C CD  . GLU A 1 66  ? -0.500  5.614   12.122  1.00 21.79 ? 74  GLU A CD  1 
ATOM   307 O OE1 . GLU A 1 66  ? -0.537  6.787   11.672  1.00 24.68 ? 74  GLU A OE1 1 
ATOM   308 O OE2 . GLU A 1 66  ? 0.489   5.121   12.706  1.00 23.46 ? 74  GLU A OE2 1 
ATOM   309 N N   . SER A 1 67  ? -5.301  4.715   12.748  1.00 9.96  ? 75  SER A N   1 
ATOM   310 C CA  . SER A 1 67  ? -5.781  4.375   14.095  1.00 9.01  ? 75  SER A CA  1 
ATOM   311 C C   . SER A 1 67  ? -6.863  3.296   14.134  1.00 9.67  ? 75  SER A C   1 
ATOM   312 O O   . SER A 1 67  ? -6.880  2.441   15.044  1.00 9.40  ? 75  SER A O   1 
ATOM   313 C CB  . SER A 1 67  ? -6.358  5.618   14.788  1.00 9.35  ? 75  SER A CB  1 
ATOM   314 O OG  . SER A 1 67  ? -5.323  6.598   14.971  1.00 11.05 ? 75  SER A OG  1 
ATOM   315 N N   . ASN A 1 68  ? -7.800  3.403   13.192  1.00 9.39  ? 76  ASN A N   1 
ATOM   316 C CA  . ASN A 1 68  ? -9.013  2.575   13.208  1.00 10.51 ? 76  ASN A CA  1 
ATOM   317 C C   . ASN A 1 68  ? -8.924  1.368   12.293  1.00 11.62 ? 76  ASN A C   1 
ATOM   318 O O   . ASN A 1 68  ? -9.526  0.329   12.582  1.00 12.17 ? 76  ASN A O   1 
ATOM   319 C CB  . ASN A 1 68  ? -10.209 3.453   12.845  1.00 10.23 ? 76  ASN A CB  1 
ATOM   320 C CG  . ASN A 1 68  ? -10.551 4.429   13.975  1.00 9.76  ? 76  ASN A CG  1 
ATOM   321 O OD1 . ASN A 1 68  ? -10.524 4.048   15.136  1.00 10.12 ? 76  ASN A OD1 1 
ATOM   322 N ND2 . ASN A 1 68  ? -10.863 5.686   13.626  1.00 10.19 ? 76  ASN A ND2 1 
ATOM   323 N N   . GLU A 1 69  ? -8.163  1.517   11.212  1.00 13.87 ? 77  GLU A N   1 
ATOM   324 C CA  . GLU A 1 69  ? -7.989  0.442   10.229  1.00 16.20 ? 77  GLU A CA  1 
ATOM   325 C C   . GLU A 1 69  ? -6.577  -0.188  10.226  1.00 17.57 ? 77  GLU A C   1 
ATOM   326 O O   . GLU A 1 69  ? -6.336  -1.201  9.541   1.00 19.26 ? 77  GLU A O   1 
ATOM   327 C CB  . GLU A 1 69  ? -8.401  0.932   8.826   1.00 17.02 ? 77  GLU A CB  1 
ATOM   328 C CG  . GLU A 1 69  ? -9.943  1.164   8.568   1.00 17.80 ? 77  GLU A CG  1 
ATOM   329 C CD  . GLU A 1 69  ? -10.545 2.411   9.233   1.00 16.78 ? 77  GLU A CD  1 
ATOM   330 O OE1 . GLU A 1 69  ? -10.151 3.576   8.932   1.00 18.18 ? 77  GLU A OE1 1 
ATOM   331 O OE2 . GLU A 1 69  ? -11.462 2.226   10.064  1.00 12.51 ? 77  GLU A OE2 1 
ATOM   332 N N   . GLY A 1 70  ? -5.643  0.364   11.004  1.00 17.10 ? 78  GLY A N   1 
ATOM   333 C CA  . GLY A 1 70  ? -4.284  -0.157  11.038  1.00 17.38 ? 78  GLY A CA  1 
ATOM   334 C C   . GLY A 1 70  ? -3.577  -0.065  9.692   1.00 17.50 ? 78  GLY A C   1 
ATOM   335 O O   . GLY A 1 70  ? -2.606  -0.792  9.449   1.00 19.52 ? 78  GLY A O   1 
ATOM   336 N N   . VAL A 1 71  ? -4.001  0.871   8.858   1.00 16.28 ? 79  VAL A N   1 
ATOM   337 C CA  . VAL A 1 71  ? -3.413  1.090   7.535   1.00 17.21 ? 79  VAL A CA  1 
ATOM   338 C C   . VAL A 1 71  ? -2.672  2.413   7.559   1.00 16.74 ? 79  VAL A C   1 
ATOM   339 O O   . VAL A 1 71  ? -3.296  3.471   7.709   1.00 17.09 ? 79  VAL A O   1 
ATOM   340 C CB  . VAL A 1 71  ? -4.500  1.070   6.415   1.00 17.10 ? 79  VAL A CB  1 
ATOM   341 C CG1 . VAL A 1 71  ? -3.901  1.381   5.021   1.00 18.64 ? 79  VAL A CG1 1 
ATOM   342 C CG2 . VAL A 1 71  ? -5.221  -0.291  6.412   1.00 19.23 ? 79  VAL A CG2 1 
ATOM   343 N N   . ARG A 1 72  ? -1.335  2.349   7.473   1.00 16.47 ? 80  ARG A N   1 
ATOM   344 C CA  . ARG A 1 72  ? -0.516  3.564   7.460   1.00 17.83 ? 80  ARG A CA  1 
ATOM   345 C C   . ARG A 1 72  ? -0.163  3.953   6.038   1.00 17.60 ? 80  ARG A C   1 
ATOM   346 O O   . ARG A 1 72  ? 0.524   3.180   5.348   1.00 18.69 ? 80  ARG A O   1 
ATOM   347 C CB  . ARG A 1 72  ? 0.792   3.349   8.271   1.00 17.93 ? 80  ARG A CB  1 
ATOM   348 C CG  . ARG A 1 72  ? 0.580   2.816   9.673   1.00 23.22 ? 80  ARG A CG  1 
ATOM   349 C CD  . ARG A 1 72  ? 1.921   2.431   10.350  1.00 30.13 ? 80  ARG A CD  1 
ATOM   350 N NE  . ARG A 1 72  ? 2.254   1.007   10.209  1.00 35.28 ? 80  ARG A NE  1 
ATOM   351 C CZ  . ARG A 1 72  ? 3.482   0.512   10.035  1.00 39.11 ? 80  ARG A CZ  1 
ATOM   352 N NH1 . ARG A 1 72  ? 3.646   -0.806  9.934   1.00 40.62 ? 80  ARG A NH1 1 
ATOM   353 N NH2 . ARG A 1 72  ? 4.548   1.318   9.946   1.00 37.91 ? 80  ARG A NH2 1 
ATOM   354 N N   . VAL A 1 73  ? -0.601  5.137   5.597   1.00 16.20 ? 81  VAL A N   1 
ATOM   355 C CA  . VAL A 1 73  ? -0.268  5.651   4.257   1.00 14.99 ? 81  VAL A CA  1 
ATOM   356 C C   . VAL A 1 73  ? 0.788   6.740   4.381   1.00 15.76 ? 81  VAL A C   1 
ATOM   357 O O   . VAL A 1 73  ? 0.689   7.600   5.290   1.00 15.28 ? 81  VAL A O   1 
ATOM   358 C CB  . VAL A 1 73  ? -1.509  6.257   3.562   1.00 15.15 ? 81  VAL A CB  1 
ATOM   359 C CG1 . VAL A 1 73  ? -1.140  6.990   2.237   1.00 13.20 ? 81  VAL A CG1 1 
ATOM   360 C CG2 . VAL A 1 73  ? -2.564  5.173   3.339   1.00 16.21 ? 81  VAL A CG2 1 
ATOM   361 N N   . TYR A 1 74  ? 1.794   6.704   3.510   1.00 14.06 ? 82  TYR A N   1 
ATOM   362 C CA  . TYR A 1 74  ? 2.831   7.748   3.464   1.00 16.31 ? 82  TYR A CA  1 
ATOM   363 C C   . TYR A 1 74  ? 3.055   8.144   2.003   1.00 16.91 ? 82  TYR A C   1 
ATOM   364 O O   . TYR A 1 74  ? 2.889   7.311   1.120   1.00 16.86 ? 82  TYR A O   1 
ATOM   365 C CB  . TYR A 1 74  ? 4.184   7.225   3.981   1.00 16.07 ? 82  TYR A CB  1 
ATOM   366 C CG  . TYR A 1 74  ? 4.225   6.615   5.360   1.00 18.55 ? 82  TYR A CG  1 
ATOM   367 C CD1 . TYR A 1 74  ? 4.614   7.370   6.459   1.00 22.63 ? 82  TYR A CD1 1 
ATOM   368 C CD2 . TYR A 1 74  ? 3.940   5.260   5.551   1.00 20.31 ? 82  TYR A CD2 1 
ATOM   369 C CE1 . TYR A 1 74  ? 4.693   6.795   7.738   1.00 27.62 ? 82  TYR A CE1 1 
ATOM   370 C CE2 . TYR A 1 74  ? 3.998   4.677   6.802   1.00 23.93 ? 82  TYR A CE2 1 
ATOM   371 C CZ  . TYR A 1 74  ? 4.384   5.445   7.894   1.00 28.68 ? 82  TYR A CZ  1 
ATOM   372 O OH  . TYR A 1 74  ? 4.448   4.861   9.137   1.00 32.66 ? 82  TYR A OH  1 
ATOM   373 N N   . PRO A 1 75  ? 3.459   9.404   1.747   1.00 17.44 ? 83  PRO A N   1 
ATOM   374 C CA  . PRO A 1 75  ? 3.976   9.715   0.409   1.00 17.25 ? 83  PRO A CA  1 
ATOM   375 C C   . PRO A 1 75  ? 5.228   8.897   0.210   1.00 16.39 ? 83  PRO A C   1 
ATOM   376 O O   . PRO A 1 75  ? 5.975   8.661   1.156   1.00 17.31 ? 83  PRO A O   1 
ATOM   377 C CB  . PRO A 1 75  ? 4.351   11.209  0.474   1.00 17.20 ? 83  PRO A CB  1 
ATOM   378 C CG  . PRO A 1 75  ? 4.278   11.592  1.903   1.00 19.17 ? 83  PRO A CG  1 
ATOM   379 C CD  . PRO A 1 75  ? 3.679   10.492  2.720   1.00 18.37 ? 83  PRO A CD  1 
ATOM   380 N N   . ARG A 1 76  ? 5.430   8.431   -1.006  1.00 15.94 ? 84  ARG A N   1 
ATOM   381 C CA  . ARG A 1 76  ? 6.639   7.689   -1.315  1.00 15.41 ? 84  ARG A CA  1 
ATOM   382 C C   . ARG A 1 76  ? 7.606   8.631   -2.020  1.00 16.01 ? 84  ARG A C   1 
ATOM   383 O O   . ARG A 1 76  ? 7.217   9.331   -2.959  1.00 16.91 ? 84  ARG A O   1 
ATOM   384 C CB  . ARG A 1 76  ? 6.294   6.489   -2.209  1.00 14.59 ? 84  ARG A CB  1 
ATOM   385 C CG  . ARG A 1 76  ? 7.545   5.807   -2.787  1.00 12.21 ? 84  ARG A CG  1 
ATOM   386 C CD  . ARG A 1 76  ? 7.175   4.503   -3.514  1.00 12.14 ? 84  ARG A CD  1 
ATOM   387 N NE  . ARG A 1 76  ? 8.406   3.930   -4.066  1.00 12.85 ? 84  ARG A NE  1 
ATOM   388 C CZ  . ARG A 1 76  ? 8.482   3.271   -5.213  1.00 12.42 ? 84  ARG A CZ  1 
ATOM   389 N NH1 . ARG A 1 76  ? 7.386   3.121   -5.997  1.00 12.67 ? 84  ARG A NH1 1 
ATOM   390 N NH2 . ARG A 1 76  ? 9.670   2.812   -5.587  1.00 11.58 ? 84  ARG A NH2 1 
ATOM   391 N N   . GLU A 1 77  ? 8.854   8.675   -1.562  1.00 15.87 ? 85  GLU A N   1 
ATOM   392 C CA  . GLU A 1 77  ? 9.890   9.443   -2.241  1.00 17.71 ? 85  GLU A CA  1 
ATOM   393 C C   . GLU A 1 77  ? 10.734  8.486   -3.074  1.00 18.21 ? 85  GLU A C   1 
ATOM   394 O O   . GLU A 1 77  ? 10.938  7.331   -2.676  1.00 17.45 ? 85  GLU A O   1 
ATOM   395 C CB  . GLU A 1 77  ? 10.794  10.112  -1.223  1.00 17.95 ? 85  GLU A CB  1 
ATOM   396 C CG  . GLU A 1 77  ? 10.058  10.953  -0.199  1.00 24.16 ? 85  GLU A CG  1 
ATOM   397 C CD  . GLU A 1 77  ? 9.872   12.370  -0.654  1.00 31.49 ? 85  GLU A CD  1 
ATOM   398 O OE1 . GLU A 1 77  ? 10.699  13.226  -0.257  1.00 35.75 ? 85  GLU A OE1 1 
ATOM   399 O OE2 . GLU A 1 77  ? 8.916   12.625  -1.420  1.00 34.08 ? 85  GLU A OE2 1 
ATOM   400 N N   . LYS A 1 78  ? 11.229  8.968   -4.218  1.00 18.80 ? 86  LYS A N   1 
ATOM   401 C CA  . LYS A 1 78  ? 12.062  8.153   -5.101  1.00 19.22 ? 86  LYS A CA  1 
ATOM   402 C C   . LYS A 1 78  ? 13.274  7.600   -4.339  1.00 19.40 ? 86  LYS A C   1 
ATOM   403 O O   . LYS A 1 78  ? 13.719  6.489   -4.609  1.00 20.78 ? 86  LYS A O   1 
ATOM   404 C CB  . LYS A 1 78  ? 12.529  8.977   -6.311  1.00 19.92 ? 86  LYS A CB  1 
ATOM   405 N N   . THR A 1 79  ? 13.777  8.361   -3.370  1.00 18.80 ? 87  THR A N   1 
ATOM   406 C CA  . THR A 1 79  ? 14.924  7.942   -2.552  1.00 18.44 ? 87  THR A CA  1 
ATOM   407 C C   . THR A 1 79  ? 14.626  7.044   -1.328  1.00 17.03 ? 87  THR A C   1 
ATOM   408 O O   . THR A 1 79  ? 15.565  6.652   -0.633  1.00 17.33 ? 87  THR A O   1 
ATOM   409 C CB  . THR A 1 79  ? 15.612  9.152   -1.988  1.00 19.13 ? 87  THR A CB  1 
ATOM   410 O OG1 . THR A 1 79  ? 14.645  9.901   -1.231  1.00 21.66 ? 87  THR A OG1 1 
ATOM   411 C CG2 . THR A 1 79  ? 16.210  9.989   -3.117  1.00 21.39 ? 87  THR A CG2 1 
ATOM   412 N N   . ASP A 1 80  ? 13.349  6.789   -1.011  1.00 14.71 ? 88  ASP A N   1 
ATOM   413 C CA  . ASP A 1 80  ? 12.982  5.802   0.037   1.00 13.58 ? 88  ASP A CA  1 
ATOM   414 C C   . ASP A 1 80  ? 13.559  4.416   -0.263  1.00 13.29 ? 88  ASP A C   1 
ATOM   415 O O   . ASP A 1 80  ? 13.186  3.780   -1.294  1.00 12.93 ? 88  ASP A O   1 
ATOM   416 C CB  . ASP A 1 80  ? 11.471  5.622   0.112   1.00 12.85 ? 88  ASP A CB  1 
ATOM   417 C CG  . ASP A 1 80  ? 10.754  6.834   0.679   1.00 14.26 ? 88  ASP A CG  1 
ATOM   418 O OD1 . ASP A 1 80  ? 11.416  7.708   1.290   1.00 14.53 ? 88  ASP A OD1 1 
ATOM   419 O OD2 . ASP A 1 80  ? 9.520   6.891   0.492   1.00 14.77 ? 88  ASP A OD2 1 
ATOM   420 N N   . LYS A 1 81  ? 14.434  3.937   0.623   1.00 11.45 ? 89  LYS A N   1 
ATOM   421 C CA  . LYS A 1 81  ? 15.013  2.614   0.493   1.00 10.65 ? 89  LYS A CA  1 
ATOM   422 C C   . LYS A 1 81  ? 14.047  1.530   0.944   1.00 10.50 ? 89  LYS A C   1 
ATOM   423 O O   . LYS A 1 81  ? 13.155  1.776   1.783   1.00 8.85  ? 89  LYS A O   1 
ATOM   424 C CB  . LYS A 1 81  ? 16.366  2.532   1.252   1.00 12.29 ? 89  LYS A CB  1 
ATOM   425 C CG  . LYS A 1 81  ? 16.238  2.546   2.782   1.00 14.68 ? 89  LYS A CG  1 
ATOM   426 C CD  . LYS A 1 81  ? 17.640  2.345   3.405   1.00 18.90 ? 89  LYS A CD  1 
ATOM   427 C CE  . LYS A 1 81  ? 17.558  1.858   4.857   1.00 19.32 ? 89  LYS A CE  1 
ATOM   428 N NZ  . LYS A 1 81  ? 18.869  1.759   5.545   1.00 26.75 ? 89  LYS A NZ  1 
ATOM   429 N N   . PHE A 1 82  ? 14.187  0.334   0.366   1.00 9.38  ? 90  PHE A N   1 
ATOM   430 C CA  . PHE A 1 82  ? 13.316  -0.762  0.745   1.00 9.41  ? 90  PHE A CA  1 
ATOM   431 C C   . PHE A 1 82  ? 14.000  -2.115  0.655   1.00 10.54 ? 90  PHE A C   1 
ATOM   432 O O   . PHE A 1 82  ? 14.979  -2.264  -0.082  1.00 9.59  ? 90  PHE A O   1 
ATOM   433 C CB  . PHE A 1 82  ? 11.993  -0.739  -0.023  1.00 9.45  ? 90  PHE A CB  1 
ATOM   434 C CG  . PHE A 1 82  ? 12.134  -1.043  -1.490  1.00 10.10 ? 90  PHE A CG  1 
ATOM   435 C CD1 . PHE A 1 82  ? 12.210  -2.374  -1.935  1.00 9.97  ? 90  PHE A CD1 1 
ATOM   436 C CD2 . PHE A 1 82  ? 12.175  -0.008  -2.425  1.00 9.45  ? 90  PHE A CD2 1 
ATOM   437 C CE1 . PHE A 1 82  ? 12.351  -2.668  -3.300  1.00 11.16 ? 90  PHE A CE1 1 
ATOM   438 C CE2 . PHE A 1 82  ? 12.300  -0.299  -3.801  1.00 8.91  ? 90  PHE A CE2 1 
ATOM   439 C CZ  . PHE A 1 82  ? 12.372  -1.644  -4.228  1.00 7.76  ? 90  PHE A CZ  1 
ATOM   440 N N   . LYS A 1 83  ? 13.512  -3.074  1.440   1.00 10.46 ? 91  LYS A N   1 
ATOM   441 C CA  . LYS A 1 83  ? 14.060  -4.434  1.449   1.00 11.14 ? 91  LYS A CA  1 
ATOM   442 C C   . LYS A 1 83  ? 12.959  -5.414  1.069   1.00 12.08 ? 91  LYS A C   1 
ATOM   443 O O   . LYS A 1 83  ? 11.857  -5.354  1.611   1.00 11.74 ? 91  LYS A O   1 
ATOM   444 C CB  . LYS A 1 83  ? 14.638  -4.769  2.845   1.00 9.98  ? 91  LYS A CB  1 
ATOM   445 N N   . LEU A 1 84  ? 13.239  -6.316  0.128   1.00 12.93 ? 92  LEU A N   1 
ATOM   446 C CA  . LEU A 1 84  ? 12.263  -7.340  -0.258  1.00 14.01 ? 92  LEU A CA  1 
ATOM   447 C C   . LEU A 1 84  ? 11.885  -8.288  0.868   1.00 14.97 ? 92  LEU A C   1 
ATOM   448 O O   . LEU A 1 84  ? 12.684  -8.557  1.778   1.00 13.97 ? 92  LEU A O   1 
ATOM   449 C CB  . LEU A 1 84  ? 12.783  -8.171  -1.432  1.00 14.85 ? 92  LEU A CB  1 
ATOM   450 C CG  . LEU A 1 84  ? 13.105  -7.465  -2.740  1.00 15.17 ? 92  LEU A CG  1 
ATOM   451 C CD1 . LEU A 1 84  ? 13.459  -8.527  -3.788  1.00 18.80 ? 92  LEU A CD1 1 
ATOM   452 C CD2 . LEU A 1 84  ? 11.916  -6.637  -3.217  1.00 16.26 ? 92  LEU A CD2 1 
ATOM   453 N N   . GLN A 1 85  ? 10.656  -8.801  0.793   1.00 15.92 ? 93  GLN A N   1 
ATOM   454 C CA  . GLN A 1 85  ? 10.249  -9.974  1.561   1.00 17.66 ? 93  GLN A CA  1 
ATOM   455 C C   . GLN A 1 85  ? 11.176  -11.142 1.223   1.00 18.04 ? 93  GLN A C   1 
ATOM   456 O O   . GLN A 1 85  ? 11.583  -11.266 0.077   1.00 17.96 ? 93  GLN A O   1 
ATOM   457 C CB  . GLN A 1 85  ? 8.802   -10.374 1.201   1.00 17.58 ? 93  GLN A CB  1 
ATOM   458 C CG  . GLN A 1 85  ? 7.736   -9.366  1.606   1.00 20.01 ? 93  GLN A CG  1 
ATOM   459 C CD  . GLN A 1 85  ? 7.483   -9.342  3.079   1.00 23.39 ? 93  GLN A CD  1 
ATOM   460 O OE1 . GLN A 1 85  ? 7.887   -10.260 3.805   1.00 25.94 ? 93  GLN A OE1 1 
ATOM   461 N NE2 . GLN A 1 85  ? 6.808   -8.290  3.553   1.00 25.93 ? 93  GLN A NE2 1 
ATOM   462 N N   . PRO A 1 86  ? 11.485  -12.021 2.198   1.00 19.27 ? 94  PRO A N   1 
ATOM   463 C CA  . PRO A 1 86  ? 12.346  -13.140 1.813   1.00 20.83 ? 94  PRO A CA  1 
ATOM   464 C C   . PRO A 1 86  ? 11.682  -14.116 0.836   1.00 22.10 ? 94  PRO A C   1 
ATOM   465 O O   . PRO A 1 86  ? 10.458  -14.185 0.754   1.00 22.10 ? 94  PRO A O   1 
ATOM   466 C CB  . PRO A 1 86  ? 12.664  -13.835 3.146   1.00 20.96 ? 94  PRO A CB  1 
ATOM   467 C CG  . PRO A 1 86  ? 11.571  -13.452 4.057   1.00 20.51 ? 94  PRO A CG  1 
ATOM   468 C CD  . PRO A 1 86  ? 11.061  -12.102 3.608   1.00 19.30 ? 94  PRO A CD  1 
ATOM   469 N N   . ASP A 1 87  ? 12.497  -14.855 0.087   1.00 23.42 ? 95  ASP A N   1 
ATOM   470 C CA  . ASP A 1 87  ? 11.966  -15.888 -0.787  1.00 24.83 ? 95  ASP A CA  1 
ATOM   471 C C   . ASP A 1 87  ? 11.741  -17.138 0.076   1.00 25.29 ? 95  ASP A C   1 
ATOM   472 O O   . ASP A 1 87  ? 12.533  -18.084 0.060   1.00 25.67 ? 95  ASP A O   1 
ATOM   473 C CB  . ASP A 1 87  ? 12.902  -16.131 -1.983  1.00 25.29 ? 95  ASP A CB  1 
ATOM   474 C CG  . ASP A 1 87  ? 12.330  -17.139 -2.988  1.00 27.23 ? 95  ASP A CG  1 
ATOM   475 O OD1 . ASP A 1 87  ? 11.170  -17.596 -2.817  1.00 29.13 ? 95  ASP A OD1 1 
ATOM   476 O OD2 . ASP A 1 87  ? 13.048  -17.476 -3.954  1.00 28.88 ? 95  ASP A OD2 1 
ATOM   477 N N   . GLU A 1 88  ? 10.668  -17.087 0.860   1.00 26.01 ? 96  GLU A N   1 
ATOM   478 C CA  . GLU A 1 88  ? 10.282  -18.136 1.799   1.00 26.97 ? 96  GLU A CA  1 
ATOM   479 C C   . GLU A 1 88  ? 8.842   -18.482 1.502   1.00 26.85 ? 96  GLU A C   1 
ATOM   480 O O   . GLU A 1 88  ? 8.074   -17.609 1.090   1.00 26.64 ? 96  GLU A O   1 
ATOM   481 C CB  . GLU A 1 88  ? 10.313  -17.601 3.228   1.00 27.24 ? 96  GLU A CB  1 
ATOM   482 C CG  . GLU A 1 88  ? 11.679  -17.505 3.884   1.00 30.07 ? 96  GLU A CG  1 
ATOM   483 C CD  . GLU A 1 88  ? 11.575  -17.019 5.326   1.00 31.94 ? 96  GLU A CD  1 
ATOM   484 O OE1 . GLU A 1 88  ? 10.477  -16.573 5.732   1.00 33.92 ? 96  GLU A OE1 1 
ATOM   485 O OE2 . GLU A 1 88  ? 12.587  -17.084 6.054   1.00 34.40 ? 96  GLU A OE2 1 
ATOM   486 N N   . SER A 1 89  ? 8.471   -19.744 1.753   1.00 26.86 ? 97  SER A N   1 
ATOM   487 C CA  . SER A 1 89  ? 7.098   -20.244 1.569   1.00 26.22 ? 97  SER A CA  1 
ATOM   488 C C   . SER A 1 89  ? 6.518   -19.871 0.205   1.00 25.47 ? 97  SER A C   1 
ATOM   489 O O   . SER A 1 89  ? 7.009   -20.312 -0.834  1.00 25.66 ? 97  SER A O   1 
ATOM   490 C CB  . SER A 1 89  ? 6.169   -19.766 2.700   1.00 26.61 ? 97  SER A CB  1 
ATOM   491 O OG  . SER A 1 89  ? 6.172   -20.685 3.776   1.00 27.37 ? 97  SER A OG  1 
ATOM   492 N N   . VAL A 1 90  ? 5.483   -19.038 0.215   1.00 24.38 ? 98  VAL A N   1 
ATOM   493 C CA  . VAL A 1 90  ? 4.792   -18.687 -1.014  1.00 23.24 ? 98  VAL A CA  1 
ATOM   494 C C   . VAL A 1 90  ? 4.881   -17.180 -1.298  1.00 22.38 ? 98  VAL A C   1 
ATOM   495 O O   . VAL A 1 90  ? 4.040   -16.627 -2.019  1.00 21.99 ? 98  VAL A O   1 
ATOM   496 C CB  . VAL A 1 90  ? 3.299   -19.164 -0.990  1.00 23.72 ? 98  VAL A CB  1 
ATOM   497 C CG1 . VAL A 1 90  ? 3.212   -20.697 -1.121  1.00 24.11 ? 98  VAL A CG1 1 
ATOM   498 C CG2 . VAL A 1 90  ? 2.543   -18.638 0.262   1.00 23.38 ? 98  VAL A CG2 1 
ATOM   499 N N   . ASN A 1 91  ? 5.896   -16.535 -0.728  1.00 20.95 ? 99  ASN A N   1 
ATOM   500 C CA  . ASN A 1 91  ? 6.044   -15.074 -0.787  1.00 20.53 ? 99  ASN A CA  1 
ATOM   501 C C   . ASN A 1 91  ? 6.077   -14.533 -2.201  1.00 20.50 ? 99  ASN A C   1 
ATOM   502 O O   . ASN A 1 91  ? 5.373   -13.554 -2.522  1.00 19.81 ? 99  ASN A O   1 
ATOM   503 C CB  . ASN A 1 91  ? 7.288   -14.607 -0.029  1.00 19.69 ? 99  ASN A CB  1 
ATOM   504 C CG  . ASN A 1 91  ? 7.083   -14.582 1.461   1.00 19.97 ? 99  ASN A CG  1 
ATOM   505 O OD1 . ASN A 1 91  ? 5.992   -14.874 1.954   1.00 19.17 ? 99  ASN A OD1 1 
ATOM   506 N ND2 . ASN A 1 91  ? 8.123   -14.211 2.193   1.00 18.40 ? 99  ASN A ND2 1 
ATOM   507 N N   . ARG A 1 92  ? 6.882   -15.172 -3.047  1.00 19.61 ? 100 ARG A N   1 
ATOM   508 C CA  . ARG A 1 92  ? 7.035   -14.743 -4.428  1.00 20.30 ? 100 ARG A CA  1 
ATOM   509 C C   . ARG A 1 92  ? 5.750   -14.890 -5.237  1.00 19.93 ? 100 ARG A C   1 
ATOM   510 O O   . ARG A 1 92  ? 5.439   -14.047 -6.074  1.00 20.15 ? 100 ARG A O   1 
ATOM   511 C CB  . ARG A 1 92  ? 8.207   -15.464 -5.100  1.00 20.48 ? 100 ARG A CB  1 
ATOM   512 C CG  . ARG A 1 92  ? 9.575   -15.100 -4.484  1.00 22.80 ? 100 ARG A CG  1 
ATOM   513 C CD  . ARG A 1 92  ? 9.966   -13.623 -4.736  1.00 23.71 ? 100 ARG A CD  1 
ATOM   514 N NE  . ARG A 1 92  ? 11.242  -13.258 -4.101  1.00 23.03 ? 100 ARG A NE  1 
ATOM   515 C CZ  . ARG A 1 92  ? 11.373  -12.525 -2.992  1.00 24.28 ? 100 ARG A CZ  1 
ATOM   516 N NH1 . ARG A 1 92  ? 10.307  -12.031 -2.347  1.00 22.58 ? 100 ARG A NH1 1 
ATOM   517 N NH2 . ARG A 1 92  ? 12.592  -12.271 -2.526  1.00 26.21 ? 100 ARG A NH2 1 
ATOM   518 N N   . LEU A 1 93  ? 4.999   -15.955 -4.988  1.00 19.74 ? 101 LEU A N   1 
ATOM   519 C CA  . LEU A 1 93  ? 3.727   -16.147 -5.682  1.00 19.89 ? 101 LEU A CA  1 
ATOM   520 C C   . LEU A 1 93  ? 2.671   -15.126 -5.262  1.00 18.54 ? 101 LEU A C   1 
ATOM   521 O O   . LEU A 1 93  ? 1.937   -14.603 -6.108  1.00 19.14 ? 101 LEU A O   1 
ATOM   522 C CB  . LEU A 1 93  ? 3.213   -17.575 -5.504  1.00 20.57 ? 101 LEU A CB  1 
ATOM   523 C CG  . LEU A 1 93  ? 1.936   -18.020 -6.230  1.00 22.90 ? 101 LEU A CG  1 
ATOM   524 C CD1 . LEU A 1 93  ? 1.922   -17.676 -7.735  1.00 25.25 ? 101 LEU A CD1 1 
ATOM   525 C CD2 . LEU A 1 93  ? 1.782   -19.516 -6.021  1.00 24.72 ? 101 LEU A CD2 1 
ATOM   526 N N   . ILE A 1 94  ? 2.587   -14.852 -3.961  1.00 17.37 ? 102 ILE A N   1 
ATOM   527 C CA  . ILE A 1 94  ? 1.718   -13.780 -3.461  1.00 16.79 ? 102 ILE A CA  1 
ATOM   528 C C   . ILE A 1 94  ? 2.055   -12.467 -4.168  1.00 16.37 ? 102 ILE A C   1 
ATOM   529 O O   . ILE A 1 94  ? 1.164   -11.740 -4.609  1.00 15.43 ? 102 ILE A O   1 
ATOM   530 C CB  . ILE A 1 94  ? 1.847   -13.600 -1.931  1.00 16.74 ? 102 ILE A CB  1 
ATOM   531 C CG1 . ILE A 1 94  ? 1.368   -14.853 -1.195  1.00 17.57 ? 102 ILE A CG1 1 
ATOM   532 C CG2 . ILE A 1 94  ? 1.067   -12.366 -1.434  1.00 15.58 ? 102 ILE A CG2 1 
ATOM   533 C CD1 . ILE A 1 94  ? 1.292   -14.670 0.298   1.00 18.06 ? 102 ILE A CD1 1 
ATOM   534 N N   . GLU A 1 95  ? 3.352   -12.187 -4.289  1.00 16.72 ? 103 GLU A N   1 
ATOM   535 C CA  . GLU A 1 95  ? 3.834   -10.948 -4.893  1.00 16.65 ? 103 GLU A CA  1 
ATOM   536 C C   . GLU A 1 95  ? 3.475   -10.882 -6.375  1.00 17.44 ? 103 GLU A C   1 
ATOM   537 O O   . GLU A 1 95  ? 3.059   -9.830  -6.858  1.00 17.00 ? 103 GLU A O   1 
ATOM   538 C CB  . GLU A 1 95  ? 5.352   -10.790 -4.661  1.00 16.84 ? 103 GLU A CB  1 
ATOM   539 C CG  . GLU A 1 95  ? 5.654   -10.476 -3.202  1.00 16.20 ? 103 GLU A CG  1 
ATOM   540 C CD  . GLU A 1 95  ? 7.091   -10.710 -2.801  1.00 20.93 ? 103 GLU A CD  1 
ATOM   541 O OE1 . GLU A 1 95  ? 7.870   -11.236 -3.622  1.00 19.73 ? 103 GLU A OE1 1 
ATOM   542 O OE2 . GLU A 1 95  ? 7.425   -10.372 -1.640  1.00 23.69 ? 103 GLU A OE2 1 
ATOM   543 N N   . HIS A 1 96  ? 3.595   -12.013 -7.073  1.00 17.46 ? 104 HIS A N   1 
ATOM   544 C CA  . HIS A 1 96  ? 3.214   -12.115 -8.475  1.00 18.81 ? 104 HIS A CA  1 
ATOM   545 C C   . HIS A 1 96  ? 1.728   -11.827 -8.649  1.00 19.46 ? 104 HIS A C   1 
ATOM   546 O O   . HIS A 1 96  ? 1.334   -11.056 -9.525  1.00 19.95 ? 104 HIS A O   1 
ATOM   547 C CB  . HIS A 1 96  ? 3.515   -13.522 -8.998  1.00 20.23 ? 104 HIS A CB  1 
ATOM   548 C CG  . HIS A 1 96  ? 3.103   -13.736 -10.422 1.00 21.75 ? 104 HIS A CG  1 
ATOM   549 N ND1 . HIS A 1 96  ? 3.971   -13.567 -11.479 1.00 25.74 ? 104 HIS A ND1 1 
ATOM   550 C CD2 . HIS A 1 96  ? 1.914   -14.091 -10.964 1.00 23.87 ? 104 HIS A CD2 1 
ATOM   551 C CE1 . HIS A 1 96  ? 3.340   -13.821 -12.611 1.00 25.31 ? 104 HIS A CE1 1 
ATOM   552 N NE2 . HIS A 1 96  ? 2.088   -14.136 -12.327 1.00 26.79 ? 104 HIS A NE2 1 
ATOM   553 N N   . ASP A 1 97  ? 0.914   -12.465 -7.812  1.00 19.11 ? 105 ASP A N   1 
ATOM   554 C CA  . ASP A 1 97  ? -0.523  -12.259 -7.825  1.00 18.76 ? 105 ASP A CA  1 
ATOM   555 C C   . ASP A 1 97  ? -0.895  -10.788 -7.549  1.00 17.89 ? 105 ASP A C   1 
ATOM   556 O O   . ASP A 1 97  ? -1.719  -10.221 -8.255  1.00 18.43 ? 105 ASP A O   1 
ATOM   557 C CB  . ASP A 1 97  ? -1.214  -13.197 -6.825  1.00 19.26 ? 105 ASP A CB  1 
ATOM   558 C CG  . ASP A 1 97  ? -1.101  -14.683 -7.209  1.00 21.69 ? 105 ASP A CG  1 
ATOM   559 O OD1 . ASP A 1 97  ? -0.719  -15.007 -8.361  1.00 22.21 ? 105 ASP A OD1 1 
ATOM   560 O OD2 . ASP A 1 97  ? -1.429  -15.533 -6.349  1.00 21.89 ? 105 ASP A OD2 1 
ATOM   561 N N   . ILE A 1 98  ? -0.278  -10.160 -6.546  1.00 17.04 ? 106 ILE A N   1 
ATOM   562 C CA  . ILE A 1 98  ? -0.531  -8.750  -6.254  1.00 16.08 ? 106 ILE A CA  1 
ATOM   563 C C   . ILE A 1 98  ? -0.230  -7.821  -7.451  1.00 16.72 ? 106 ILE A C   1 
ATOM   564 O O   . ILE A 1 98  ? -1.030  -6.923  -7.789  1.00 16.31 ? 106 ILE A O   1 
ATOM   565 C CB  . ILE A 1 98  ? 0.267   -8.280  -5.017  1.00 16.68 ? 106 ILE A CB  1 
ATOM   566 C CG1 . ILE A 1 98  ? -0.289  -8.922  -3.737  1.00 15.26 ? 106 ILE A CG1 1 
ATOM   567 C CG2 . ILE A 1 98  ? 0.247   -6.760  -4.886  1.00 14.03 ? 106 ILE A CG2 1 
ATOM   568 C CD1 . ILE A 1 98  ? 0.671   -8.720  -2.530  1.00 14.57 ? 106 ILE A CD1 1 
ATOM   569 N N   . ARG A 1 99  ? 0.938   -8.003  -8.064  1.00 15.90 ? 107 ARG A N   1 
ATOM   570 C CA  . ARG A 1 99  ? 1.313   -7.184  -9.228  1.00 17.34 ? 107 ARG A CA  1 
ATOM   571 C C   . ARG A 1 99  ? 0.381   -7.406  -10.430 1.00 18.23 ? 107 ARG A C   1 
ATOM   572 O O   . ARG A 1 99  ? 0.080   -6.465  -11.164 1.00 19.16 ? 107 ARG A O   1 
ATOM   573 C CB  . ARG A 1 99  ? 2.764   -7.444  -9.639  1.00 17.53 ? 107 ARG A CB  1 
ATOM   574 C CG  . ARG A 1 99  ? 3.780   -7.035  -8.573  1.00 16.77 ? 107 ARG A CG  1 
ATOM   575 C CD  . ARG A 1 99  ? 5.195   -6.906  -9.147  1.00 19.01 ? 107 ARG A CD  1 
ATOM   576 N NE  . ARG A 1 99  ? 6.105   -6.513  -8.069  1.00 19.47 ? 107 ARG A NE  1 
ATOM   577 C CZ  . ARG A 1 99  ? 6.856   -7.365  -7.392  1.00 21.94 ? 107 ARG A CZ  1 
ATOM   578 N NH1 . ARG A 1 99  ? 6.877   -8.671  -7.723  1.00 17.06 ? 107 ARG A NH1 1 
ATOM   579 N NH2 . ARG A 1 99  ? 7.626   -6.900  -6.423  1.00 24.46 ? 107 ARG A NH2 1 
ATOM   580 N N   . SER A 1 100 ? -0.090  -8.636  -10.605 1.00 18.93 ? 108 SER A N   1 
ATOM   581 C CA  . SER A 1 100 ? -1.095  -8.935  -11.639 1.00 20.30 ? 108 SER A CA  1 
ATOM   582 C C   . SER A 1 100 ? -2.354  -8.067  -11.498 1.00 20.15 ? 108 SER A C   1 
ATOM   583 O O   . SER A 1 100 ? -3.008  -7.758  -12.496 1.00 21.25 ? 108 SER A O   1 
ATOM   584 C CB  . SER A 1 100 ? -1.453  -10.429 -11.638 1.00 20.28 ? 108 SER A CB  1 
ATOM   585 O OG  . SER A 1 100 ? -2.511  -10.708 -10.726 1.00 22.90 ? 108 SER A OG  1 
ATOM   586 N N   . ARG A 1 101 ? -2.673  -7.651  -10.269 1.00 19.89 ? 109 ARG A N   1 
ATOM   587 C CA  A ARG A 1 101 ? -3.876  -6.865  -10.011 0.50 20.02 ? 109 ARG A CA  1 
ATOM   588 C CA  B ARG A 1 101 ? -3.880  -6.860  -9.983  0.50 19.80 ? 109 ARG A CA  1 
ATOM   589 C C   . ARG A 1 101 ? -3.596  -5.357  -9.875  1.00 19.96 ? 109 ARG A C   1 
ATOM   590 O O   . ARG A 1 101 ? -4.371  -4.530  -10.367 1.00 20.10 ? 109 ARG A O   1 
ATOM   591 C CB  A ARG A 1 101 ? -4.607  -7.399  -8.770  0.50 20.38 ? 109 ARG A CB  1 
ATOM   592 C CB  B ARG A 1 101 ? -4.549  -7.319  -8.678  0.50 20.04 ? 109 ARG A CB  1 
ATOM   593 C CG  A ARG A 1 101 ? -5.380  -8.701  -9.021  0.50 22.26 ? 109 ARG A CG  1 
ATOM   594 C CG  B ARG A 1 101 ? -4.991  -8.775  -8.648  0.50 20.77 ? 109 ARG A CG  1 
ATOM   595 C CD  A ARG A 1 101 ? -6.506  -8.429  -10.016 0.50 25.30 ? 109 ARG A CD  1 
ATOM   596 C CD  B ARG A 1 101 ? -5.729  -9.145  -9.921  0.50 23.67 ? 109 ARG A CD  1 
ATOM   597 N NE  A ARG A 1 101 ? -7.043  -7.103  -9.745  0.50 29.33 ? 109 ARG A NE  1 
ATOM   598 N NE  B ARG A 1 101 ? -6.661  -10.238 -9.686  0.50 25.69 ? 109 ARG A NE  1 
ATOM   599 C CZ  A ARG A 1 101 ? -7.673  -6.326  -10.621 0.50 30.40 ? 109 ARG A CZ  1 
ATOM   600 C CZ  B ARG A 1 101 ? -7.497  -10.717 -10.599 0.50 27.33 ? 109 ARG A CZ  1 
ATOM   601 N NH1 A ARG A 1 101 ? -7.864  -6.712  -11.874 0.50 29.28 ? 109 ARG A NH1 1 
ATOM   602 N NH1 B ARG A 1 101 ? -8.310  -11.715 -10.285 0.50 28.33 ? 109 ARG A NH1 1 
ATOM   603 N NH2 A ARG A 1 101 ? -8.085  -5.140  -10.224 0.50 30.93 ? 109 ARG A NH2 1 
ATOM   604 N NH2 B ARG A 1 101 ? -7.527  -10.200 -11.819 0.50 27.75 ? 109 ARG A NH2 1 
ATOM   605 N N   . LEU A 1 102 ? -2.497  -5.012  -9.204  1.00 18.84 ? 110 LEU A N   1 
ATOM   606 C CA  . LEU A 1 102 ? -2.101  -3.618  -8.954  1.00 19.00 ? 110 LEU A CA  1 
ATOM   607 C C   . LEU A 1 102 ? -1.132  -3.000  -9.980  1.00 19.58 ? 110 LEU A C   1 
ATOM   608 O O   . LEU A 1 102 ? -1.019  -1.775  -10.043 1.00 21.05 ? 110 LEU A O   1 
ATOM   609 C CB  . LEU A 1 102 ? -1.486  -3.484  -7.543  1.00 18.32 ? 110 LEU A CB  1 
ATOM   610 C CG  . LEU A 1 102 ? -2.395  -3.814  -6.358  1.00 18.71 ? 110 LEU A CG  1 
ATOM   611 C CD1 . LEU A 1 102 ? -1.678  -3.661  -5.002  1.00 18.69 ? 110 LEU A CD1 1 
ATOM   612 C CD2 . LEU A 1 102 ? -3.637  -2.919  -6.418  1.00 19.99 ? 110 LEU A CD2 1 
ATOM   613 N N   . GLY A 1 103 ? -0.432  -3.824  -10.759 1.00 18.48 ? 111 GLY A N   1 
ATOM   614 C CA  . GLY A 1 103 ? 0.569   -3.323  -11.718 1.00 18.20 ? 111 GLY A CA  1 
ATOM   615 C C   . GLY A 1 103 ? 1.956   -3.890  -11.494 1.00 17.74 ? 111 GLY A C   1 
ATOM   616 O O   . GLY A 1 103 ? 2.354   -4.134  -10.352 1.00 15.33 ? 111 GLY A O   1 
ATOM   617 N N   . ASP A 1 104 ? 2.712   -4.079  -12.583 1.00 17.33 ? 112 ASP A N   1 
ATOM   618 C CA  . ASP A 1 104 ? 4.004   -4.721  -12.471 1.00 18.05 ? 112 ASP A CA  1 
ATOM   619 C C   . ASP A 1 104 ? 5.066   -3.853  -11.800 1.00 16.78 ? 112 ASP A C   1 
ATOM   620 O O   . ASP A 1 104 ? 6.077   -4.380  -11.336 1.00 15.76 ? 112 ASP A O   1 
ATOM   621 C CB  . ASP A 1 104 ? 4.513   -5.234  -13.830 1.00 19.71 ? 112 ASP A CB  1 
ATOM   622 C CG  . ASP A 1 104 ? 4.174   -6.720  -14.067 1.00 24.45 ? 112 ASP A CG  1 
ATOM   623 O OD1 . ASP A 1 104 ? 5.094   -7.512  -14.393 1.00 31.67 ? 112 ASP A OD1 1 
ATOM   624 O OD2 . ASP A 1 104 ? 3.003   -7.104  -13.923 1.00 28.83 ? 112 ASP A OD2 1 
ATOM   625 N N   . ASP A 1 105 ? 4.831   -2.539  -11.741 1.00 16.00 ? 113 ASP A N   1 
ATOM   626 C CA  . ASP A 1 105 ? 5.787   -1.623  -11.075 1.00 16.43 ? 113 ASP A CA  1 
ATOM   627 C C   . ASP A 1 105 ? 5.561   -1.559  -9.558  1.00 14.53 ? 113 ASP A C   1 
ATOM   628 O O   . ASP A 1 105 ? 6.261   -0.823  -8.851  1.00 13.88 ? 113 ASP A O   1 
ATOM   629 C CB  . ASP A 1 105 ? 5.648   -0.198  -11.615 1.00 17.70 ? 113 ASP A CB  1 
ATOM   630 C CG  . ASP A 1 105 ? 5.981   -0.071  -13.087 1.00 22.23 ? 113 ASP A CG  1 
ATOM   631 O OD1 . ASP A 1 105 ? 6.703   -0.920  -13.664 1.00 26.01 ? 113 ASP A OD1 1 
ATOM   632 O OD2 . ASP A 1 105 ? 5.541   0.949   -13.670 1.00 29.41 ? 113 ASP A OD2 1 
ATOM   633 N N   . THR A 1 106 ? 4.588   -2.324  -9.049  1.00 13.78 ? 114 THR A N   1 
ATOM   634 C CA  . THR A 1 106 ? 4.268   -2.291  -7.620  1.00 12.70 ? 114 THR A CA  1 
ATOM   635 C C   . THR A 1 106 ? 5.451   -2.830  -6.822  1.00 12.67 ? 114 THR A C   1 
ATOM   636 O O   . THR A 1 106 ? 5.932   -3.928  -7.094  1.00 12.54 ? 114 THR A O   1 
ATOM   637 C CB  . THR A 1 106 ? 3.038   -3.149  -7.286  1.00 12.81 ? 114 THR A CB  1 
ATOM   638 O OG1 . THR A 1 106 ? 1.899   -2.697  -8.053  1.00 12.18 ? 114 THR A OG1 1 
ATOM   639 C CG2 . THR A 1 106 ? 2.721   -3.065  -5.794  1.00 14.08 ? 114 THR A CG2 1 
ATOM   640 N N   . VAL A 1 107 ? 5.893   -2.068  -5.815  1.00 11.66 ? 115 VAL A N   1 
ATOM   641 C CA  . VAL A 1 107 ? 6.916   -2.529  -4.892  1.00 11.39 ? 115 VAL A CA  1 
ATOM   642 C C   . VAL A 1 107 ? 6.215   -3.205  -3.712  1.00 12.12 ? 115 VAL A C   1 
ATOM   643 O O   . VAL A 1 107 ? 5.217   -2.685  -3.193  1.00 10.92 ? 115 VAL A O   1 
ATOM   644 C CB  . VAL A 1 107 ? 7.782   -1.361  -4.378  1.00 11.10 ? 115 VAL A CB  1 
ATOM   645 C CG1 . VAL A 1 107 ? 8.787   -1.853  -3.285  1.00 10.24 ? 115 VAL A CG1 1 
ATOM   646 C CG2 . VAL A 1 107 ? 8.498   -0.689  -5.561  1.00 10.37 ? 115 VAL A CG2 1 
ATOM   647 N N   . ILE A 1 108 ? 6.732   -4.362  -3.320  1.00 12.17 ? 116 ILE A N   1 
ATOM   648 C CA  . ILE A 1 108 ? 6.236   -5.075  -2.135  1.00 12.83 ? 116 ILE A CA  1 
ATOM   649 C C   . ILE A 1 108 ? 7.497   -5.349  -1.314  1.00 13.04 ? 116 ILE A C   1 
ATOM   650 O O   . ILE A 1 108 ? 8.496   -5.852  -1.846  1.00 13.79 ? 116 ILE A O   1 
ATOM   651 C CB  . ILE A 1 108 ? 5.501   -6.380  -2.537  1.00 12.48 ? 116 ILE A CB  1 
ATOM   652 C CG1 . ILE A 1 108 ? 4.294   -6.043  -3.418  1.00 14.86 ? 116 ILE A CG1 1 
ATOM   653 C CG2 . ILE A 1 108 ? 5.063   -7.205  -1.305  1.00 13.76 ? 116 ILE A CG2 1 
ATOM   654 C CD1 . ILE A 1 108 ? 3.889   -7.127  -4.382  1.00 17.75 ? 116 ILE A CD1 1 
ATOM   655 N N   . ALA A 1 109 ? 7.483   -4.957  -0.048  1.00 12.09 ? 117 ALA A N   1 
ATOM   656 C CA  . ALA A 1 109 ? 8.712   -4.924  0.741   1.00 11.43 ? 117 ALA A CA  1 
ATOM   657 C C   . ALA A 1 109 ? 8.394   -5.319  2.167   1.00 12.15 ? 117 ALA A C   1 
ATOM   658 O O   . ALA A 1 109 ? 7.233   -5.199  2.594   1.00 11.22 ? 117 ALA A O   1 
ATOM   659 C CB  . ALA A 1 109 ? 9.300   -3.530  0.725   1.00 10.86 ? 117 ALA A CB  1 
ATOM   660 N N   . GLN A 1 110 ? 9.418   -5.812  2.878   1.00 12.45 ? 118 GLN A N   1 
ATOM   661 C CA  . GLN A 1 110 ? 9.313   -6.118  4.305   1.00 13.91 ? 118 GLN A CA  1 
ATOM   662 C C   . GLN A 1 110 ? 9.802   -4.952  5.189   1.00 13.54 ? 118 GLN A C   1 
ATOM   663 O O   . GLN A 1 110 ? 9.649   -4.987  6.414   1.00 13.37 ? 118 GLN A O   1 
ATOM   664 C CB  . GLN A 1 110 ? 10.092  -7.409  4.663   1.00 13.50 ? 118 GLN A CB  1 
ATOM   665 C CG  . GLN A 1 110 ? 11.626  -7.259  4.626   1.00 15.94 ? 118 GLN A CG  1 
ATOM   666 C CD  . GLN A 1 110 ? 12.347  -8.418  5.298   1.00 20.22 ? 118 GLN A CD  1 
ATOM   667 O OE1 . GLN A 1 110 ? 13.077  -9.171  4.658   1.00 22.06 ? 118 GLN A OE1 1 
ATOM   668 N NE2 . GLN A 1 110 ? 12.137  -8.564  6.595   1.00 21.77 ? 118 GLN A NE2 1 
ATOM   669 N N   . SER A 1 111 ? 10.409  -3.936  4.581   1.00 11.89 ? 119 SER A N   1 
ATOM   670 C CA  . SER A 1 111 ? 10.802  -2.734  5.317   1.00 11.61 ? 119 SER A CA  1 
ATOM   671 C C   . SER A 1 111 ? 10.949  -1.579  4.343   1.00 11.96 ? 119 SER A C   1 
ATOM   672 O O   . SER A 1 111 ? 11.317  -1.796  3.172   1.00 12.92 ? 119 SER A O   1 
ATOM   673 C CB  . SER A 1 111 ? 12.135  -2.936  6.084   1.00 12.26 ? 119 SER A CB  1 
ATOM   674 O OG  . SER A 1 111 ? 13.131  -3.494  5.231   1.00 12.84 ? 119 SER A OG  1 
ATOM   675 N N   . VAL A 1 112 ? 10.659  -0.363  4.805   1.00 10.43 ? 120 VAL A N   1 
ATOM   676 C CA  . VAL A 1 112 ? 10.953  0.845   4.033   1.00 9.73  ? 120 VAL A CA  1 
ATOM   677 C C   . VAL A 1 112 ? 11.656  1.818   4.966   1.00 11.57 ? 120 VAL A C   1 
ATOM   678 O O   . VAL A 1 112 ? 11.171  2.054   6.074   1.00 12.04 ? 120 VAL A O   1 
ATOM   679 C CB  . VAL A 1 112 ? 9.669   1.476   3.388   1.00 10.17 ? 120 VAL A CB  1 
ATOM   680 C CG1 . VAL A 1 112 ? 9.925   2.912   2.944   1.00 10.40 ? 120 VAL A CG1 1 
ATOM   681 C CG2 . VAL A 1 112 ? 9.211   0.645   2.186   1.00 9.72  ? 120 VAL A CG2 1 
ATOM   682 N N   . ASN A 1 113 ? 12.803  2.351   4.536   1.00 12.61 ? 121 ASN A N   1 
ATOM   683 C CA  . ASN A 1 113 ? 13.638  3.237   5.364   1.00 14.91 ? 121 ASN A CA  1 
ATOM   684 C C   . ASN A 1 113 ? 13.823  2.691   6.787   1.00 16.01 ? 121 ASN A C   1 
ATOM   685 O O   . ASN A 1 113 ? 13.682  3.427   7.787   1.00 14.88 ? 121 ASN A O   1 
ATOM   686 C CB  . ASN A 1 113 ? 13.068  4.665   5.423   1.00 15.82 ? 121 ASN A CB  1 
ATOM   687 C CG  . ASN A 1 113 ? 12.994  5.338   4.057   1.00 15.50 ? 121 ASN A CG  1 
ATOM   688 O OD1 . ASN A 1 113 ? 13.891  5.210   3.218   1.00 15.65 ? 121 ASN A OD1 1 
ATOM   689 N ND2 . ASN A 1 113 ? 11.927  6.078   3.844   1.00 15.88 ? 121 ASN A ND2 1 
ATOM   690 N N   . ASP A 1 114 ? 14.098  1.389   6.861   1.00 16.42 ? 122 ASP A N   1 
ATOM   691 C CA  . ASP A 1 114 ? 14.454  0.711   8.109   1.00 18.20 ? 122 ASP A CA  1 
ATOM   692 C C   . ASP A 1 114 ? 13.260  0.381   9.006   1.00 17.77 ? 122 ASP A C   1 
ATOM   693 O O   . ASP A 1 114 ? 13.452  -0.116  10.116  1.00 16.98 ? 122 ASP A O   1 
ATOM   694 C CB  . ASP A 1 114 ? 15.494  1.519   8.910   1.00 18.91 ? 122 ASP A CB  1 
ATOM   695 C CG  . ASP A 1 114 ? 16.832  1.630   8.200   1.00 23.80 ? 122 ASP A CG  1 
ATOM   696 O OD1 . ASP A 1 114 ? 17.491  0.588   7.981   1.00 28.92 ? 122 ASP A OD1 1 
ATOM   697 O OD2 . ASP A 1 114 ? 17.255  2.770   7.884   1.00 28.71 ? 122 ASP A OD2 1 
ATOM   698 N N   . ILE A 1 115 ? 12.044  0.661   8.532   1.00 17.57 ? 123 ILE A N   1 
ATOM   699 C CA  . ILE A 1 115 ? 10.833  0.442   9.319   1.00 18.53 ? 123 ILE A CA  1 
ATOM   700 C C   . ILE A 1 115 ? 10.144  -0.836  8.855   1.00 19.14 ? 123 ILE A C   1 
ATOM   701 O O   . ILE A 1 115 ? 9.652   -0.890  7.733   1.00 18.50 ? 123 ILE A O   1 
ATOM   702 C CB  . ILE A 1 115 ? 9.829   1.626   9.206   1.00 18.62 ? 123 ILE A CB  1 
ATOM   703 C CG1 . ILE A 1 115 ? 10.492  2.949   9.601   1.00 20.34 ? 123 ILE A CG1 1 
ATOM   704 C CG2 . ILE A 1 115 ? 8.537   1.342   10.022  1.00 18.80 ? 123 ILE A CG2 1 
ATOM   705 C CD1 . ILE A 1 115 ? 9.772   4.173   9.069   1.00 24.41 ? 123 ILE A CD1 1 
ATOM   706 N N   . PRO A 1 116 ? 10.105  -1.869  9.721   1.00 19.95 ? 124 PRO A N   1 
ATOM   707 C CA  . PRO A 1 116 ? 9.542   -3.166  9.359   1.00 20.48 ? 124 PRO A CA  1 
ATOM   708 C C   . PRO A 1 116 ? 8.052   -3.059  9.123   1.00 20.46 ? 124 PRO A C   1 
ATOM   709 O O   . PRO A 1 116 ? 7.381   -2.232  9.768   1.00 21.02 ? 124 PRO A O   1 
ATOM   710 C CB  . PRO A 1 116 ? 9.821   -4.031  10.610  1.00 20.91 ? 124 PRO A CB  1 
ATOM   711 C CG  . PRO A 1 116 ? 10.928  -3.304  11.342  1.00 20.96 ? 124 PRO A CG  1 
ATOM   712 C CD  . PRO A 1 116 ? 10.577  -1.862  11.120  1.00 20.58 ? 124 PRO A CD  1 
ATOM   713 N N   . GLY A 1 117 ? 7.538   -3.866  8.193   1.00 19.83 ? 125 GLY A N   1 
ATOM   714 C CA  . GLY A 1 117 ? 6.108   -3.975  7.966   1.00 19.19 ? 125 GLY A CA  1 
ATOM   715 C C   . GLY A 1 117 ? 5.755   -4.734  6.703   1.00 18.70 ? 125 GLY A C   1 
ATOM   716 O O   . GLY A 1 117 ? 6.620   -5.330  6.057   1.00 18.84 ? 125 GLY A O   1 
ATOM   717 N N   . VAL A 1 118 ? 4.485   -4.732  6.345   1.00 17.31 ? 126 VAL A N   1 
ATOM   718 C CA  . VAL A 1 118 ? 4.086   -5.188  5.018   1.00 17.75 ? 126 VAL A CA  1 
ATOM   719 C C   . VAL A 1 118 ? 3.850   -3.939  4.185   1.00 16.58 ? 126 VAL A C   1 
ATOM   720 O O   . VAL A 1 118 ? 2.840   -3.250  4.363   1.00 18.30 ? 126 VAL A O   1 
ATOM   721 C CB  . VAL A 1 118 ? 2.835   -6.106  5.020   1.00 17.47 ? 126 VAL A CB  1 
ATOM   722 C CG1 . VAL A 1 118 ? 2.467   -6.503  3.626   1.00 20.27 ? 126 VAL A CG1 1 
ATOM   723 C CG2 . VAL A 1 118 ? 3.078   -7.363  5.829   1.00 20.19 ? 126 VAL A CG2 1 
ATOM   724 N N   . TRP A 1 119 ? 4.758   -3.665  3.258   1.00 15.18 ? 127 TRP A N   1 
ATOM   725 C CA  . TRP A 1 119 ? 4.736   -2.403  2.518   1.00 13.22 ? 127 TRP A CA  1 
ATOM   726 C C   . TRP A 1 119 ? 4.414   -2.666  1.071   1.00 13.26 ? 127 TRP A C   1 
ATOM   727 O O   . TRP A 1 119 ? 5.031   -3.546  0.434   1.00 11.35 ? 127 TRP A O   1 
ATOM   728 C CB  . TRP A 1 119 ? 6.115   -1.722  2.579   1.00 13.68 ? 127 TRP A CB  1 
ATOM   729 C CG  . TRP A 1 119 ? 6.525   -1.229  3.940   1.00 12.49 ? 127 TRP A CG  1 
ATOM   730 C CD1 . TRP A 1 119 ? 7.044   -1.965  4.969   1.00 13.26 ? 127 TRP A CD1 1 
ATOM   731 C CD2 . TRP A 1 119 ? 6.471   0.127   4.401   1.00 12.46 ? 127 TRP A CD2 1 
ATOM   732 N NE1 . TRP A 1 119 ? 7.307   -1.145  6.052   1.00 13.23 ? 127 TRP A NE1 1 
ATOM   733 C CE2 . TRP A 1 119 ? 6.962   0.140   5.724   1.00 11.74 ? 127 TRP A CE2 1 
ATOM   734 C CE3 . TRP A 1 119 ? 6.067   1.339   3.809   1.00 14.64 ? 127 TRP A CE3 1 
ATOM   735 C CZ2 . TRP A 1 119 ? 7.039   1.319   6.489   1.00 15.47 ? 127 TRP A CZ2 1 
ATOM   736 C CZ3 . TRP A 1 119 ? 6.157   2.525   4.563   1.00 16.85 ? 127 TRP A CZ3 1 
ATOM   737 C CH2 . TRP A 1 119 ? 6.663   2.499   5.888   1.00 16.41 ? 127 TRP A CH2 1 
ATOM   738 N N   . ILE A 1 120 ? 3.446   -1.905  0.558   1.00 12.09 ? 128 ILE A N   1 
ATOM   739 C CA  . ILE A 1 120 ? 2.994   -2.019  -0.834  1.00 12.29 ? 128 ILE A CA  1 
ATOM   740 C C   . ILE A 1 120 ? 2.862   -0.604  -1.382  1.00 12.50 ? 128 ILE A C   1 
ATOM   741 O O   . ILE A 1 120 ? 2.220   0.257   -0.765  1.00 13.07 ? 128 ILE A O   1 
ATOM   742 C CB  . ILE A 1 120 ? 1.631   -2.805  -0.993  1.00 12.82 ? 128 ILE A CB  1 
ATOM   743 C CG1 . ILE A 1 120 ? 1.735   -4.216  -0.385  1.00 13.78 ? 128 ILE A CG1 1 
ATOM   744 C CG2 . ILE A 1 120 ? 1.204   -2.859  -2.471  1.00 10.30 ? 128 ILE A CG2 1 
ATOM   745 C CD1 . ILE A 1 120 ? 0.379   -4.975  -0.327  1.00 15.70 ? 128 ILE A CD1 1 
ATOM   746 N N   . SER A 1 121 ? 3.528   -0.342  -2.511  1.00 12.53 ? 129 SER A N   1 
ATOM   747 C CA  . SER A 1 121 ? 3.440   0.968   -3.141  1.00 12.03 ? 129 SER A CA  1 
ATOM   748 C C   . SER A 1 121 ? 2.136   1.077   -3.971  1.00 12.26 ? 129 SER A C   1 
ATOM   749 O O   . SER A 1 121 ? 1.530   0.072   -4.410  1.00 12.20 ? 129 SER A O   1 
ATOM   750 C CB  . SER A 1 121 ? 4.668   1.256   -4.020  1.00 11.94 ? 129 SER A CB  1 
ATOM   751 O OG  . SER A 1 121 ? 4.664   0.422   -5.178  1.00 9.66  ? 129 SER A OG  1 
ATOM   752 N N   . PHE A 1 122 ? 1.694   2.308   -4.158  1.00 12.53 ? 130 PHE A N   1 
ATOM   753 C CA  . PHE A 1 122 ? 0.590   2.582   -5.076  1.00 13.43 ? 130 PHE A CA  1 
ATOM   754 C C   . PHE A 1 122 ? 0.751   4.006   -5.573  1.00 14.10 ? 130 PHE A C   1 
ATOM   755 O O   . PHE A 1 122 ? 1.627   4.735   -5.093  1.00 14.80 ? 130 PHE A O   1 
ATOM   756 C CB  . PHE A 1 122 ? -0.789  2.299   -4.447  1.00 14.02 ? 130 PHE A CB  1 
ATOM   757 C CG  . PHE A 1 122 ? -1.225  3.297   -3.378  1.00 13.02 ? 130 PHE A CG  1 
ATOM   758 C CD1 . PHE A 1 122 ? -1.934  4.456   -3.729  1.00 12.36 ? 130 PHE A CD1 1 
ATOM   759 C CD2 . PHE A 1 122 ? -0.974  3.063   -2.034  1.00 12.97 ? 130 PHE A CD2 1 
ATOM   760 C CE1 . PHE A 1 122 ? -2.376  5.351   -2.768  1.00 11.41 ? 130 PHE A CE1 1 
ATOM   761 C CE2 . PHE A 1 122 ? -1.385  4.004   -1.060  1.00 15.62 ? 130 PHE A CE2 1 
ATOM   762 C CZ  . PHE A 1 122 ? -2.109  5.143   -1.441  1.00 14.23 ? 130 PHE A CZ  1 
ATOM   763 N N   . LYS A 1 123 ? -0.032  4.376   -6.577  1.00 14.39 ? 131 LYS A N   1 
ATOM   764 C CA  . LYS A 1 123 ? 0.094   5.674   -7.230  1.00 16.27 ? 131 LYS A CA  1 
ATOM   765 C C   . LYS A 1 123 ? -1.290  6.274   -7.367  1.00 16.70 ? 131 LYS A C   1 
ATOM   766 O O   . LYS A 1 123 ? -2.252  5.532   -7.563  1.00 15.96 ? 131 LYS A O   1 
ATOM   767 C CB  . LYS A 1 123 ? 0.644   5.495   -8.643  1.00 16.89 ? 131 LYS A CB  1 
ATOM   768 C CG  . LYS A 1 123 ? 2.128   5.146   -8.719  1.00 21.28 ? 131 LYS A CG  1 
ATOM   769 C CD  . LYS A 1 123 ? 2.667   5.225   -10.160 1.00 24.97 ? 131 LYS A CD  1 
ATOM   770 C CE  . LYS A 1 123 ? 2.050   4.135   -11.052 1.00 30.68 ? 131 LYS A CE  1 
ATOM   771 N NZ  . LYS A 1 123 ? 2.918   3.661   -12.202 1.00 32.94 ? 131 LYS A NZ  1 
ATOM   772 N N   . ILE A 1 124 ? -1.358  7.605   -7.284  1.00 16.63 ? 132 ILE A N   1 
ATOM   773 C CA  . ILE A 1 124 ? -2.515  8.372   -7.751  1.00 18.52 ? 132 ILE A CA  1 
ATOM   774 C C   . ILE A 1 124 ? -1.947  9.404   -8.709  1.00 19.29 ? 132 ILE A C   1 
ATOM   775 O O   . ILE A 1 124 ? -1.236  10.320  -8.282  1.00 19.03 ? 132 ILE A O   1 
ATOM   776 C CB  . ILE A 1 124 ? -3.261  9.081   -6.605  1.00 17.03 ? 132 ILE A CB  1 
ATOM   777 C CG1 . ILE A 1 124 ? -3.846  8.034   -5.644  1.00 17.98 ? 132 ILE A CG1 1 
ATOM   778 C CG2 . ILE A 1 124 ? -4.365  10.004  -7.177  1.00 20.31 ? 132 ILE A CG2 1 
ATOM   779 C CD1 . ILE A 1 124 ? -4.382  8.584   -4.335  1.00 20.31 ? 132 ILE A CD1 1 
ATOM   780 N N   . ASP A 1 125 ? -2.254  9.227   -9.986  1.00 21.10 ? 133 ASP A N   1 
ATOM   781 C CA  . ASP A 1 125 ? -1.666  10.028  -11.071 1.00 23.35 ? 133 ASP A CA  1 
ATOM   782 C C   . ASP A 1 125 ? -0.137  9.952   -11.008 1.00 24.33 ? 133 ASP A C   1 
ATOM   783 O O   . ASP A 1 125 ? 0.429   8.852   -11.029 1.00 24.81 ? 133 ASP A O   1 
ATOM   784 C CB  . ASP A 1 125 ? -2.170  11.477  -11.018 1.00 23.18 ? 133 ASP A CB  1 
ATOM   785 C CG  . ASP A 1 125 ? -3.693  11.573  -11.126 1.00 25.28 ? 133 ASP A CG  1 
ATOM   786 O OD1 . ASP A 1 125 ? -4.299  10.696  -11.793 1.00 25.91 ? 133 ASP A OD1 1 
ATOM   787 O OD2 . ASP A 1 125 ? -4.276  12.519  -10.532 1.00 26.04 ? 133 ASP A OD2 1 
ATOM   788 N N   . ASP A 1 126 ? 0.516   11.112  -10.922 1.00 25.56 ? 134 ASP A N   1 
ATOM   789 C CA  . ASP A 1 126 ? 1.982   11.184  -10.859 1.00 25.49 ? 134 ASP A CA  1 
ATOM   790 C C   . ASP A 1 126 ? 2.491   11.209  -9.417  1.00 25.55 ? 134 ASP A C   1 
ATOM   791 O O   . ASP A 1 126 ? 3.676   11.450  -9.171  1.00 26.33 ? 134 ASP A O   1 
ATOM   792 C CB  . ASP A 1 126 ? 2.511   12.399  -11.650 1.00 26.35 ? 134 ASP A CB  1 
ATOM   793 N N   . ASP A 1 127 ? 1.608   10.959  -8.453  1.00 24.37 ? 135 ASP A N   1 
ATOM   794 C CA  . ASP A 1 127 ? 2.041   10.929  -7.063  1.00 23.02 ? 135 ASP A CA  1 
ATOM   795 C C   . ASP A 1 127 ? 2.209   9.485   -6.582  1.00 21.47 ? 135 ASP A C   1 
ATOM   796 O O   . ASP A 1 127 ? 1.352   8.638   -6.843  1.00 19.79 ? 135 ASP A O   1 
ATOM   797 C CB  . ASP A 1 127 ? 1.074   11.687  -6.161  1.00 24.20 ? 135 ASP A CB  1 
ATOM   798 C CG  . ASP A 1 127 ? 0.995   13.186  -6.493  1.00 27.82 ? 135 ASP A CG  1 
ATOM   799 O OD1 . ASP A 1 127 ? 2.045   13.845  -6.636  1.00 31.02 ? 135 ASP A OD1 1 
ATOM   800 O OD2 . ASP A 1 127 ? -0.140  13.708  -6.581  1.00 30.66 ? 135 ASP A OD2 1 
ATOM   801 N N   . ASP A 1 128 ? 3.315   9.229   -5.876  1.00 18.74 ? 136 ASP A N   1 
ATOM   802 C CA  . ASP A 1 128 ? 3.635   7.896   -5.369  1.00 18.14 ? 136 ASP A CA  1 
ATOM   803 C C   . ASP A 1 128 ? 3.359   7.833   -3.890  1.00 16.11 ? 136 ASP A C   1 
ATOM   804 O O   . ASP A 1 128 ? 3.638   8.814   -3.181  1.00 15.71 ? 136 ASP A O   1 
ATOM   805 C CB  . ASP A 1 128 ? 5.119   7.577   -5.622  1.00 17.92 ? 136 ASP A CB  1 
ATOM   806 C CG  . ASP A 1 128 ? 5.420   7.381   -7.086  1.00 21.75 ? 136 ASP A CG  1 
ATOM   807 O OD1 . ASP A 1 128 ? 4.890   6.417   -7.683  1.00 22.78 ? 136 ASP A OD1 1 
ATOM   808 O OD2 . ASP A 1 128 ? 6.180   8.192   -7.643  1.00 25.36 ? 136 ASP A OD2 1 
ATOM   809 N N   . TYR A 1 129 ? 2.855   6.679   -3.434  1.00 13.30 ? 137 TYR A N   1 
ATOM   810 C CA  . TYR A 1 129 ? 2.531   6.413   -2.031  1.00 13.00 ? 137 TYR A CA  1 
ATOM   811 C C   . TYR A 1 129 ? 2.980   5.030   -1.544  1.00 12.36 ? 137 TYR A C   1 
ATOM   812 O O   . TYR A 1 129 ? 3.189   4.141   -2.342  1.00 11.53 ? 137 TYR A O   1 
ATOM   813 C CB  . TYR A 1 129 ? 1.002   6.480   -1.806  1.00 13.40 ? 137 TYR A CB  1 
ATOM   814 C CG  . TYR A 1 129 ? 0.411   7.845   -2.090  1.00 15.16 ? 137 TYR A CG  1 
ATOM   815 C CD1 . TYR A 1 129 ? 0.291   8.803   -1.072  1.00 18.74 ? 137 TYR A CD1 1 
ATOM   816 C CD2 . TYR A 1 129 ? -0.032  8.172   -3.368  1.00 18.44 ? 137 TYR A CD2 1 
ATOM   817 C CE1 . TYR A 1 129 ? -0.254  10.058  -1.331  1.00 19.22 ? 137 TYR A CE1 1 
ATOM   818 C CE2 . TYR A 1 129 ? -0.596  9.421   -3.645  1.00 19.41 ? 137 TYR A CE2 1 
ATOM   819 C CZ  . TYR A 1 129 ? -0.704  10.352  -2.616  1.00 21.32 ? 137 TYR A CZ  1 
ATOM   820 O OH  . TYR A 1 129 ? -1.230  11.586  -2.887  1.00 23.30 ? 137 TYR A OH  1 
ATOM   821 N N   . TRP A 1 130 ? 3.111   4.879   -0.229  1.00 11.84 ? 138 TRP A N   1 
ATOM   822 C CA  . TRP A 1 130 ? 3.164   3.579   0.424   1.00 12.68 ? 138 TRP A CA  1 
ATOM   823 C C   . TRP A 1 130 ? 1.928   3.340   1.271   1.00 13.85 ? 138 TRP A C   1 
ATOM   824 O O   . TRP A 1 130 ? 1.389   4.270   1.874   1.00 13.05 ? 138 TRP A O   1 
ATOM   825 C CB  . TRP A 1 130 ? 4.298   3.536   1.429   1.00 10.96 ? 138 TRP A CB  1 
ATOM   826 C CG  . TRP A 1 130 ? 5.677   3.729   0.894   1.00 11.43 ? 138 TRP A CG  1 
ATOM   827 C CD1 . TRP A 1 130 ? 6.466   4.831   1.064   1.00 11.01 ? 138 TRP A CD1 1 
ATOM   828 C CD2 . TRP A 1 130 ? 6.459   2.768   0.163   1.00 10.81 ? 138 TRP A CD2 1 
ATOM   829 N NE1 . TRP A 1 130 ? 7.700   4.631   0.442   1.00 10.13 ? 138 TRP A NE1 1 
ATOM   830 C CE2 . TRP A 1 130 ? 7.713   3.377   -0.121  1.00 10.29 ? 138 TRP A CE2 1 
ATOM   831 C CE3 . TRP A 1 130 ? 6.213   1.471   -0.318  1.00 9.33  ? 138 TRP A CE3 1 
ATOM   832 C CZ2 . TRP A 1 130 ? 8.744   2.700   -0.797  1.00 9.41  ? 138 TRP A CZ2 1 
ATOM   833 C CZ3 . TRP A 1 130 ? 7.267   0.798   -1.038  1.00 10.04 ? 138 TRP A CZ3 1 
ATOM   834 C CH2 . TRP A 1 130 ? 8.488   1.422   -1.246  1.00 10.46 ? 138 TRP A CH2 1 
ATOM   835 N N   . VAL A 1 131 ? 1.528   2.076   1.340   1.00 15.80 ? 139 VAL A N   1 
ATOM   836 C CA  . VAL A 1 131 ? 0.689   1.552   2.410   1.00 17.18 ? 139 VAL A CA  1 
ATOM   837 C C   . VAL A 1 131 ? 1.578   0.638   3.234   1.00 18.39 ? 139 VAL A C   1 
ATOM   838 O O   . VAL A 1 131 ? 2.259   -0.219  2.667   1.00 18.46 ? 139 VAL A O   1 
ATOM   839 C CB  . VAL A 1 131 ? -0.485  0.695   1.836   1.00 17.21 ? 139 VAL A CB  1 
ATOM   840 C CG1 . VAL A 1 131 ? -1.183  -0.091  2.954   1.00 22.27 ? 139 VAL A CG1 1 
ATOM   841 C CG2 . VAL A 1 131 ? -1.499  1.559   1.110   1.00 19.60 ? 139 VAL A CG2 1 
ATOM   842 N N   . ALA A 1 132 ? 1.612   0.844   4.557   1.00 18.39 ? 140 ALA A N   1 
ATOM   843 C CA  . ALA A 1 132 ? 2.239   -0.093  5.474   1.00 19.08 ? 140 ALA A CA  1 
ATOM   844 C C   . ALA A 1 132 ? 1.161   -0.719  6.341   1.00 21.00 ? 140 ALA A C   1 
ATOM   845 O O   . ALA A 1 132 ? 0.372   0.000   6.986   1.00 20.01 ? 140 ALA A O   1 
ATOM   846 C CB  . ALA A 1 132 ? 3.266   0.612   6.364   1.00 19.27 ? 140 ALA A CB  1 
ATOM   847 N N   . LEU A 1 133 ? 1.131   -2.048  6.343   1.00 21.99 ? 141 LEU A N   1 
ATOM   848 C CA  . LEU A 1 133 ? 0.328   -2.836  7.294   1.00 23.75 ? 141 LEU A CA  1 
ATOM   849 C C   . LEU A 1 133 ? 1.193   -3.527  8.349   1.00 24.13 ? 141 LEU A C   1 
ATOM   850 O O   . LEU A 1 133 ? 2.453   -3.563  8.234   1.00 24.24 ? 141 LEU A O   1 
ATOM   851 C CB  . LEU A 1 133 ? -0.494  -3.861  6.535   1.00 23.89 ? 141 LEU A CB  1 
ATOM   852 C CG  . LEU A 1 133 ? -1.094  -3.322  5.252   1.00 25.24 ? 141 LEU A CG  1 
ATOM   853 C CD1 . LEU A 1 133 ? -1.367  -4.446  4.279   1.00 28.28 ? 141 LEU A CD1 1 
ATOM   854 C CD2 . LEU A 1 133 ? -2.387  -2.494  5.540   1.00 27.51 ? 141 LEU A CD2 1 
HETATM 855 I I   . IOD B 2 .   ? -4.660  -13.325 -8.618  0.70 60.93 ? 1   IOD A I   1 
HETATM 856 I I   . IOD C 2 .   ? -11.453 -9.882  -0.398  0.27 42.94 ? 2   IOD A I   1 
HETATM 857 I I   . IOD D 2 .   ? -10.436 -5.481  -5.116  0.50 34.45 ? 3   IOD A I   1 
HETATM 858 I I   . IOD E 2 .   ? 15.067  -0.801  4.331   1.00 29.52 ? 4   IOD A I   1 
HETATM 859 I I   A IOD F 2 .   ? -0.900  12.951  1.852   0.50 50.53 ? 5   IOD A I   1 
HETATM 860 I I   B IOD F 2 .   ? 0.312   11.371  2.153   0.50 45.09 ? 5   IOD A I   1 
HETATM 861 I I   . IOD G 2 .   ? 1.954   0.535   -11.975 0.22 48.58 ? 6   IOD A I   1 
HETATM 862 O O   . HOH H 3 .   ? -9.921  11.754  11.662  1.00 12.42 ? 7   HOH A O   1 
HETATM 863 O O   . HOH H 3 .   ? 9.120   -8.446  -1.725  1.00 18.48 ? 8   HOH A O   1 
HETATM 864 O O   . HOH H 3 .   ? -13.195 9.505   -0.111  0.50 8.72  ? 152 HOH A O   1 
HETATM 865 O O   . HOH H 3 .   ? 16.427  -6.395  -0.785  1.00 2.95  ? 153 HOH A O   1 
HETATM 866 O O   . HOH H 3 .   ? -2.764  6.246   7.388   1.00 16.78 ? 154 HOH A O   1 
HETATM 867 O O   . HOH H 3 .   ? 3.478   1.942   -7.338  1.00 18.66 ? 155 HOH A O   1 
HETATM 868 O O   . HOH H 3 .   ? 4.509   4.329   -5.897  1.00 18.79 ? 156 HOH A O   1 
HETATM 869 O O   . HOH H 3 .   ? -5.699  -1.451  -9.940  1.00 14.08 ? 157 HOH A O   1 
HETATM 870 O O   . HOH H 3 .   ? -2.392  12.784  8.940   1.00 17.07 ? 158 HOH A O   1 
HETATM 871 O O   . HOH H 3 .   ? 11.005  4.509   -3.081  1.00 16.09 ? 159 HOH A O   1 
HETATM 872 O O   . HOH H 3 .   ? 0.508   -0.495  -6.789  1.00 22.47 ? 160 HOH A O   1 
HETATM 873 O O   . HOH H 3 .   ? 15.128  -11.980 5.186   1.00 22.25 ? 161 HOH A O   1 
HETATM 874 O O   . HOH H 3 .   ? 9.186   -5.298  -4.795  1.00 13.94 ? 162 HOH A O   1 
HETATM 875 O O   . HOH H 3 .   ? 6.169   1.853   -8.410  1.00 25.56 ? 163 HOH A O   1 
HETATM 876 O O   . HOH H 3 .   ? 2.448   -10.252 -12.347 1.00 35.05 ? 164 HOH A O   1 
HETATM 877 O O   . HOH H 3 .   ? 15.697  -14.669 6.061   1.00 24.63 ? 165 HOH A O   1 
HETATM 878 O O   . HOH H 3 .   ? -5.903  17.900  4.857   1.00 19.35 ? 166 HOH A O   1 
HETATM 879 O O   . HOH H 3 .   ? 16.876  -1.839  8.567   1.00 26.39 ? 167 HOH A O   1 
HETATM 880 O O   . HOH H 3 .   ? 4.112   -1.188  -15.449 1.00 32.03 ? 168 HOH A O   1 
HETATM 881 O O   . HOH H 3 .   ? -10.647 14.165  -3.892  1.00 27.95 ? 169 HOH A O   1 
HETATM 882 O O   . HOH H 3 .   ? 6.447   -18.642 -3.900  1.00 26.08 ? 170 HOH A O   1 
HETATM 883 O O   . HOH H 3 .   ? -8.095  2.173   -5.885  1.00 24.97 ? 171 HOH A O   1 
HETATM 884 O O   . HOH H 3 .   ? 13.758  9.235   1.215   1.00 25.46 ? 172 HOH A O   1 
HETATM 885 O O   . HOH H 3 .   ? -6.750  0.682   16.637  1.00 18.98 ? 173 HOH A O   1 
HETATM 886 O O   . HOH H 3 .   ? -9.019  -8.176  -4.348  1.00 20.16 ? 174 HOH A O   1 
HETATM 887 O O   . HOH H 3 .   ? -13.327 4.077   11.175  1.00 18.59 ? 175 HOH A O   1 
HETATM 888 O O   . HOH H 3 .   ? 14.932  -11.397 -1.103  1.00 30.43 ? 176 HOH A O   1 
HETATM 889 O O   . HOH H 3 .   ? 5.189   11.238  -5.968  1.00 23.42 ? 177 HOH A O   1 
HETATM 890 O O   . HOH H 3 .   ? -6.641  7.436   -10.459 1.00 29.27 ? 178 HOH A O   1 
HETATM 891 O O   . HOH H 3 .   ? -11.422 12.182  -7.614  1.00 28.27 ? 179 HOH A O   1 
HETATM 892 O O   . HOH H 3 .   ? -7.412  17.010  7.609   1.00 19.94 ? 180 HOH A O   1 
HETATM 893 O O   . HOH H 3 .   ? -0.519  10.760  8.533   1.00 27.07 ? 181 HOH A O   1 
HETATM 894 O O   . HOH H 3 .   ? 0.660   9.907   12.168  1.00 26.45 ? 182 HOH A O   1 
HETATM 895 O O   . HOH H 3 .   ? 0.436   12.992  13.292  1.00 20.00 ? 183 HOH A O   1 
HETATM 896 O O   . HOH H 3 .   ? -11.924 1.281   15.188  1.00 20.05 ? 184 HOH A O   1 
HETATM 897 O O   . HOH H 3 .   ? 2.989   11.429  -3.083  1.00 23.26 ? 185 HOH A O   1 
HETATM 898 O O   . HOH H 3 .   ? 5.422   11.629  -3.034  1.00 42.92 ? 186 HOH A O   1 
HETATM 899 O O   . HOH H 3 .   ? 8.143   7.895   2.636   1.00 35.04 ? 187 HOH A O   1 
HETATM 900 O O   . HOH H 3 .   ? 8.952   5.623   5.732   1.00 34.60 ? 188 HOH A O   1 
HETATM 901 O O   . HOH H 3 .   ? 7.198   -12.772 -7.609  1.00 18.21 ? 189 HOH A O   1 
HETATM 902 O O   . HOH H 3 .   ? 8.414   -10.827 -6.278  1.00 20.15 ? 190 HOH A O   1 
HETATM 903 O O   . HOH H 3 .   ? 10.845  -9.808  -6.180  1.00 33.62 ? 191 HOH A O   1 
HETATM 904 O O   . HOH H 3 .   ? 9.622   -8.415  -4.804  1.00 35.84 ? 192 HOH A O   1 
HETATM 905 O O   . HOH H 3 .   ? -1.629  2.156   -7.999  1.00 25.84 ? 193 HOH A O   1 
HETATM 906 O O   . HOH H 3 .   ? 1.564   -3.818  -15.109 1.00 28.62 ? 194 HOH A O   1 
HETATM 907 O O   . HOH H 3 .   ? -2.751  -4.813  -13.929 1.00 38.70 ? 195 HOH A O   1 
HETATM 908 O O   . HOH H 3 .   ? 5.992   -10.326 -9.416  1.00 29.07 ? 196 HOH A O   1 
HETATM 909 O O   . HOH H 3 .   ? 5.114   -9.402  -11.790 1.00 37.57 ? 197 HOH A O   1 
HETATM 910 O O   . HOH H 3 .   ? 2.043   1.048   -8.895  1.00 33.76 ? 198 HOH A O   1 
HETATM 911 O O   . HOH H 3 .   ? 16.979  4.668   5.968   1.00 25.55 ? 199 HOH A O   1 
HETATM 912 O O   . HOH H 3 .   ? -14.196 6.583   11.452  1.00 31.26 ? 200 HOH A O   1 
HETATM 913 O O   . HOH H 3 .   ? -3.837  0.902   14.605  1.00 30.91 ? 201 HOH A O   1 
HETATM 914 O O   . HOH H 3 .   ? -6.645  -3.948  10.830  1.00 39.94 ? 202 HOH A O   1 
HETATM 915 O O   . HOH H 3 .   ? 8.752   -17.418 -2.071  1.00 21.43 ? 203 HOH A O   1 
HETATM 916 O O   . HOH H 3 .   ? -2.170  12.289  -5.656  1.00 36.08 ? 204 HOH A O   1 
HETATM 917 O O   . HOH H 3 .   ? -6.092  12.428  -4.373  1.00 37.01 ? 205 HOH A O   1 
HETATM 918 O O   . HOH H 3 .   ? -7.334  21.870  1.232   1.00 26.19 ? 206 HOH A O   1 
HETATM 919 O O   . HOH H 3 .   ? -2.464  16.385  2.244   1.00 36.48 ? 207 HOH A O   1 
HETATM 920 O O   . HOH H 3 .   ? 1.387   13.558  -1.187  1.00 42.47 ? 208 HOH A O   1 
HETATM 921 O O   . HOH H 3 .   ? -0.499  1.517   13.211  1.00 36.10 ? 209 HOH A O   1 
HETATM 922 O O   . HOH H 3 .   ? 19.464  -0.949  5.883   1.00 33.47 ? 210 HOH A O   1 
HETATM 923 O O   . HOH H 3 .   ? -2.874  6.826   -10.994 1.00 38.47 ? 211 HOH A O   1 
HETATM 924 O O   . HOH H 3 .   ? -8.530  -7.499  -7.572  1.00 32.64 ? 212 HOH A O   1 
HETATM 925 O O   . HOH H 3 .   ? -2.960  6.980   14.176  1.00 26.84 ? 213 HOH A O   1 
HETATM 926 O O   . HOH H 3 .   ? 0.146   -0.403  9.623   1.00 30.44 ? 214 HOH A O   1 
HETATM 927 O O   . HOH H 3 .   ? 7.961   9.700   -5.622  1.00 34.13 ? 215 HOH A O   1 
HETATM 928 O O   . HOH H 3 .   ? 10.887  12.387  -4.155  1.00 30.45 ? 216 HOH A O   1 
HETATM 929 O O   . HOH H 3 .   ? 8.980   6.815   -6.300  1.00 30.08 ? 217 HOH A O   1 
HETATM 930 O O   . HOH H 3 .   ? 8.339   -14.093 5.266   1.00 36.24 ? 218 HOH A O   1 
HETATM 931 O O   . HOH H 3 .   ? 14.813  -17.089 4.434   1.00 29.33 ? 219 HOH A O   1 
HETATM 932 O O   . HOH H 3 .   ? 10.220  -21.824 2.646   1.00 30.76 ? 220 HOH A O   1 
# 
